data_7N17
#
_entry.id   7N17
#
_cell.length_a   1.00
_cell.length_b   1.00
_cell.length_c   1.00
_cell.angle_alpha   90.00
_cell.angle_beta   90.00
_cell.angle_gamma   90.00
#
_symmetry.space_group_name_H-M   'P 1'
#
loop_
_entity.id
_entity.type
_entity.pdbx_description
1 polymer 'Cyclic nucleotide-gated cation channel'
2 non-polymer 1-PALMITOYL-2-LINOLEOYL-SN-GLYCERO-3-PHOSPHOCHOLINE
#
_entity_poly.entity_id   1
_entity_poly.type   'polypeptide(L)'
_entity_poly.pdbx_seq_one_letter_code
;GGGGSMSTAEPAPDPTNPSTSGLAPTTNGIGSPPPTASAATKFSILTKFLRRKNQVHTTTAQQNEFMQKYMPNGNSNAVQ
PAATGGQPASSDGGSAIEVPPPKESYAVRIRKYLANYTQDPSTDNFYYWTCVVTVAYIYNLLFVIARQVFNDLIGPSSQS
LCRFYNGTLNSTTQVECTYNMLTNMKEMPTYSQYPDLGWSKYWHFRMLWVFFDLLMDCVYLIDTFLNYRMGYMDQGLVVR
EAEKVTKAYWQSKQYRIDGISLIPLDYILGWPIPYINWRGLPILRLNRLIRYKRVRNCLERTETRSSMPNAFRVVVVVWY
IVIIIHWNACLYFWISEWIGLGTDAWVYGHLNKQSLPDDITDTLLRRYVYSFYWSTLILTTIGEVPSPVRNIEYAFVTLD
LMCGVLIFATIVGNVGSMISNMSAAWTEFQNKMDGIKQYMELRKVSKQLEIRVIKWFDYLWTNKQSLSDQQVLKVLPDKL
QAEIAMQVHFETLRKVRIFQDCEAGLLAELVLKLQLQVFSPGDFICKKGDIGREMYIVKRGRLQVVDDDGKKVFVTLQEG
SVFGELSILNIAGSKNGNRRTANVRSVGYTDLFVLSKTDLWNALREYPDARKLLLAKGREILKKDNLLDENAPEEQKTVE
EIAEHLNNAVKVLQTRMARLIVEHSSTEGKLMKRIEMLEKHLSRYKALARRQKTMHGVSIDGGDISTDGVDERVRPPRLR
QTKTIDLPTGTESESLLK
;
_entity_poly.pdbx_strand_id   A,B,C,D
#
loop_
_chem_comp.id
_chem_comp.type
_chem_comp.name
_chem_comp.formula
CPL non-polymer 1-PALMITOYL-2-LINOLEOYL-SN-GLYCERO-3-PHOSPHOCHOLINE 'C42 H80 N O8 P'
#
# COMPACT_ATOMS: atom_id res chain seq x y z
N VAL A 108 13.78 55.04 -25.78
CA VAL A 108 12.95 55.66 -24.75
C VAL A 108 11.64 54.90 -24.59
N ARG A 109 11.30 54.13 -25.63
CA ARG A 109 10.04 53.38 -25.63
C ARG A 109 10.11 52.20 -24.68
N ILE A 110 11.24 51.49 -24.66
CA ILE A 110 11.40 50.41 -23.69
C ILE A 110 11.62 50.94 -22.28
N ARG A 111 12.10 52.19 -22.13
CA ARG A 111 12.21 52.79 -20.80
C ARG A 111 10.84 53.16 -20.24
N LYS A 112 9.98 53.76 -21.06
CA LYS A 112 8.63 54.06 -20.59
C LYS A 112 7.74 52.82 -20.55
N TYR A 113 8.12 51.73 -21.23
CA TYR A 113 7.43 50.47 -21.03
C TYR A 113 7.85 49.78 -19.73
N LEU A 114 9.14 49.77 -19.43
CA LEU A 114 9.63 49.11 -18.23
C LEU A 114 9.48 49.96 -16.97
N ALA A 115 9.13 51.24 -17.11
CA ALA A 115 8.89 52.06 -15.93
C ALA A 115 7.59 51.72 -15.22
N ASN A 116 6.63 51.12 -15.92
CA ASN A 116 5.37 50.72 -15.33
C ASN A 116 4.95 49.31 -15.73
N TYR A 117 5.89 48.39 -15.88
CA TYR A 117 5.56 47.00 -16.13
C TYR A 117 5.32 46.28 -14.82
N THR A 118 4.32 45.42 -14.80
CA THR A 118 4.01 44.59 -13.63
C THR A 118 3.50 43.24 -14.11
N GLN A 119 4.12 42.17 -13.62
CA GLN A 119 3.84 40.84 -14.12
C GLN A 119 2.61 40.23 -13.46
N ASP A 120 1.73 39.66 -14.28
CA ASP A 120 0.62 38.87 -13.82
C ASP A 120 1.09 37.42 -13.68
N PRO A 121 1.08 36.84 -12.48
CA PRO A 121 1.60 35.47 -12.33
C PRO A 121 0.66 34.39 -12.85
N SER A 122 -0.61 34.72 -13.04
CA SER A 122 -1.58 33.72 -13.45
C SER A 122 -1.61 33.48 -14.94
N THR A 123 -0.89 34.28 -15.73
CA THR A 123 -0.97 34.20 -17.18
C THR A 123 -0.21 32.99 -17.71
N ASP A 124 -0.35 32.75 -19.00
CA ASP A 124 0.35 31.62 -19.62
C ASP A 124 1.77 32.00 -20.00
N ASN A 125 2.03 33.27 -20.29
CA ASN A 125 3.36 33.73 -20.64
C ASN A 125 4.31 33.66 -19.46
N PHE A 126 3.79 33.86 -18.25
CA PHE A 126 4.60 33.65 -17.06
C PHE A 126 4.89 32.19 -16.83
N TYR A 127 3.96 31.30 -17.20
CA TYR A 127 4.22 29.86 -17.06
C TYR A 127 5.25 29.38 -18.06
N TYR A 128 5.27 29.96 -19.27
CA TYR A 128 6.32 29.62 -20.22
C TYR A 128 7.66 30.22 -19.80
N TRP A 129 7.62 31.34 -19.07
CA TRP A 129 8.84 31.85 -18.47
C TRP A 129 9.35 30.95 -17.35
N THR A 130 8.45 30.32 -16.58
CA THR A 130 8.90 29.35 -15.57
C THR A 130 9.46 28.09 -16.21
N CYS A 131 9.01 27.74 -17.42
CA CYS A 131 9.67 26.68 -18.17
C CYS A 131 11.07 27.08 -18.63
N VAL A 132 11.27 28.37 -18.96
CA VAL A 132 12.62 28.84 -19.34
C VAL A 132 13.56 28.84 -18.12
N VAL A 133 13.05 29.24 -16.95
CA VAL A 133 13.83 29.19 -15.70
C VAL A 133 14.11 27.74 -15.27
N THR A 134 13.20 26.82 -15.59
CA THR A 134 13.45 25.40 -15.35
C THR A 134 14.54 24.83 -16.24
N VAL A 135 14.62 25.30 -17.49
CA VAL A 135 15.69 24.89 -18.41
C VAL A 135 17.05 25.42 -17.93
N ALA A 136 17.09 26.67 -17.45
CA ALA A 136 18.33 27.23 -16.92
C ALA A 136 18.76 26.57 -15.62
N TYR A 137 17.80 26.17 -14.80
CA TYR A 137 18.11 25.48 -13.56
C TYR A 137 18.62 24.07 -13.81
N ILE A 138 18.08 23.37 -14.82
CA ILE A 138 18.55 22.03 -15.11
C ILE A 138 19.94 22.08 -15.74
N TYR A 139 20.26 23.16 -16.48
CA TYR A 139 21.61 23.42 -16.96
C TYR A 139 22.60 23.57 -15.80
N ASN A 140 22.22 24.37 -14.80
CA ASN A 140 23.08 24.56 -13.63
C ASN A 140 23.25 23.26 -12.85
N LEU A 141 22.12 22.55 -12.62
CA LEU A 141 22.06 21.35 -11.79
C LEU A 141 22.85 20.18 -12.36
N LEU A 142 22.99 20.10 -13.68
CA LEU A 142 23.88 19.09 -14.25
C LEU A 142 25.31 19.61 -14.37
N PHE A 143 25.49 20.71 -15.07
CA PHE A 143 26.81 21.00 -15.57
C PHE A 143 27.71 21.73 -14.60
N VAL A 144 27.22 22.15 -13.42
CA VAL A 144 28.18 22.76 -12.50
C VAL A 144 28.98 21.66 -11.78
N ILE A 145 28.37 20.52 -11.50
CA ILE A 145 29.10 19.47 -10.82
C ILE A 145 29.85 18.65 -11.86
N ALA A 146 29.37 18.62 -13.11
CA ALA A 146 30.15 18.00 -14.17
C ALA A 146 31.39 18.82 -14.51
N ARG A 147 31.30 20.15 -14.46
CA ARG A 147 32.45 20.97 -14.74
C ARG A 147 33.42 21.02 -13.57
N GLN A 148 32.93 20.84 -12.34
CA GLN A 148 33.84 20.80 -11.20
C GLN A 148 34.62 19.49 -11.18
N VAL A 149 33.93 18.36 -11.30
CA VAL A 149 34.60 17.08 -11.15
C VAL A 149 35.34 16.69 -12.43
N PHE A 150 34.62 16.63 -13.55
CA PHE A 150 35.25 16.25 -14.81
C PHE A 150 35.76 17.52 -15.47
N ASN A 151 36.93 17.96 -15.03
CA ASN A 151 37.43 19.27 -15.41
C ASN A 151 38.13 19.29 -16.76
N ASP A 152 38.08 18.21 -17.52
CA ASP A 152 38.43 18.22 -18.94
C ASP A 152 37.26 18.60 -19.83
N LEU A 153 36.12 18.98 -19.26
CA LEU A 153 34.99 19.42 -20.06
C LEU A 153 35.22 20.79 -20.65
N ILE A 154 36.07 21.60 -20.03
CA ILE A 154 36.39 22.92 -20.54
C ILE A 154 37.74 22.93 -21.25
N GLY A 155 38.23 21.78 -21.67
CA GLY A 155 39.61 21.66 -22.07
C GLY A 155 40.39 21.11 -20.91
N PRO A 156 41.43 20.32 -21.17
CA PRO A 156 42.13 19.63 -20.07
C PRO A 156 42.96 20.52 -19.18
N SER A 157 43.63 21.53 -19.74
CA SER A 157 44.52 22.51 -19.07
C SER A 157 45.74 21.87 -18.40
N SER A 158 46.07 20.63 -18.73
CA SER A 158 47.23 19.90 -18.21
C SER A 158 47.44 18.73 -19.13
N GLN A 159 48.58 18.67 -19.80
CA GLN A 159 48.81 17.60 -20.75
C GLN A 159 49.19 16.32 -20.03
N SER A 160 48.63 15.20 -20.49
CA SER A 160 48.95 13.92 -19.89
C SER A 160 50.29 13.44 -20.42
N LEU A 161 51.18 13.04 -19.51
CA LEU A 161 52.54 12.64 -19.86
C LEU A 161 52.74 11.18 -19.47
N CYS A 162 52.54 10.28 -20.42
CA CYS A 162 52.78 8.87 -20.15
C CYS A 162 54.26 8.55 -20.26
N ARG A 163 54.71 7.60 -19.46
CA ARG A 163 56.05 7.06 -19.61
C ARG A 163 56.08 6.08 -20.77
N PHE A 164 57.10 6.20 -21.62
CA PHE A 164 57.09 5.46 -22.87
C PHE A 164 58.49 4.96 -23.18
N TYR A 165 58.57 3.71 -23.64
CA TYR A 165 59.83 3.09 -24.04
C TYR A 165 59.81 2.91 -25.55
N ASN A 166 60.40 3.85 -26.26
CA ASN A 166 60.61 3.68 -27.69
C ASN A 166 61.83 2.81 -27.93
N GLY A 167 61.65 1.77 -28.75
CA GLY A 167 62.75 0.86 -29.04
C GLY A 167 63.82 1.43 -29.94
N THR A 168 63.48 2.44 -30.74
CA THR A 168 64.46 3.11 -31.59
C THR A 168 65.41 3.98 -30.78
N LEU A 169 64.91 4.66 -29.75
CA LEU A 169 65.78 5.45 -28.89
C LEU A 169 66.55 4.59 -27.90
N ASN A 170 66.02 3.40 -27.58
CA ASN A 170 66.47 2.50 -26.49
C ASN A 170 66.53 3.27 -25.16
N SER A 171 65.43 3.95 -24.85
CA SER A 171 65.36 4.77 -23.65
C SER A 171 63.90 4.89 -23.24
N THR A 172 63.68 5.07 -21.93
CA THR A 172 62.35 5.19 -21.37
C THR A 172 62.11 6.65 -21.01
N THR A 173 61.35 7.34 -21.86
CA THR A 173 61.13 8.78 -21.75
C THR A 173 59.67 9.10 -21.50
N GLN A 174 59.42 10.30 -20.99
CA GLN A 174 58.06 10.80 -20.80
C GLN A 174 57.67 11.63 -22.01
N VAL A 175 56.67 11.17 -22.76
CA VAL A 175 56.10 11.92 -23.87
C VAL A 175 54.61 12.08 -23.61
N GLU A 176 53.97 12.89 -24.46
CA GLU A 176 52.55 13.14 -24.33
C GLU A 176 51.76 11.90 -24.77
N CYS A 177 50.70 11.59 -24.03
CA CYS A 177 49.98 10.35 -24.22
C CYS A 177 49.10 10.41 -25.47
N THR A 178 49.33 9.48 -26.39
CA THR A 178 48.38 9.24 -27.46
C THR A 178 47.33 8.25 -26.97
N TYR A 179 46.45 7.82 -27.87
CA TYR A 179 45.36 6.96 -27.43
C TYR A 179 45.79 5.51 -27.32
N ASN A 180 46.94 5.16 -27.87
CA ASN A 180 47.46 3.80 -27.70
C ASN A 180 48.26 3.67 -26.42
N MET A 181 48.60 4.78 -25.78
CA MET A 181 49.35 4.73 -24.54
C MET A 181 48.44 4.83 -23.33
N LEU A 182 47.22 5.31 -23.53
CA LEU A 182 46.19 5.22 -22.50
C LEU A 182 45.46 3.90 -22.54
N THR A 183 45.58 3.16 -23.65
CA THR A 183 45.05 1.82 -23.75
C THR A 183 46.07 0.83 -23.18
N ASN A 184 45.63 0.04 -22.19
CA ASN A 184 46.42 -1.01 -21.50
C ASN A 184 47.67 -0.45 -20.84
N MET A 185 47.50 0.42 -19.86
CA MET A 185 48.66 1.04 -19.25
C MET A 185 49.02 0.37 -17.95
N LYS A 186 50.29 0.51 -17.58
CA LYS A 186 50.81 -0.06 -16.35
C LYS A 186 50.77 0.92 -15.19
N GLU A 187 50.78 2.21 -15.47
CA GLU A 187 50.63 3.24 -14.45
C GLU A 187 49.84 4.40 -15.04
N MET A 188 49.28 5.22 -14.17
CA MET A 188 48.45 6.32 -14.62
C MET A 188 49.33 7.45 -15.14
N PRO A 189 48.87 8.24 -16.12
CA PRO A 189 49.70 9.32 -16.65
C PRO A 189 49.84 10.48 -15.68
N THR A 190 51.05 11.01 -15.60
CA THR A 190 51.31 12.18 -14.79
C THR A 190 50.95 13.42 -15.58
N TYR A 191 50.34 14.39 -14.92
CA TYR A 191 49.86 15.59 -15.57
C TYR A 191 50.81 16.75 -15.30
N SER A 192 51.12 17.49 -16.36
CA SER A 192 51.91 18.71 -16.23
C SER A 192 51.12 19.82 -16.88
N GLN A 193 51.05 20.97 -16.21
CA GLN A 193 50.18 22.05 -16.64
C GLN A 193 50.71 22.74 -17.88
N TYR A 194 49.79 23.26 -18.69
CA TYR A 194 50.15 24.19 -19.74
C TYR A 194 50.55 25.52 -19.10
N PRO A 195 51.39 26.31 -19.78
CA PRO A 195 51.69 27.65 -19.24
C PRO A 195 50.53 28.62 -19.34
N ASP A 196 49.62 28.42 -20.30
CA ASP A 196 48.42 29.25 -20.41
C ASP A 196 47.18 28.56 -19.86
N LEU A 197 47.35 27.38 -19.24
CA LEU A 197 46.28 26.49 -18.76
C LEU A 197 45.27 26.16 -19.85
N GLY A 198 45.79 25.83 -21.03
CA GLY A 198 44.97 25.31 -22.12
C GLY A 198 44.13 26.34 -22.85
N TRP A 199 44.34 27.63 -22.59
CA TRP A 199 43.53 28.66 -23.23
C TRP A 199 43.88 28.87 -24.69
N SER A 200 45.08 28.49 -25.11
CA SER A 200 45.48 28.68 -26.49
C SER A 200 44.93 27.62 -27.42
N LYS A 201 44.40 26.53 -26.87
CA LYS A 201 43.85 25.44 -27.68
C LYS A 201 42.35 25.27 -27.47
N TYR A 202 41.85 25.52 -26.27
CA TYR A 202 40.49 25.19 -25.89
C TYR A 202 39.68 26.43 -25.55
N TRP A 203 40.00 27.55 -26.20
CA TRP A 203 39.22 28.76 -26.02
C TRP A 203 37.85 28.67 -26.69
N HIS A 204 37.69 27.80 -27.69
CA HIS A 204 36.37 27.66 -28.31
C HIS A 204 35.42 26.89 -27.41
N PHE A 205 35.91 25.85 -26.72
CA PHE A 205 35.10 25.16 -25.71
C PHE A 205 34.84 26.06 -24.51
N ARG A 206 35.82 26.86 -24.12
CA ARG A 206 35.64 27.74 -22.98
C ARG A 206 34.70 28.91 -23.30
N MET A 207 34.70 29.40 -24.54
CA MET A 207 33.75 30.45 -24.89
C MET A 207 32.36 29.90 -25.15
N LEU A 208 32.23 28.63 -25.51
CA LEU A 208 30.92 28.00 -25.55
C LEU A 208 30.32 27.85 -24.16
N TRP A 209 31.14 27.43 -23.19
CA TRP A 209 30.66 27.34 -21.80
C TRP A 209 30.39 28.71 -21.21
N VAL A 210 31.20 29.72 -21.58
CA VAL A 210 31.01 31.09 -21.11
C VAL A 210 29.74 31.70 -21.70
N PHE A 211 29.43 31.37 -22.96
CA PHE A 211 28.21 31.85 -23.60
C PHE A 211 26.96 31.23 -22.99
N PHE A 212 26.99 29.94 -22.69
CA PHE A 212 25.82 29.34 -22.05
C PHE A 212 25.68 29.75 -20.60
N ASP A 213 26.79 30.05 -19.91
CA ASP A 213 26.71 30.58 -18.56
C ASP A 213 26.15 31.99 -18.53
N LEU A 214 26.54 32.82 -19.50
CA LEU A 214 25.98 34.17 -19.60
C LEU A 214 24.53 34.15 -20.04
N LEU A 215 24.13 33.18 -20.85
CA LEU A 215 22.74 33.06 -21.27
C LEU A 215 21.84 32.65 -20.11
N MET A 216 22.27 31.69 -19.29
CA MET A 216 21.44 31.32 -18.16
C MET A 216 21.51 32.34 -17.02
N ASP A 217 22.58 33.13 -16.94
CA ASP A 217 22.56 34.22 -15.97
C ASP A 217 21.73 35.40 -16.44
N CYS A 218 21.60 35.61 -17.75
CA CYS A 218 20.63 36.60 -18.24
C CYS A 218 19.20 36.14 -18.02
N VAL A 219 18.95 34.83 -18.12
CA VAL A 219 17.64 34.27 -17.78
C VAL A 219 17.33 34.48 -16.29
N TYR A 220 18.36 34.33 -15.44
CA TYR A 220 18.20 34.61 -14.02
C TYR A 220 17.99 36.09 -13.72
N LEU A 221 18.59 36.98 -14.52
CA LEU A 221 18.41 38.41 -14.31
C LEU A 221 17.03 38.89 -14.75
N ILE A 222 16.52 38.35 -15.87
CA ILE A 222 15.17 38.69 -16.30
C ILE A 222 14.12 38.10 -15.35
N ASP A 223 14.42 36.93 -14.76
CA ASP A 223 13.56 36.38 -13.73
C ASP A 223 13.60 37.20 -12.43
N THR A 224 14.74 37.83 -12.13
CA THR A 224 14.83 38.73 -10.99
C THR A 224 14.04 40.02 -11.23
N PHE A 225 14.05 40.51 -12.47
CA PHE A 225 13.24 41.67 -12.81
C PHE A 225 11.75 41.37 -12.78
N LEU A 226 11.35 40.16 -13.18
CA LEU A 226 9.95 39.79 -13.05
C LEU A 226 9.56 39.53 -11.60
N ASN A 227 10.51 39.12 -10.76
CA ASN A 227 10.27 39.06 -9.32
C ASN A 227 10.09 40.44 -8.72
N TYR A 228 10.82 41.42 -9.25
CA TYR A 228 10.75 42.79 -8.75
C TYR A 228 9.44 43.47 -9.12
N ARG A 229 8.78 43.02 -10.19
CA ARG A 229 7.52 43.56 -10.64
C ARG A 229 6.43 42.49 -10.68
N MET A 230 6.37 41.66 -9.64
CA MET A 230 5.40 40.57 -9.61
C MET A 230 4.12 41.03 -8.93
N GLY A 231 2.98 40.76 -9.56
CA GLY A 231 1.71 41.15 -9.00
C GLY A 231 1.17 40.20 -7.95
N TYR A 232 1.29 40.59 -6.69
CA TYR A 232 0.77 39.76 -5.61
C TYR A 232 -0.75 39.84 -5.54
N MET A 233 -1.37 38.75 -5.12
CA MET A 233 -2.82 38.68 -5.03
C MET A 233 -3.30 39.23 -3.69
N ASP A 234 -4.04 40.33 -3.74
CA ASP A 234 -4.42 41.03 -2.51
C ASP A 234 -5.78 40.57 -2.00
N GLN A 235 -6.82 40.81 -2.78
CA GLN A 235 -8.19 40.51 -2.37
C GLN A 235 -8.86 39.60 -3.39
N GLY A 236 -8.13 38.59 -3.86
CA GLY A 236 -8.58 37.82 -4.99
C GLY A 236 -8.19 38.39 -6.34
N LEU A 237 -7.71 39.62 -6.40
CA LEU A 237 -7.23 40.25 -7.61
C LEU A 237 -5.73 40.47 -7.48
N VAL A 238 -5.06 40.47 -8.59
CA VAL A 238 -3.65 40.81 -8.61
C VAL A 238 -3.51 42.32 -8.54
N VAL A 239 -2.37 42.78 -8.03
CA VAL A 239 -2.08 44.20 -7.94
C VAL A 239 -1.15 44.56 -9.09
N ARG A 240 -1.52 45.56 -9.89
CA ARG A 240 -0.76 45.89 -11.08
C ARG A 240 -0.17 47.29 -11.03
N GLU A 241 -0.22 47.96 -9.89
CA GLU A 241 0.44 49.24 -9.74
C GLU A 241 1.87 49.03 -9.24
N ALA A 242 2.79 49.85 -9.74
CA ALA A 242 4.23 49.57 -9.64
C ALA A 242 4.76 49.78 -8.23
N GLU A 243 4.27 50.79 -7.52
CA GLU A 243 4.78 51.11 -6.18
C GLU A 243 4.36 50.05 -5.16
N LYS A 244 3.18 49.48 -5.34
CA LYS A 244 2.70 48.45 -4.42
C LYS A 244 3.45 47.14 -4.62
N VAL A 245 3.76 46.78 -5.86
CA VAL A 245 4.45 45.51 -6.08
C VAL A 245 5.94 45.62 -5.76
N THR A 246 6.57 46.79 -5.94
CA THR A 246 7.95 46.92 -5.50
C THR A 246 8.06 47.03 -3.98
N LYS A 247 7.07 47.64 -3.34
CA LYS A 247 7.07 47.69 -1.87
C LYS A 247 6.80 46.33 -1.26
N ALA A 248 5.93 45.54 -1.88
CA ALA A 248 5.69 44.18 -1.41
C ALA A 248 6.82 43.24 -1.82
N TYR A 249 7.63 43.62 -2.80
CA TYR A 249 8.86 42.87 -3.07
C TYR A 249 9.91 43.13 -1.99
N TRP A 250 10.14 44.41 -1.65
CA TRP A 250 11.16 44.74 -0.67
C TRP A 250 10.76 44.36 0.75
N GLN A 251 9.47 44.19 1.03
CA GLN A 251 9.07 43.74 2.35
C GLN A 251 9.05 42.22 2.51
N SER A 252 9.03 41.47 1.41
CA SER A 252 8.87 40.02 1.50
C SER A 252 10.17 39.26 1.64
N LYS A 253 11.31 39.96 1.59
CA LYS A 253 12.68 39.43 1.62
C LYS A 253 12.91 38.40 0.50
N GLN A 254 12.39 38.68 -0.68
CA GLN A 254 12.70 37.89 -1.87
C GLN A 254 14.03 38.31 -2.47
N TYR A 255 14.50 39.51 -2.13
CA TYR A 255 15.72 40.05 -2.70
C TYR A 255 16.98 39.36 -2.17
N ARG A 256 16.92 38.72 -1.02
CA ARG A 256 18.09 37.97 -0.58
C ARG A 256 18.23 36.64 -1.32
N ILE A 257 17.11 35.98 -1.62
CA ILE A 257 17.14 34.74 -2.40
C ILE A 257 17.50 35.05 -3.85
N ASP A 258 17.04 36.20 -4.36
CA ASP A 258 17.46 36.63 -5.69
C ASP A 258 18.88 37.16 -5.72
N GLY A 259 19.43 37.58 -4.59
CA GLY A 259 20.75 38.17 -4.59
C GLY A 259 21.87 37.21 -4.32
N ILE A 260 21.62 36.17 -3.50
CA ILE A 260 22.61 35.11 -3.32
C ILE A 260 22.74 34.29 -4.60
N SER A 261 21.64 34.13 -5.33
CA SER A 261 21.64 33.37 -6.56
C SER A 261 22.13 34.14 -7.78
N LEU A 262 22.81 35.28 -7.60
CA LEU A 262 23.35 36.02 -8.72
C LEU A 262 24.72 36.60 -8.43
N ILE A 263 25.41 36.11 -7.40
CA ILE A 263 26.75 36.60 -7.08
C ILE A 263 27.70 36.08 -8.14
N PRO A 264 28.35 36.93 -8.92
CA PRO A 264 29.18 36.45 -10.04
C PRO A 264 30.59 36.08 -9.60
N LEU A 265 30.68 35.11 -8.69
CA LEU A 265 31.96 34.54 -8.32
C LEU A 265 32.49 33.61 -9.39
N ASP A 266 31.60 33.03 -10.20
CA ASP A 266 32.00 32.09 -11.23
C ASP A 266 32.74 32.77 -12.37
N TYR A 267 32.46 34.05 -12.62
CA TYR A 267 33.17 34.71 -13.70
C TYR A 267 34.55 35.18 -13.30
N ILE A 268 34.85 35.19 -12.00
CA ILE A 268 36.15 35.60 -11.50
C ILE A 268 36.99 34.39 -11.13
N LEU A 269 36.54 33.58 -10.19
CA LEU A 269 37.31 32.48 -9.67
C LEU A 269 36.88 31.13 -10.22
N GLY A 270 36.07 31.10 -11.27
CA GLY A 270 35.61 29.84 -11.81
C GLY A 270 36.22 29.44 -13.12
N TRP A 271 37.29 30.10 -13.55
CA TRP A 271 37.89 29.81 -14.84
C TRP A 271 39.40 29.73 -14.67
N PRO A 272 40.10 28.95 -15.50
CA PRO A 272 41.55 28.85 -15.36
C PRO A 272 42.30 30.11 -15.75
N ILE A 273 42.78 30.83 -14.75
CA ILE A 273 43.57 32.05 -14.95
C ILE A 273 45.03 31.65 -14.96
N PRO A 274 45.80 32.00 -16.00
CA PRO A 274 47.20 31.54 -16.04
C PRO A 274 48.15 32.41 -15.24
N TYR A 275 47.83 33.69 -15.02
CA TYR A 275 48.75 34.61 -14.37
C TYR A 275 48.84 34.36 -12.87
N ILE A 276 47.70 34.06 -12.24
CA ILE A 276 47.67 33.70 -10.83
C ILE A 276 48.10 32.25 -10.62
N ASN A 277 48.12 31.46 -11.71
CA ASN A 277 48.11 29.99 -11.71
C ASN A 277 46.97 29.50 -10.84
N TRP A 278 45.78 29.98 -11.17
CA TRP A 278 44.53 29.56 -10.55
C TRP A 278 43.86 28.56 -11.48
N ARG A 279 43.57 27.37 -10.99
CA ARG A 279 43.00 26.31 -11.80
C ARG A 279 41.50 26.40 -11.95
N GLY A 280 40.87 27.37 -11.31
CA GLY A 280 39.44 27.56 -11.45
C GLY A 280 38.64 26.71 -10.49
N LEU A 281 37.65 27.31 -9.85
CA LEU A 281 36.67 26.60 -9.04
C LEU A 281 35.32 26.74 -9.72
N PRO A 282 34.91 25.77 -10.53
CA PRO A 282 33.57 25.82 -11.11
C PRO A 282 32.44 25.62 -10.12
N ILE A 283 32.71 25.06 -8.93
CA ILE A 283 31.69 24.82 -7.91
C ILE A 283 31.17 26.10 -7.24
N LEU A 284 31.76 27.26 -7.52
CA LEU A 284 31.23 28.52 -7.04
C LEU A 284 29.97 28.98 -7.76
N ARG A 285 29.55 28.31 -8.82
CA ARG A 285 28.26 28.50 -9.45
C ARG A 285 27.18 27.62 -8.85
N LEU A 286 27.39 27.10 -7.64
CA LEU A 286 26.35 26.38 -6.91
C LEU A 286 25.35 27.30 -6.25
N ASN A 287 25.57 28.62 -6.26
CA ASN A 287 24.59 29.52 -5.70
C ASN A 287 23.38 29.69 -6.61
N ARG A 288 23.48 29.32 -7.88
CA ARG A 288 22.34 29.37 -8.78
C ARG A 288 21.31 28.27 -8.51
N LEU A 289 21.63 27.30 -7.66
CA LEU A 289 20.70 26.24 -7.30
C LEU A 289 19.78 26.60 -6.14
N ILE A 290 19.81 27.85 -5.68
CA ILE A 290 18.94 28.25 -4.58
C ILE A 290 17.57 28.66 -5.13
N ARG A 291 17.47 28.94 -6.42
CA ARG A 291 16.18 29.23 -7.06
C ARG A 291 15.41 27.96 -7.41
N TYR A 292 15.03 27.20 -6.39
CA TYR A 292 14.29 25.97 -6.61
C TYR A 292 12.78 26.18 -6.53
N LYS A 293 12.35 27.35 -6.03
CA LYS A 293 10.92 27.62 -5.87
C LYS A 293 10.24 27.82 -7.21
N ARG A 294 10.95 28.42 -8.17
CA ARG A 294 10.39 28.61 -9.50
C ARG A 294 10.30 27.30 -10.27
N VAL A 295 11.23 26.39 -10.01
CA VAL A 295 11.20 25.07 -10.63
C VAL A 295 10.08 24.23 -10.03
N ARG A 296 9.87 24.34 -8.72
CA ARG A 296 8.80 23.60 -8.07
C ARG A 296 7.43 24.13 -8.48
N ASN A 297 7.31 25.45 -8.67
CA ASN A 297 6.08 26.02 -9.20
C ASN A 297 5.87 25.65 -10.66
N CYS A 298 6.93 25.49 -11.44
CA CYS A 298 6.77 25.07 -12.83
C CYS A 298 6.35 23.61 -12.94
N LEU A 299 6.85 22.75 -12.07
CA LEU A 299 6.45 21.35 -12.11
C LEU A 299 5.03 21.15 -11.59
N GLU A 300 4.65 21.93 -10.56
CA GLU A 300 3.29 21.87 -10.04
C GLU A 300 2.29 22.44 -11.04
N ARG A 301 2.57 23.62 -11.59
CA ARG A 301 1.69 24.22 -12.58
C ARG A 301 1.78 23.56 -13.94
N THR A 302 2.73 22.65 -14.18
CA THR A 302 2.65 21.82 -15.36
C THR A 302 1.75 20.62 -15.12
N GLU A 303 1.90 19.91 -14.00
CA GLU A 303 1.09 18.70 -13.90
C GLU A 303 -0.32 18.96 -13.36
N THR A 304 -0.68 20.18 -12.98
CA THR A 304 -2.11 20.46 -12.87
C THR A 304 -2.72 20.72 -14.23
N ARG A 305 -1.98 21.34 -15.14
CA ARG A 305 -2.56 21.77 -16.40
C ARG A 305 -2.39 20.76 -17.53
N SER A 306 -1.62 19.70 -17.33
CA SER A 306 -1.32 18.78 -18.41
C SER A 306 -2.46 17.79 -18.61
N SER A 307 -2.73 17.47 -19.87
CA SER A 307 -3.75 16.49 -20.22
C SER A 307 -3.25 15.06 -20.08
N MET A 308 -1.95 14.85 -20.00
CA MET A 308 -1.36 13.55 -19.72
C MET A 308 -0.58 13.67 -18.42
N PRO A 309 -1.24 13.50 -17.26
CA PRO A 309 -0.57 13.79 -15.99
C PRO A 309 0.37 12.68 -15.54
N ASN A 310 0.00 11.43 -15.83
CA ASN A 310 0.80 10.30 -15.38
C ASN A 310 2.06 10.14 -16.22
N ALA A 311 2.00 10.55 -17.50
CA ALA A 311 3.20 10.57 -18.34
C ALA A 311 4.18 11.63 -17.86
N PHE A 312 3.66 12.78 -17.40
CA PHE A 312 4.53 13.81 -16.85
C PHE A 312 5.11 13.41 -15.51
N ARG A 313 4.34 12.66 -14.71
CA ARG A 313 4.86 12.17 -13.44
C ARG A 313 5.96 11.14 -13.64
N VAL A 314 5.82 10.29 -14.66
CA VAL A 314 6.83 9.28 -14.96
C VAL A 314 8.10 9.93 -15.53
N VAL A 315 7.94 10.97 -16.37
CA VAL A 315 9.08 11.71 -16.93
C VAL A 315 9.81 12.50 -15.84
N VAL A 316 9.09 13.01 -14.84
CA VAL A 316 9.70 13.78 -13.77
C VAL A 316 10.48 12.86 -12.80
N VAL A 317 9.95 11.66 -12.50
CA VAL A 317 10.73 10.77 -11.62
C VAL A 317 11.89 10.12 -12.38
N VAL A 318 11.79 9.98 -13.70
CA VAL A 318 12.93 9.54 -14.51
C VAL A 318 14.03 10.61 -14.54
N TRP A 319 13.64 11.89 -14.58
CA TRP A 319 14.60 12.98 -14.52
C TRP A 319 15.25 13.10 -13.15
N TYR A 320 14.48 12.83 -12.08
CA TYR A 320 15.01 12.79 -10.72
C TYR A 320 16.03 11.67 -10.55
N ILE A 321 15.76 10.52 -11.18
CA ILE A 321 16.64 9.36 -11.15
C ILE A 321 17.96 9.67 -11.85
N VAL A 322 17.87 10.33 -13.02
CA VAL A 322 19.07 10.61 -13.81
C VAL A 322 19.92 11.70 -13.16
N ILE A 323 19.29 12.68 -12.50
CA ILE A 323 20.03 13.73 -11.82
C ILE A 323 20.69 13.21 -10.55
N ILE A 324 20.03 12.27 -9.85
CA ILE A 324 20.61 11.68 -8.64
C ILE A 324 21.78 10.76 -8.99
N ILE A 325 21.66 9.95 -10.04
CA ILE A 325 22.74 9.07 -10.48
C ILE A 325 23.89 9.87 -11.08
N HIS A 326 23.61 11.02 -11.70
CA HIS A 326 24.66 11.89 -12.22
C HIS A 326 25.43 12.57 -11.11
N TRP A 327 24.74 13.01 -10.05
CA TRP A 327 25.44 13.64 -8.94
C TRP A 327 26.24 12.64 -8.13
N ASN A 328 25.76 11.40 -8.04
CA ASN A 328 26.57 10.37 -7.40
C ASN A 328 27.73 9.91 -8.28
N ALA A 329 27.60 10.04 -9.60
CA ALA A 329 28.71 9.77 -10.51
C ALA A 329 29.83 10.77 -10.35
N CYS A 330 29.47 12.05 -10.27
CA CYS A 330 30.47 13.07 -10.02
C CYS A 330 31.02 13.00 -8.60
N LEU A 331 30.24 12.51 -7.64
CA LEU A 331 30.76 12.31 -6.29
C LEU A 331 31.77 11.17 -6.22
N TYR A 332 31.49 10.07 -6.95
CA TYR A 332 32.43 8.95 -7.03
C TYR A 332 33.71 9.34 -7.75
N PHE A 333 33.62 10.10 -8.84
CA PHE A 333 34.85 10.48 -9.49
C PHE A 333 35.59 11.60 -8.77
N TRP A 334 34.92 12.39 -7.93
CA TRP A 334 35.66 13.33 -7.12
C TRP A 334 36.45 12.62 -6.02
N ILE A 335 35.87 11.57 -5.43
CA ILE A 335 36.62 10.82 -4.43
C ILE A 335 37.71 9.97 -5.08
N SER A 336 37.47 9.49 -6.31
CA SER A 336 38.50 8.75 -7.04
C SER A 336 39.63 9.66 -7.53
N GLU A 337 39.35 10.94 -7.74
CA GLU A 337 40.45 11.86 -8.03
C GLU A 337 41.17 12.30 -6.76
N TRP A 338 40.44 12.40 -5.64
CA TRP A 338 41.03 12.92 -4.41
C TRP A 338 41.94 11.90 -3.75
N ILE A 339 41.53 10.64 -3.75
CA ILE A 339 42.40 9.56 -3.27
C ILE A 339 43.59 9.39 -4.21
N GLY A 340 43.34 9.45 -5.51
CA GLY A 340 44.37 9.32 -6.50
C GLY A 340 44.01 8.18 -7.41
N LEU A 341 43.91 8.44 -8.70
CA LEU A 341 43.44 7.44 -9.65
C LEU A 341 44.49 6.37 -9.88
N GLY A 342 44.05 5.12 -9.91
CA GLY A 342 44.97 4.03 -10.10
C GLY A 342 45.79 3.67 -8.90
N THR A 343 45.40 4.10 -7.70
CA THR A 343 46.17 3.76 -6.51
C THR A 343 45.69 2.48 -5.86
N ASP A 344 44.42 2.16 -5.98
CA ASP A 344 43.91 0.88 -5.52
C ASP A 344 42.80 0.43 -6.44
N ALA A 345 42.19 -0.71 -6.11
CA ALA A 345 41.33 -1.39 -7.05
C ALA A 345 39.86 -1.00 -6.93
N TRP A 346 39.51 -0.07 -6.04
CA TRP A 346 38.15 0.45 -6.01
C TRP A 346 38.06 1.75 -6.79
N VAL A 347 39.11 2.56 -6.69
CA VAL A 347 39.27 3.81 -7.41
C VAL A 347 39.34 3.52 -8.90
N TYR A 348 38.77 4.43 -9.71
CA TYR A 348 38.98 4.45 -11.15
C TYR A 348 40.47 4.49 -11.47
N GLY A 349 40.86 3.72 -12.48
CA GLY A 349 42.25 3.74 -12.89
C GLY A 349 42.59 2.45 -13.59
N HIS A 350 43.89 2.16 -13.63
CA HIS A 350 44.36 0.98 -14.32
C HIS A 350 44.28 -0.26 -13.45
N LEU A 351 44.25 -0.09 -12.14
CA LEU A 351 44.18 -1.22 -11.21
C LEU A 351 42.76 -1.68 -10.96
N ASN A 352 41.76 -0.99 -11.51
CA ASN A 352 40.38 -1.31 -11.23
C ASN A 352 39.94 -2.55 -11.99
N LYS A 353 40.32 -2.65 -13.27
CA LYS A 353 40.11 -3.74 -14.22
C LYS A 353 38.65 -4.01 -14.61
N GLN A 354 37.70 -3.25 -14.07
CA GLN A 354 36.39 -3.10 -14.64
C GLN A 354 36.26 -1.74 -15.30
N SER A 355 37.00 -0.76 -14.78
CA SER A 355 37.03 0.56 -15.36
C SER A 355 37.84 0.58 -16.64
N LEU A 356 39.08 0.11 -16.58
CA LEU A 356 39.93 -0.01 -17.76
C LEU A 356 40.31 -1.47 -17.97
N PRO A 357 39.50 -2.23 -18.71
CA PRO A 357 39.89 -3.59 -19.09
C PRO A 357 40.91 -3.65 -20.20
N ASP A 358 41.07 -4.85 -20.75
CA ASP A 358 41.90 -5.04 -21.93
C ASP A 358 41.33 -4.30 -23.12
N ASP A 359 42.21 -3.52 -23.78
CA ASP A 359 41.95 -2.74 -25.00
C ASP A 359 40.85 -1.70 -24.82
N ILE A 360 40.87 -0.99 -23.71
CA ILE A 360 39.93 0.09 -23.43
C ILE A 360 40.72 1.34 -23.10
N THR A 361 40.48 2.40 -23.87
CA THR A 361 41.19 3.66 -23.71
C THR A 361 40.63 4.41 -22.52
N ASP A 362 41.47 5.20 -21.84
CA ASP A 362 41.05 6.05 -20.74
C ASP A 362 40.80 7.45 -21.30
N THR A 363 39.54 7.78 -21.51
CA THR A 363 39.12 9.07 -22.03
C THR A 363 38.20 9.74 -21.02
N LEU A 364 37.69 10.92 -21.38
CA LEU A 364 36.72 11.58 -20.51
C LEU A 364 35.37 10.89 -20.57
N LEU A 365 35.04 10.33 -21.74
CA LEU A 365 33.81 9.57 -21.90
C LEU A 365 33.85 8.29 -21.10
N ARG A 366 35.03 7.67 -20.98
CA ARG A 366 35.18 6.46 -20.18
C ARG A 366 35.04 6.76 -18.70
N ARG A 367 35.50 7.93 -18.27
CA ARG A 367 35.38 8.35 -16.88
C ARG A 367 33.94 8.60 -16.50
N TYR A 368 33.19 9.32 -17.35
CA TYR A 368 31.79 9.58 -17.03
C TYR A 368 30.92 8.33 -17.19
N VAL A 369 31.24 7.47 -18.15
CA VAL A 369 30.44 6.27 -18.39
C VAL A 369 30.65 5.23 -17.30
N TYR A 370 31.89 5.07 -16.82
CA TYR A 370 32.11 4.18 -15.70
C TYR A 370 31.59 4.75 -14.38
N SER A 371 31.64 6.07 -14.17
CA SER A 371 31.11 6.62 -12.93
C SER A 371 29.58 6.58 -12.90
N PHE A 372 28.94 6.73 -14.06
CA PHE A 372 27.49 6.58 -14.14
C PHE A 372 27.07 5.13 -13.94
N TYR A 373 27.88 4.19 -14.43
CA TYR A 373 27.57 2.77 -14.20
C TYR A 373 27.79 2.38 -12.74
N TRP A 374 28.82 2.95 -12.10
CA TRP A 374 29.08 2.69 -10.69
C TRP A 374 27.97 3.21 -9.81
N SER A 375 27.46 4.41 -10.11
CA SER A 375 26.35 4.92 -9.33
C SER A 375 25.03 4.25 -9.65
N THR A 376 24.86 3.73 -10.86
CA THR A 376 23.68 2.94 -11.16
C THR A 376 23.70 1.61 -10.41
N LEU A 377 24.88 1.00 -10.26
CA LEU A 377 24.93 -0.25 -9.51
C LEU A 377 24.94 -0.04 -8.01
N ILE A 378 25.33 1.14 -7.54
CA ILE A 378 25.35 1.36 -6.09
C ILE A 378 23.99 1.85 -5.59
N LEU A 379 23.37 2.80 -6.31
CA LEU A 379 22.11 3.38 -5.84
C LEU A 379 20.93 2.43 -6.02
N THR A 380 20.98 1.53 -6.98
CA THR A 380 19.98 0.48 -7.07
C THR A 380 20.35 -0.76 -6.26
N THR A 381 21.52 -0.73 -5.61
CA THR A 381 22.07 -1.76 -4.71
C THR A 381 22.16 -3.13 -5.35
N ILE A 382 22.56 -3.16 -6.61
CA ILE A 382 23.01 -4.40 -7.21
C ILE A 382 24.40 -4.73 -6.72
N GLY A 383 25.28 -3.75 -6.72
CA GLY A 383 26.56 -3.87 -6.06
C GLY A 383 27.61 -4.69 -6.77
N GLU A 384 27.52 -4.85 -8.09
CA GLU A 384 28.49 -5.65 -8.83
C GLU A 384 29.67 -4.81 -9.32
N VAL A 385 30.27 -4.10 -8.38
CA VAL A 385 31.37 -3.16 -8.57
C VAL A 385 32.52 -3.69 -7.72
N PRO A 386 33.75 -3.18 -7.88
CA PRO A 386 34.82 -3.60 -6.97
C PRO A 386 34.60 -3.17 -5.53
N SER A 387 34.93 -4.07 -4.62
CA SER A 387 34.81 -3.85 -3.20
C SER A 387 35.87 -2.84 -2.75
N PRO A 388 35.58 -2.05 -1.72
CA PRO A 388 36.52 -0.99 -1.32
C PRO A 388 37.78 -1.53 -0.66
N VAL A 389 38.82 -0.72 -0.68
CA VAL A 389 40.11 -1.09 -0.14
C VAL A 389 40.45 -0.28 1.10
N ARG A 390 40.60 1.03 0.96
CA ARG A 390 40.93 1.87 2.09
C ARG A 390 39.67 2.17 2.89
N ASN A 391 39.86 2.71 4.10
CA ASN A 391 38.74 2.87 5.03
C ASN A 391 37.81 3.99 4.63
N ILE A 392 38.32 5.00 3.93
CA ILE A 392 37.47 6.11 3.51
C ILE A 392 36.59 5.68 2.33
N GLU A 393 37.05 4.71 1.55
CA GLU A 393 36.24 4.11 0.50
C GLU A 393 35.15 3.22 1.08
N TYR A 394 35.44 2.57 2.21
CA TYR A 394 34.44 1.78 2.91
C TYR A 394 33.36 2.65 3.53
N ALA A 395 33.76 3.80 4.08
CA ALA A 395 32.81 4.75 4.65
C ALA A 395 31.93 5.37 3.57
N PHE A 396 32.51 5.70 2.42
CA PHE A 396 31.75 6.28 1.32
C PHE A 396 30.81 5.27 0.69
N VAL A 397 31.24 4.02 0.53
CA VAL A 397 30.38 3.01 -0.08
C VAL A 397 29.28 2.57 0.89
N THR A 398 29.55 2.57 2.20
CA THR A 398 28.51 2.25 3.19
C THR A 398 27.44 3.35 3.26
N LEU A 399 27.89 4.62 3.26
CA LEU A 399 26.95 5.74 3.27
C LEU A 399 26.18 5.84 1.96
N ASP A 400 26.84 5.54 0.83
CA ASP A 400 26.20 5.61 -0.48
C ASP A 400 25.23 4.46 -0.69
N LEU A 401 25.52 3.28 -0.13
CA LEU A 401 24.60 2.16 -0.26
C LEU A 401 23.39 2.34 0.64
N MET A 402 23.56 2.95 1.82
CA MET A 402 22.39 3.17 2.65
C MET A 402 21.52 4.30 2.12
N CYS A 403 22.14 5.34 1.55
CA CYS A 403 21.39 6.37 0.84
C CYS A 403 20.71 5.81 -0.40
N GLY A 404 21.34 4.85 -1.07
CA GLY A 404 20.72 4.21 -2.22
C GLY A 404 19.53 3.35 -1.86
N VAL A 405 19.63 2.61 -0.74
CA VAL A 405 18.52 1.79 -0.22
C VAL A 405 17.32 2.67 0.12
N LEU A 406 17.56 3.77 0.86
CA LEU A 406 16.46 4.63 1.31
C LEU A 406 15.82 5.42 0.17
N ILE A 407 16.62 6.14 -0.62
CA ILE A 407 15.99 7.03 -1.59
C ILE A 407 15.55 6.27 -2.84
N PHE A 408 16.17 5.14 -3.18
CA PHE A 408 15.63 4.37 -4.32
C PHE A 408 14.44 3.53 -3.87
N ALA A 409 14.34 3.17 -2.60
CA ALA A 409 13.14 2.53 -2.10
C ALA A 409 11.94 3.46 -2.21
N THR A 410 12.10 4.73 -1.81
CA THR A 410 10.99 5.67 -1.96
C THR A 410 10.73 6.06 -3.41
N ILE A 411 11.76 6.10 -4.26
CA ILE A 411 11.56 6.52 -5.64
C ILE A 411 10.83 5.46 -6.47
N VAL A 412 11.22 4.20 -6.30
CA VAL A 412 10.54 3.09 -7.02
C VAL A 412 9.17 2.84 -6.36
N GLY A 413 9.00 3.18 -5.09
CA GLY A 413 7.69 3.11 -4.48
C GLY A 413 6.76 4.13 -5.12
N ASN A 414 7.29 5.32 -5.44
CA ASN A 414 6.52 6.32 -6.17
C ASN A 414 6.22 5.88 -7.60
N VAL A 415 7.17 5.19 -8.24
CA VAL A 415 6.96 4.74 -9.61
C VAL A 415 5.97 3.58 -9.65
N GLY A 416 6.01 2.70 -8.65
CA GLY A 416 5.04 1.63 -8.53
C GLY A 416 3.64 2.13 -8.22
N SER A 417 3.53 3.19 -7.43
CA SER A 417 2.23 3.83 -7.20
C SER A 417 1.73 4.57 -8.45
N MET A 418 2.64 5.18 -9.22
CA MET A 418 2.20 5.96 -10.38
C MET A 418 1.79 5.07 -11.54
N ILE A 419 2.34 3.87 -11.64
CA ILE A 419 1.90 2.95 -12.68
C ILE A 419 0.84 1.98 -12.14
N SER A 420 0.63 1.94 -10.82
CA SER A 420 -0.60 1.34 -10.32
C SER A 420 -1.80 2.25 -10.53
N ASN A 421 -1.58 3.57 -10.50
CA ASN A 421 -2.68 4.52 -10.63
C ASN A 421 -3.05 4.78 -12.09
N MET A 422 -2.31 4.24 -13.06
CA MET A 422 -2.66 4.44 -14.46
C MET A 422 -3.82 3.54 -14.87
N SER A 423 -4.12 2.50 -14.10
CA SER A 423 -5.28 1.66 -14.32
C SER A 423 -6.04 1.43 -13.02
N ALA A 424 -6.31 2.50 -12.28
CA ALA A 424 -7.00 2.35 -11.00
C ALA A 424 -8.50 2.13 -11.16
N ALA A 425 -9.10 2.67 -12.22
CA ALA A 425 -10.54 2.52 -12.44
C ALA A 425 -10.88 1.09 -12.84
N TRP A 426 -10.01 0.47 -13.63
CA TRP A 426 -10.19 -0.93 -14.01
C TRP A 426 -10.01 -1.86 -12.83
N THR A 427 -9.14 -1.52 -11.87
CA THR A 427 -8.98 -2.38 -10.71
C THR A 427 -10.12 -2.20 -9.73
N GLU A 428 -10.71 -1.00 -9.64
CA GLU A 428 -11.86 -0.83 -8.76
C GLU A 428 -13.12 -1.49 -9.33
N PHE A 429 -13.27 -1.41 -10.66
CA PHE A 429 -14.28 -2.19 -11.38
C PHE A 429 -14.09 -3.69 -11.19
N GLN A 430 -12.84 -4.14 -11.16
CA GLN A 430 -12.58 -5.57 -10.96
C GLN A 430 -12.82 -6.01 -9.52
N ASN A 431 -12.63 -5.12 -8.53
CA ASN A 431 -12.98 -5.48 -7.15
C ASN A 431 -14.49 -5.59 -6.96
N LYS A 432 -15.25 -4.71 -7.63
CA LYS A 432 -16.71 -4.81 -7.58
C LYS A 432 -17.21 -6.07 -8.29
N MET A 433 -16.60 -6.42 -9.43
CA MET A 433 -16.98 -7.64 -10.13
C MET A 433 -16.54 -8.91 -9.39
N ASP A 434 -15.41 -8.85 -8.67
CA ASP A 434 -14.98 -9.99 -7.85
C ASP A 434 -15.90 -10.23 -6.67
N GLY A 435 -16.38 -9.15 -6.05
CA GLY A 435 -17.34 -9.28 -4.97
C GLY A 435 -18.68 -9.82 -5.42
N ILE A 436 -19.16 -9.38 -6.58
CA ILE A 436 -20.45 -9.85 -7.09
C ILE A 436 -20.35 -11.29 -7.60
N LYS A 437 -19.22 -11.65 -8.24
CA LYS A 437 -19.05 -13.02 -8.71
C LYS A 437 -18.84 -14.00 -7.56
N GLN A 438 -18.20 -13.56 -6.47
CA GLN A 438 -18.07 -14.41 -5.28
C GLN A 438 -19.42 -14.58 -4.59
N TYR A 439 -20.23 -13.51 -4.54
CA TYR A 439 -21.55 -13.58 -3.93
C TYR A 439 -22.49 -14.48 -4.73
N MET A 440 -22.48 -14.38 -6.04
CA MET A 440 -23.33 -15.24 -6.84
C MET A 440 -22.79 -16.66 -6.95
N GLU A 441 -21.51 -16.88 -6.63
CA GLU A 441 -21.04 -18.26 -6.53
C GLU A 441 -21.47 -18.91 -5.23
N LEU A 442 -21.36 -18.21 -4.09
CA LEU A 442 -21.63 -18.88 -2.83
C LEU A 442 -23.12 -19.00 -2.51
N ARG A 443 -23.98 -18.14 -3.05
CA ARG A 443 -25.41 -18.22 -2.77
C ARG A 443 -26.16 -19.12 -3.72
N LYS A 444 -25.46 -19.73 -4.69
CA LYS A 444 -25.99 -20.61 -5.75
C LYS A 444 -27.08 -19.92 -6.57
N VAL A 445 -26.77 -18.72 -7.05
CA VAL A 445 -27.63 -18.03 -8.00
C VAL A 445 -27.54 -18.77 -9.34
N SER A 446 -28.67 -18.89 -10.04
CA SER A 446 -28.76 -19.61 -11.30
C SER A 446 -27.97 -18.91 -12.41
N LYS A 447 -27.84 -19.63 -13.54
CA LYS A 447 -26.87 -19.25 -14.56
C LYS A 447 -27.33 -18.05 -15.38
N GLN A 448 -28.65 -17.89 -15.59
CA GLN A 448 -29.12 -16.83 -16.46
C GLN A 448 -29.04 -15.46 -15.78
N LEU A 449 -29.16 -15.41 -14.46
CA LEU A 449 -28.95 -14.16 -13.75
C LEU A 449 -27.48 -13.80 -13.69
N GLU A 450 -26.60 -14.80 -13.64
CA GLU A 450 -25.17 -14.54 -13.62
C GLU A 450 -24.67 -14.05 -14.97
N ILE A 451 -25.20 -14.60 -16.06
CA ILE A 451 -24.79 -14.10 -17.36
C ILE A 451 -25.47 -12.76 -17.68
N ARG A 452 -26.63 -12.47 -17.07
CA ARG A 452 -27.22 -11.14 -17.21
C ARG A 452 -26.42 -10.09 -16.45
N VAL A 453 -25.87 -10.45 -15.30
CA VAL A 453 -25.08 -9.51 -14.51
C VAL A 453 -23.72 -9.25 -15.15
N ILE A 454 -23.06 -10.31 -15.66
CA ILE A 454 -21.78 -10.07 -16.33
C ILE A 454 -21.96 -9.45 -17.72
N LYS A 455 -23.12 -9.60 -18.35
CA LYS A 455 -23.36 -8.84 -19.58
C LYS A 455 -23.65 -7.38 -19.28
N TRP A 456 -24.29 -7.09 -18.14
CA TRP A 456 -24.48 -5.72 -17.70
C TRP A 456 -23.15 -5.06 -17.37
N PHE A 457 -22.21 -5.83 -16.80
CA PHE A 457 -20.90 -5.27 -16.50
C PHE A 457 -20.03 -5.11 -17.74
N ASP A 458 -20.18 -6.01 -18.72
CA ASP A 458 -19.50 -5.85 -20.01
C ASP A 458 -20.01 -4.63 -20.76
N TYR A 459 -21.32 -4.34 -20.66
CA TYR A 459 -21.84 -3.11 -21.22
C TYR A 459 -21.37 -1.89 -20.44
N LEU A 460 -21.26 -2.01 -19.12
CA LEU A 460 -20.88 -0.88 -18.28
C LEU A 460 -19.41 -0.51 -18.44
N TRP A 461 -18.57 -1.47 -18.83
CA TRP A 461 -17.21 -1.11 -19.18
C TRP A 461 -17.05 -0.76 -20.66
N THR A 462 -17.95 -1.25 -21.53
CA THR A 462 -17.80 -1.02 -22.96
C THR A 462 -18.11 0.44 -23.34
N ASN A 463 -19.18 1.01 -22.78
CA ASN A 463 -19.46 2.40 -23.12
C ASN A 463 -18.64 3.38 -22.27
N LYS A 464 -18.46 3.05 -20.99
CA LYS A 464 -17.80 3.77 -19.88
C LYS A 464 -18.13 5.26 -19.78
N GLN A 465 -19.36 5.65 -20.14
CA GLN A 465 -19.89 6.97 -19.85
C GLN A 465 -21.10 6.91 -18.92
N SER A 466 -21.16 5.91 -18.04
CA SER A 466 -22.36 5.72 -17.23
C SER A 466 -22.28 6.45 -15.89
N LEU A 467 -21.33 6.05 -15.03
CA LEU A 467 -21.29 6.51 -13.65
C LEU A 467 -19.90 7.06 -13.33
N SER A 468 -19.70 8.36 -13.55
CA SER A 468 -18.47 9.03 -13.17
C SER A 468 -18.76 10.43 -12.61
N ASP A 469 -19.81 10.53 -11.78
CA ASP A 469 -20.26 11.83 -11.32
C ASP A 469 -19.84 12.11 -9.87
N GLN A 470 -19.17 11.16 -9.23
CA GLN A 470 -19.00 11.16 -7.77
C GLN A 470 -17.97 12.19 -7.30
N GLN A 471 -16.82 12.26 -7.99
CA GLN A 471 -15.80 13.23 -7.61
C GLN A 471 -16.20 14.65 -7.99
N VAL A 472 -17.00 14.81 -9.05
CA VAL A 472 -17.52 16.11 -9.43
C VAL A 472 -18.53 16.59 -8.42
N LEU A 473 -19.41 15.70 -7.93
CA LEU A 473 -20.33 16.10 -6.88
C LEU A 473 -19.65 16.24 -5.52
N LYS A 474 -18.46 15.66 -5.34
CA LYS A 474 -17.75 15.87 -4.07
C LYS A 474 -17.11 17.25 -4.04
N VAL A 475 -16.13 17.50 -4.92
CA VAL A 475 -15.16 18.53 -4.56
C VAL A 475 -15.50 19.86 -5.25
N LEU A 476 -16.24 19.80 -6.34
CA LEU A 476 -16.45 21.01 -7.13
C LEU A 476 -17.61 21.81 -6.55
N PRO A 477 -17.61 23.14 -6.71
CA PRO A 477 -18.76 23.93 -6.25
C PRO A 477 -19.98 23.74 -7.12
N ASP A 478 -21.12 24.13 -6.56
CA ASP A 478 -22.42 23.87 -7.19
C ASP A 478 -22.67 24.74 -8.42
N LYS A 479 -21.99 25.89 -8.53
CA LYS A 479 -22.07 26.66 -9.76
C LYS A 479 -21.33 25.98 -10.90
N LEU A 480 -20.15 25.43 -10.61
CA LEU A 480 -19.40 24.71 -11.63
C LEU A 480 -20.00 23.34 -11.90
N GLN A 481 -20.60 22.71 -10.89
CA GLN A 481 -21.34 21.46 -11.11
C GLN A 481 -22.60 21.70 -11.92
N ALA A 482 -23.25 22.84 -11.72
CA ALA A 482 -24.41 23.20 -12.52
C ALA A 482 -24.02 23.52 -13.96
N GLU A 483 -22.86 24.16 -14.14
CA GLU A 483 -22.39 24.47 -15.50
C GLU A 483 -21.93 23.22 -16.24
N ILE A 484 -21.37 22.25 -15.51
CA ILE A 484 -21.04 20.95 -16.09
C ILE A 484 -22.32 20.18 -16.44
N ALA A 485 -23.36 20.30 -15.60
CA ALA A 485 -24.65 19.68 -15.90
C ALA A 485 -25.37 20.35 -17.06
N MET A 486 -25.11 21.63 -17.30
CA MET A 486 -25.61 22.25 -18.53
C MET A 486 -24.85 21.77 -19.75
N GLN A 487 -23.50 21.77 -19.69
CA GLN A 487 -22.72 21.57 -20.91
C GLN A 487 -22.71 20.12 -21.40
N VAL A 488 -22.89 19.15 -20.52
CA VAL A 488 -22.92 17.76 -20.95
C VAL A 488 -24.32 17.37 -21.42
N HIS A 489 -25.33 17.70 -20.63
CA HIS A 489 -26.68 17.16 -20.79
C HIS A 489 -27.56 18.01 -21.69
N PHE A 490 -26.98 18.91 -22.51
CA PHE A 490 -27.75 19.96 -23.18
C PHE A 490 -28.64 19.42 -24.30
N GLU A 491 -28.20 18.34 -24.97
CA GLU A 491 -28.99 17.73 -26.02
C GLU A 491 -30.20 16.98 -25.48
N THR A 492 -30.20 16.61 -24.19
CA THR A 492 -31.39 16.04 -23.59
C THR A 492 -32.20 17.09 -22.85
N LEU A 493 -31.56 18.17 -22.40
CA LEU A 493 -32.34 19.25 -21.78
C LEU A 493 -33.09 20.09 -22.80
N ARG A 494 -32.66 20.08 -24.07
CA ARG A 494 -33.34 20.89 -25.07
C ARG A 494 -34.64 20.27 -25.58
N LYS A 495 -34.88 18.98 -25.32
CA LYS A 495 -36.06 18.32 -25.88
C LYS A 495 -37.17 18.10 -24.86
N VAL A 496 -36.89 18.20 -23.57
CA VAL A 496 -37.81 17.72 -22.55
C VAL A 496 -38.91 18.76 -22.32
N ARG A 497 -40.17 18.28 -22.29
CA ARG A 497 -41.35 19.14 -22.39
C ARG A 497 -41.56 20.00 -21.14
N ILE A 498 -41.20 19.50 -19.96
CA ILE A 498 -41.22 20.38 -18.80
C ILE A 498 -40.02 21.34 -18.84
N PHE A 499 -38.86 20.86 -19.29
CA PHE A 499 -37.61 21.63 -19.23
C PHE A 499 -37.55 22.76 -20.26
N GLN A 500 -38.38 22.71 -21.30
CA GLN A 500 -38.44 23.85 -22.22
C GLN A 500 -39.30 24.98 -21.68
N ASP A 501 -40.17 24.71 -20.71
CA ASP A 501 -41.14 25.68 -20.21
C ASP A 501 -41.10 25.65 -18.68
N CYS A 502 -40.18 26.41 -18.09
CA CYS A 502 -40.12 26.56 -16.64
C CYS A 502 -39.42 27.87 -16.33
N GLU A 503 -39.18 28.08 -15.04
CA GLU A 503 -38.18 29.04 -14.60
C GLU A 503 -36.81 28.39 -14.72
N ALA A 504 -35.79 29.20 -15.01
CA ALA A 504 -34.46 28.67 -15.32
C ALA A 504 -33.72 28.16 -14.09
N GLY A 505 -33.90 28.84 -12.95
CA GLY A 505 -33.32 28.34 -11.72
C GLY A 505 -34.01 27.09 -11.20
N LEU A 506 -35.29 26.90 -11.57
CA LEU A 506 -35.99 25.66 -11.28
C LEU A 506 -35.40 24.50 -12.06
N LEU A 507 -35.05 24.71 -13.33
CA LEU A 507 -34.45 23.63 -14.10
C LEU A 507 -33.00 23.38 -13.70
N ALA A 508 -32.31 24.40 -13.18
CA ALA A 508 -30.98 24.18 -12.60
C ALA A 508 -31.06 23.38 -11.31
N GLU A 509 -32.02 23.71 -10.45
CA GLU A 509 -32.24 22.98 -9.20
C GLU A 509 -32.75 21.57 -9.44
N LEU A 510 -33.43 21.34 -10.56
CA LEU A 510 -33.82 19.97 -10.89
C LEU A 510 -32.68 19.18 -11.51
N VAL A 511 -31.86 19.83 -12.36
CA VAL A 511 -30.81 19.11 -13.06
C VAL A 511 -29.62 18.82 -12.15
N LEU A 512 -29.53 19.45 -10.98
CA LEU A 512 -28.55 18.98 -10.02
C LEU A 512 -28.99 17.70 -9.30
N LYS A 513 -30.29 17.37 -9.31
CA LYS A 513 -30.78 16.23 -8.53
C LYS A 513 -31.12 15.01 -9.37
N LEU A 514 -30.72 14.96 -10.63
CA LEU A 514 -30.99 13.79 -11.45
C LEU A 514 -30.00 12.67 -11.12
N GLN A 515 -30.28 11.48 -11.66
CA GLN A 515 -29.41 10.34 -11.50
C GLN A 515 -29.58 9.41 -12.70
N LEU A 516 -28.60 8.54 -12.90
CA LEU A 516 -28.60 7.61 -14.02
C LEU A 516 -28.90 6.21 -13.50
N GLN A 517 -29.80 5.50 -14.16
CA GLN A 517 -30.00 4.06 -13.94
C GLN A 517 -29.91 3.37 -15.29
N VAL A 518 -28.97 2.42 -15.40
CA VAL A 518 -28.80 1.68 -16.64
C VAL A 518 -29.73 0.47 -16.61
N PHE A 519 -30.39 0.20 -17.73
CA PHE A 519 -31.41 -0.85 -17.81
C PHE A 519 -31.01 -1.90 -18.83
N SER A 520 -31.36 -3.15 -18.54
CA SER A 520 -31.07 -4.27 -19.40
C SER A 520 -32.05 -4.28 -20.59
N PRO A 521 -31.73 -5.00 -21.68
CA PRO A 521 -32.68 -5.03 -22.81
C PRO A 521 -33.96 -5.82 -22.56
N GLY A 522 -34.01 -6.69 -21.56
CA GLY A 522 -35.25 -7.36 -21.26
C GLY A 522 -36.07 -6.72 -20.16
N ASP A 523 -35.51 -5.73 -19.49
CA ASP A 523 -36.05 -5.25 -18.23
C ASP A 523 -37.28 -4.37 -18.44
N PHE A 524 -38.21 -4.48 -17.50
CA PHE A 524 -39.37 -3.60 -17.45
C PHE A 524 -39.05 -2.41 -16.57
N ILE A 525 -39.39 -1.22 -17.05
CA ILE A 525 -39.22 -0.03 -16.23
C ILE A 525 -40.44 0.17 -15.34
N CYS A 526 -41.63 0.10 -15.91
CA CYS A 526 -42.87 0.14 -15.15
C CYS A 526 -43.77 -1.01 -15.59
N LYS A 527 -44.66 -1.41 -14.69
CA LYS A 527 -45.74 -2.32 -15.00
C LYS A 527 -47.04 -1.55 -14.72
N LYS A 528 -48.19 -2.22 -14.85
CA LYS A 528 -49.48 -1.55 -14.73
C LYS A 528 -49.82 -1.17 -13.30
N GLY A 529 -49.25 -1.85 -12.31
CA GLY A 529 -49.70 -1.65 -10.95
C GLY A 529 -48.59 -1.32 -9.97
N ASP A 530 -47.53 -0.67 -10.45
CA ASP A 530 -46.52 -0.19 -9.54
C ASP A 530 -46.85 1.23 -9.09
N ILE A 531 -46.49 1.54 -7.86
CA ILE A 531 -46.69 2.88 -7.33
C ILE A 531 -45.61 3.81 -7.89
N GLY A 532 -46.04 4.94 -8.44
CA GLY A 532 -45.14 5.86 -9.08
C GLY A 532 -44.39 6.75 -8.11
N ARG A 533 -43.08 6.52 -7.98
CA ARG A 533 -42.23 7.35 -7.12
C ARG A 533 -41.09 8.01 -7.89
N GLU A 534 -41.03 7.85 -9.21
CA GLU A 534 -39.90 8.34 -9.98
C GLU A 534 -40.38 8.80 -11.35
N MET A 535 -39.84 9.94 -11.79
CA MET A 535 -40.08 10.46 -13.13
C MET A 535 -38.85 10.24 -14.00
N TYR A 536 -39.06 9.77 -15.22
CA TYR A 536 -37.97 9.30 -16.07
C TYR A 536 -37.79 10.19 -17.29
N ILE A 537 -36.54 10.37 -17.70
CA ILE A 537 -36.17 11.05 -18.93
C ILE A 537 -35.15 10.17 -19.65
N VAL A 538 -35.42 9.82 -20.90
CA VAL A 538 -34.58 8.88 -21.64
C VAL A 538 -33.35 9.63 -22.12
N LYS A 539 -32.21 9.37 -21.48
CA LYS A 539 -30.96 10.01 -21.88
C LYS A 539 -30.40 9.37 -23.14
N ARG A 540 -30.42 8.05 -23.21
CA ARG A 540 -29.95 7.29 -24.37
C ARG A 540 -30.56 5.91 -24.31
N GLY A 541 -31.24 5.52 -25.38
CA GLY A 541 -31.87 4.21 -25.45
C GLY A 541 -33.22 4.29 -26.10
N ARG A 542 -33.78 3.12 -26.41
CA ARG A 542 -35.08 3.02 -27.07
C ARG A 542 -36.05 2.29 -26.15
N LEU A 543 -37.27 2.80 -26.08
CA LEU A 543 -38.28 2.29 -25.17
C LEU A 543 -39.53 1.90 -25.94
N GLN A 544 -40.33 1.04 -25.34
CA GLN A 544 -41.55 0.56 -25.96
C GLN A 544 -42.61 0.36 -24.89
N VAL A 545 -43.82 0.82 -25.17
CA VAL A 545 -44.96 0.47 -24.32
C VAL A 545 -45.65 -0.76 -24.91
N VAL A 546 -46.19 -1.62 -24.05
CA VAL A 546 -46.74 -2.90 -24.46
C VAL A 546 -48.04 -3.18 -23.69
N ASP A 547 -48.67 -4.29 -24.05
CA ASP A 547 -49.84 -4.80 -23.33
C ASP A 547 -49.43 -5.53 -22.06
N ASP A 548 -50.43 -5.99 -21.33
CA ASP A 548 -50.19 -6.76 -20.12
C ASP A 548 -49.69 -8.16 -20.46
N ASP A 549 -50.40 -8.85 -21.34
CA ASP A 549 -49.99 -10.18 -21.80
C ASP A 549 -49.96 -10.32 -23.32
N GLY A 550 -50.52 -9.37 -24.06
CA GLY A 550 -50.57 -9.50 -25.51
C GLY A 550 -49.24 -9.19 -26.18
N LYS A 551 -48.49 -8.24 -25.60
CA LYS A 551 -47.15 -7.79 -26.04
C LYS A 551 -47.18 -7.24 -27.46
N LYS A 552 -47.96 -6.19 -27.66
CA LYS A 552 -48.04 -5.46 -28.92
C LYS A 552 -47.78 -3.99 -28.66
N VAL A 553 -46.91 -3.37 -29.46
CA VAL A 553 -46.43 -2.02 -29.18
C VAL A 553 -47.49 -1.01 -29.59
N PHE A 554 -47.54 0.11 -28.86
CA PHE A 554 -48.41 1.23 -29.22
C PHE A 554 -47.62 2.40 -29.77
N VAL A 555 -46.68 2.95 -28.99
CA VAL A 555 -45.73 3.95 -29.46
C VAL A 555 -44.34 3.51 -29.04
N THR A 556 -43.34 4.08 -29.70
CA THR A 556 -41.94 3.80 -29.42
C THR A 556 -41.32 5.07 -28.85
N LEU A 557 -41.06 5.08 -27.55
CA LEU A 557 -40.47 6.24 -26.89
C LEU A 557 -39.00 6.29 -27.22
N GLN A 558 -38.61 7.28 -28.01
CA GLN A 558 -37.23 7.43 -28.45
C GLN A 558 -36.39 8.16 -27.41
N GLU A 559 -35.21 8.59 -27.84
CA GLU A 559 -34.34 9.40 -27.00
C GLU A 559 -34.94 10.78 -26.79
N GLY A 560 -34.79 11.31 -25.58
CA GLY A 560 -35.30 12.63 -25.25
C GLY A 560 -36.75 12.66 -24.80
N SER A 561 -37.49 11.58 -24.99
CA SER A 561 -38.90 11.55 -24.61
C SER A 561 -39.03 11.41 -23.10
N VAL A 562 -40.04 12.08 -22.57
CA VAL A 562 -40.26 12.16 -21.13
C VAL A 562 -41.57 11.46 -20.79
N PHE A 563 -41.53 10.61 -19.75
CA PHE A 563 -42.73 9.94 -19.29
C PHE A 563 -42.60 9.73 -17.79
N GLY A 564 -43.72 9.35 -17.18
CA GLY A 564 -43.73 9.08 -15.76
C GLY A 564 -43.88 10.29 -14.88
N GLU A 565 -44.44 11.38 -15.39
CA GLU A 565 -44.59 12.58 -14.58
C GLU A 565 -46.00 12.75 -14.04
N LEU A 566 -47.01 12.17 -14.70
CA LEU A 566 -48.38 12.23 -14.19
C LEU A 566 -48.65 11.16 -13.15
N SER A 567 -47.88 10.06 -13.16
CA SER A 567 -48.11 8.97 -12.23
C SER A 567 -47.61 9.30 -10.83
N ILE A 568 -46.78 10.33 -10.67
CA ILE A 568 -46.35 10.75 -9.34
C ILE A 568 -47.10 11.98 -8.84
N LEU A 569 -47.98 12.57 -9.65
CA LEU A 569 -48.74 13.72 -9.18
C LEU A 569 -49.95 13.27 -8.37
N ASN A 570 -50.34 14.11 -7.42
CA ASN A 570 -51.30 13.73 -6.40
C ASN A 570 -52.73 14.21 -6.66
N ILE A 571 -53.06 14.50 -7.92
CA ILE A 571 -54.42 14.94 -8.25
C ILE A 571 -55.35 13.72 -8.24
N ALA A 572 -56.43 13.82 -7.47
CA ALA A 572 -57.41 12.74 -7.36
C ALA A 572 -58.37 12.68 -8.54
N GLY A 573 -58.33 13.66 -9.45
CA GLY A 573 -59.10 13.58 -10.68
C GLY A 573 -58.60 12.52 -11.64
N SER A 574 -57.32 12.16 -11.57
CA SER A 574 -56.79 10.99 -12.26
C SER A 574 -57.13 9.77 -11.42
N LYS A 575 -57.76 8.78 -12.05
CA LYS A 575 -58.33 7.65 -11.31
C LYS A 575 -57.27 6.67 -10.85
N ASN A 576 -56.11 6.62 -11.50
CA ASN A 576 -55.05 5.71 -11.08
C ASN A 576 -54.26 6.28 -9.91
N GLY A 577 -54.04 7.60 -9.92
CA GLY A 577 -53.33 8.26 -8.83
C GLY A 577 -51.85 7.97 -8.85
N ASN A 578 -51.39 7.16 -7.89
CA ASN A 578 -49.99 6.78 -7.83
C ASN A 578 -49.67 5.59 -8.73
N ARG A 579 -50.68 4.91 -9.27
CA ARG A 579 -50.42 3.77 -10.13
C ARG A 579 -49.98 4.21 -11.51
N ARG A 580 -49.16 3.38 -12.15
CA ARG A 580 -48.67 3.70 -13.48
C ARG A 580 -49.76 3.45 -14.52
N THR A 581 -49.74 4.27 -15.57
CA THR A 581 -50.78 4.17 -16.59
C THR A 581 -50.51 3.08 -17.61
N ALA A 582 -49.26 2.68 -17.81
CA ALA A 582 -48.94 1.76 -18.89
C ALA A 582 -47.72 0.93 -18.55
N ASN A 583 -47.65 -0.24 -19.19
CA ASN A 583 -46.44 -1.04 -19.21
C ASN A 583 -45.36 -0.35 -20.04
N VAL A 584 -44.13 -0.35 -19.53
CA VAL A 584 -43.00 0.29 -20.20
C VAL A 584 -41.83 -0.68 -20.19
N ARG A 585 -41.34 -1.03 -21.37
CA ARG A 585 -40.26 -2.00 -21.53
C ARG A 585 -39.16 -1.37 -22.37
N SER A 586 -37.92 -1.47 -21.90
CA SER A 586 -36.78 -0.99 -22.67
C SER A 586 -36.45 -1.99 -23.76
N VAL A 587 -36.06 -1.48 -24.93
CA VAL A 587 -35.78 -2.35 -26.06
C VAL A 587 -34.36 -2.90 -25.97
N GLY A 588 -33.37 -2.02 -26.01
CA GLY A 588 -32.00 -2.40 -25.80
C GLY A 588 -31.52 -1.88 -24.46
N TYR A 589 -30.23 -1.58 -24.35
CA TYR A 589 -29.73 -0.96 -23.13
C TYR A 589 -30.17 0.49 -23.08
N THR A 590 -30.39 1.00 -21.87
CA THR A 590 -31.10 2.25 -21.69
C THR A 590 -30.49 3.01 -20.52
N ASP A 591 -30.00 4.22 -20.77
CA ASP A 591 -29.73 5.14 -19.67
C ASP A 591 -30.92 6.07 -19.48
N LEU A 592 -31.28 6.28 -18.23
CA LEU A 592 -32.44 7.09 -17.88
C LEU A 592 -32.05 8.16 -16.90
N PHE A 593 -32.35 9.41 -17.22
CA PHE A 593 -32.31 10.47 -16.24
C PHE A 593 -33.52 10.30 -15.33
N VAL A 594 -33.27 10.01 -14.07
CA VAL A 594 -34.31 9.59 -13.15
C VAL A 594 -34.49 10.68 -12.10
N LEU A 595 -35.62 11.39 -12.19
CA LEU A 595 -35.98 12.40 -11.21
C LEU A 595 -36.96 11.79 -10.23
N SER A 596 -36.69 11.93 -8.93
CA SER A 596 -37.52 11.30 -7.93
C SER A 596 -38.80 12.09 -7.69
N LYS A 597 -39.68 11.52 -6.87
CA LYS A 597 -40.91 12.20 -6.50
C LYS A 597 -40.63 13.35 -5.53
N THR A 598 -39.79 13.08 -4.53
CA THR A 598 -39.62 13.98 -3.39
C THR A 598 -38.85 15.24 -3.75
N ASP A 599 -37.77 15.10 -4.52
CA ASP A 599 -36.94 16.26 -4.87
C ASP A 599 -37.65 17.17 -5.86
N LEU A 600 -38.41 16.57 -6.79
CA LEU A 600 -39.22 17.35 -7.71
C LEU A 600 -40.37 18.04 -6.97
N TRP A 601 -40.92 17.37 -5.95
CA TRP A 601 -42.01 17.99 -5.19
C TRP A 601 -41.53 19.12 -4.29
N ASN A 602 -40.29 19.02 -3.80
CA ASN A 602 -39.66 20.14 -3.10
C ASN A 602 -39.41 21.33 -4.03
N ALA A 603 -38.80 21.07 -5.20
CA ALA A 603 -38.47 22.17 -6.12
C ALA A 603 -39.70 22.77 -6.77
N LEU A 604 -40.76 22.00 -6.94
CA LEU A 604 -42.03 22.55 -7.42
C LEU A 604 -42.87 23.12 -6.30
N ARG A 605 -42.56 22.81 -5.04
CA ARG A 605 -43.14 23.55 -3.93
C ARG A 605 -42.54 24.94 -3.83
N GLU A 606 -41.24 25.07 -4.14
CA GLU A 606 -40.63 26.41 -4.10
C GLU A 606 -41.00 27.30 -5.28
N TYR A 607 -41.62 26.77 -6.34
CA TYR A 607 -42.01 27.56 -7.51
C TYR A 607 -43.47 27.29 -7.83
N PRO A 608 -44.37 28.21 -7.48
CA PRO A 608 -45.81 27.92 -7.62
C PRO A 608 -46.35 28.08 -9.03
N ASP A 609 -45.78 28.99 -9.85
CA ASP A 609 -46.39 29.30 -11.14
C ASP A 609 -46.18 28.19 -12.16
N ALA A 610 -45.00 27.56 -12.13
CA ALA A 610 -44.77 26.38 -12.95
C ALA A 610 -45.58 25.18 -12.47
N ARG A 611 -45.91 25.14 -11.18
CA ARG A 611 -46.84 24.14 -10.66
C ARG A 611 -48.25 24.35 -11.21
N LYS A 612 -48.69 25.61 -11.36
CA LYS A 612 -49.97 25.89 -12.04
C LYS A 612 -49.93 25.50 -13.52
N LEU A 613 -48.77 25.70 -14.18
CA LEU A 613 -48.64 25.28 -15.58
C LEU A 613 -48.66 23.76 -15.74
N LEU A 614 -47.92 23.02 -14.90
CA LEU A 614 -47.93 21.56 -14.98
C LEU A 614 -49.26 20.96 -14.52
N LEU A 615 -49.97 21.64 -13.61
CA LEU A 615 -51.31 21.22 -13.25
C LEU A 615 -52.29 21.41 -14.41
N ALA A 616 -52.14 22.51 -15.18
CA ALA A 616 -52.97 22.72 -16.36
C ALA A 616 -52.63 21.72 -17.48
N LYS A 617 -51.36 21.31 -17.58
CA LYS A 617 -51.01 20.23 -18.51
C LYS A 617 -51.58 18.89 -18.04
N GLY A 618 -51.72 18.72 -16.72
CA GLY A 618 -52.43 17.57 -16.19
C GLY A 618 -53.91 17.57 -16.54
N ARG A 619 -54.53 18.76 -16.56
CA ARG A 619 -55.93 18.83 -17.04
C ARG A 619 -56.04 18.55 -18.53
N GLU A 620 -55.03 18.94 -19.33
CA GLU A 620 -55.09 18.65 -20.76
C GLU A 620 -54.87 17.17 -21.06
N ILE A 621 -53.99 16.51 -20.30
CA ILE A 621 -53.81 15.07 -20.53
C ILE A 621 -54.95 14.28 -19.88
N LEU A 622 -55.68 14.86 -18.91
CA LEU A 622 -56.86 14.20 -18.39
C LEU A 622 -58.03 14.32 -19.37
N LYS A 623 -58.16 15.45 -20.06
CA LYS A 623 -59.23 15.54 -21.06
C LYS A 623 -58.82 14.97 -22.42
N LYS A 624 -57.55 14.64 -22.63
CA LYS A 624 -57.17 13.90 -23.84
C LYS A 624 -57.14 12.40 -23.57
N VAL B 108 -22.31 -20.01 -54.65
CA VAL B 108 -23.19 -18.84 -54.66
C VAL B 108 -23.83 -18.67 -53.29
N ARG B 109 -23.84 -19.75 -52.51
CA ARG B 109 -24.46 -19.74 -51.19
C ARG B 109 -23.63 -18.94 -50.19
N ILE B 110 -22.29 -19.10 -50.24
CA ILE B 110 -21.44 -18.30 -49.38
C ILE B 110 -21.36 -16.85 -49.88
N ARG B 111 -21.63 -16.59 -51.16
CA ARG B 111 -21.66 -15.22 -51.64
C ARG B 111 -22.92 -14.50 -51.16
N LYS B 112 -24.08 -15.16 -51.22
CA LYS B 112 -25.29 -14.55 -50.69
C LYS B 112 -25.34 -14.57 -49.18
N TYR B 113 -24.52 -15.41 -48.52
CA TYR B 113 -24.38 -15.31 -47.07
C TYR B 113 -23.47 -14.14 -46.67
N LEU B 114 -22.35 -13.95 -47.37
CA LEU B 114 -21.43 -12.89 -47.03
C LEU B 114 -21.83 -11.53 -47.59
N ALA B 115 -22.85 -11.48 -48.46
CA ALA B 115 -23.33 -10.20 -48.95
C ALA B 115 -24.12 -9.43 -47.89
N ASN B 116 -24.68 -10.11 -46.90
CA ASN B 116 -25.42 -9.46 -45.84
C ASN B 116 -25.05 -9.99 -44.46
N TYR B 117 -23.79 -10.33 -44.23
CA TYR B 117 -23.34 -10.73 -42.90
C TYR B 117 -22.96 -9.49 -42.10
N THR B 118 -23.31 -9.48 -40.82
CA THR B 118 -22.96 -8.41 -39.91
C THR B 118 -22.70 -8.99 -38.54
N GLN B 119 -21.54 -8.69 -37.96
CA GLN B 119 -21.11 -9.33 -36.73
C GLN B 119 -21.70 -8.64 -35.51
N ASP B 120 -22.23 -9.45 -34.60
CA ASP B 120 -22.64 -8.99 -33.28
C ASP B 120 -21.45 -9.07 -32.35
N PRO B 121 -20.96 -7.95 -31.79
CA PRO B 121 -19.77 -8.01 -30.94
C PRO B 121 -20.03 -8.57 -29.56
N SER B 122 -21.28 -8.61 -29.11
CA SER B 122 -21.60 -9.05 -27.77
C SER B 122 -21.70 -10.56 -27.64
N THR B 123 -21.66 -11.30 -28.75
CA THR B 123 -21.87 -12.74 -28.71
C THR B 123 -20.65 -13.48 -28.16
N ASP B 124 -20.82 -14.77 -27.95
CA ASP B 124 -19.71 -15.58 -27.44
C ASP B 124 -18.80 -16.04 -28.56
N ASN B 125 -19.34 -16.19 -29.78
CA ASN B 125 -18.53 -16.60 -30.93
C ASN B 125 -17.54 -15.52 -31.32
N PHE B 126 -17.92 -14.25 -31.15
CA PHE B 126 -16.96 -13.17 -31.36
C PHE B 126 -15.89 -13.15 -30.29
N TYR B 127 -16.22 -13.55 -29.06
CA TYR B 127 -15.21 -13.60 -28.01
C TYR B 127 -14.22 -14.74 -28.25
N TYR B 128 -14.70 -15.86 -28.78
CA TYR B 128 -13.78 -16.94 -29.14
C TYR B 128 -12.95 -16.57 -30.36
N TRP B 129 -13.49 -15.71 -31.23
CA TRP B 129 -12.67 -15.15 -32.30
C TRP B 129 -11.60 -14.20 -31.79
N THR B 130 -11.89 -13.44 -30.72
CA THR B 130 -10.85 -12.60 -30.12
C THR B 130 -9.78 -13.43 -29.41
N CYS B 131 -10.14 -14.63 -28.94
CA CYS B 131 -9.12 -15.56 -28.47
C CYS B 131 -8.24 -16.09 -29.61
N VAL B 132 -8.82 -16.28 -30.80
CA VAL B 132 -8.04 -16.71 -31.96
C VAL B 132 -7.09 -15.59 -32.44
N VAL B 133 -7.56 -14.34 -32.41
CA VAL B 133 -6.72 -13.19 -32.75
C VAL B 133 -5.64 -12.95 -31.68
N THR B 134 -5.91 -13.30 -30.42
CA THR B 134 -4.90 -13.26 -29.37
C THR B 134 -3.81 -14.30 -29.56
N VAL B 135 -4.18 -15.49 -30.04
CA VAL B 135 -3.20 -16.54 -30.36
C VAL B 135 -2.30 -16.13 -31.52
N ALA B 136 -2.89 -15.50 -32.55
CA ALA B 136 -2.10 -15.03 -33.69
C ALA B 136 -1.20 -13.85 -33.32
N TYR B 137 -1.67 -13.00 -32.41
CA TYR B 137 -0.86 -11.89 -31.93
C TYR B 137 0.31 -12.35 -31.07
N ILE B 138 0.10 -13.39 -30.25
CA ILE B 138 1.18 -13.88 -29.41
C ILE B 138 2.22 -14.62 -30.26
N TYR B 139 1.77 -15.24 -31.36
CA TYR B 139 2.69 -15.80 -32.37
C TYR B 139 3.58 -14.73 -32.98
N ASN B 140 2.98 -13.61 -33.38
CA ASN B 140 3.75 -12.51 -33.96
C ASN B 140 4.70 -11.90 -32.93
N LEU B 141 4.20 -11.66 -31.71
CA LEU B 141 4.91 -10.98 -30.63
C LEU B 141 6.13 -11.76 -30.13
N LEU B 142 6.10 -13.08 -30.21
CA LEU B 142 7.31 -13.84 -29.91
C LEU B 142 8.19 -14.03 -31.14
N PHE B 143 7.63 -14.60 -32.20
CA PHE B 143 8.50 -15.18 -33.19
C PHE B 143 8.98 -14.21 -34.24
N VAL B 144 8.51 -12.96 -34.27
CA VAL B 144 9.11 -12.05 -35.25
C VAL B 144 10.46 -11.54 -34.76
N ILE B 145 10.61 -11.35 -33.45
CA ILE B 145 11.89 -10.87 -32.96
C ILE B 145 12.82 -12.06 -32.74
N ALA B 146 12.26 -13.27 -32.51
CA ALA B 146 13.09 -14.45 -32.50
C ALA B 146 13.63 -14.80 -33.87
N ARG B 147 12.83 -14.58 -34.92
CA ARG B 147 13.28 -14.85 -36.27
C ARG B 147 14.23 -13.78 -36.79
N GLN B 148 14.10 -12.54 -36.31
CA GLN B 148 15.03 -11.50 -36.72
C GLN B 148 16.39 -11.70 -36.07
N VAL B 149 16.42 -11.90 -34.75
CA VAL B 149 17.69 -11.97 -34.05
C VAL B 149 18.33 -13.34 -34.21
N PHE B 150 17.62 -14.40 -33.82
CA PHE B 150 18.17 -15.75 -33.92
C PHE B 150 17.80 -16.29 -35.29
N ASN B 151 18.59 -15.90 -36.29
CA ASN B 151 18.23 -16.16 -37.67
C ASN B 151 18.60 -17.56 -38.16
N ASP B 152 19.05 -18.43 -37.26
CA ASP B 152 19.14 -19.86 -37.54
C ASP B 152 17.84 -20.60 -37.25
N LEU B 153 16.77 -19.89 -36.90
CA LEU B 153 15.49 -20.53 -36.68
C LEU B 153 14.84 -20.96 -37.97
N ILE B 154 15.18 -20.33 -39.08
CA ILE B 154 14.66 -20.69 -40.38
C ILE B 154 15.66 -21.52 -41.18
N GLY B 155 16.63 -22.12 -40.52
CA GLY B 155 17.79 -22.65 -41.21
C GLY B 155 18.90 -21.63 -41.13
N PRO B 156 20.16 -22.09 -41.08
CA PRO B 156 21.25 -21.14 -40.83
C PRO B 156 21.59 -20.23 -41.99
N SER B 157 21.51 -20.72 -43.23
CA SER B 157 21.80 -20.01 -44.49
C SER B 157 23.25 -19.53 -44.62
N SER B 158 24.15 -20.04 -43.79
CA SER B 158 25.58 -19.70 -43.81
C SER B 158 26.27 -20.78 -43.01
N GLN B 159 27.16 -21.56 -43.63
CA GLN B 159 27.79 -22.64 -42.91
C GLN B 159 28.91 -22.12 -42.03
N SER B 160 28.99 -22.66 -40.82
CA SER B 160 30.04 -22.25 -39.90
C SER B 160 31.34 -22.95 -40.27
N LEU B 161 32.41 -22.18 -40.40
CA LEU B 161 33.70 -22.68 -40.84
C LEU B 161 34.72 -22.51 -39.72
N CYS B 162 34.92 -23.53 -38.91
CA CYS B 162 35.93 -23.45 -37.87
C CYS B 162 37.30 -23.74 -38.44
N ARG B 163 38.31 -23.10 -37.85
CA ARG B 163 39.69 -23.42 -38.16
C ARG B 163 40.08 -24.69 -37.43
N PHE B 164 40.74 -25.61 -38.15
CA PHE B 164 40.96 -26.94 -37.60
C PHE B 164 42.36 -27.42 -37.97
N TYR B 165 43.03 -28.04 -37.01
CA TYR B 165 44.35 -28.62 -37.22
C TYR B 165 44.24 -30.13 -37.13
N ASN B 166 44.10 -30.78 -38.28
CA ASN B 166 44.16 -32.23 -38.33
C ASN B 166 45.62 -32.68 -38.30
N GLY B 167 45.92 -33.59 -37.38
CA GLY B 167 47.29 -34.09 -37.25
C GLY B 167 47.73 -35.00 -38.37
N THR B 168 46.79 -35.63 -39.06
CA THR B 168 47.11 -36.48 -40.20
C THR B 168 47.54 -35.67 -41.41
N LEU B 169 46.89 -34.52 -41.65
CA LEU B 169 47.29 -33.65 -42.74
C LEU B 169 48.54 -32.85 -42.41
N ASN B 170 48.80 -32.62 -41.10
CA ASN B 170 49.81 -31.70 -40.56
C ASN B 170 49.64 -30.30 -41.16
N SER B 171 48.40 -29.80 -41.09
CA SER B 171 48.06 -28.51 -41.67
C SER B 171 46.85 -27.96 -40.94
N THR B 172 46.75 -26.63 -40.90
CA THR B 172 45.67 -25.94 -40.22
C THR B 172 44.72 -25.40 -41.28
N THR B 173 43.59 -26.07 -41.47
CA THR B 173 42.65 -25.78 -42.54
C THR B 173 41.30 -25.37 -41.97
N GLN B 174 40.51 -24.69 -42.79
CA GLN B 174 39.14 -24.33 -42.44
C GLN B 174 38.19 -25.38 -42.98
N VAL B 175 37.52 -26.09 -42.07
CA VAL B 175 36.49 -27.05 -42.43
C VAL B 175 35.20 -26.65 -41.74
N GLU B 176 34.11 -27.33 -42.09
CA GLU B 176 32.82 -27.05 -41.49
C GLU B 176 32.79 -27.57 -40.05
N CYS B 177 32.18 -26.77 -39.17
CA CYS B 177 32.23 -27.06 -37.74
C CYS B 177 31.30 -28.21 -37.37
N THR B 178 31.87 -29.25 -36.77
CA THR B 178 31.07 -30.25 -36.10
C THR B 178 30.82 -29.79 -34.67
N TYR B 179 30.19 -30.65 -33.86
CA TYR B 179 29.82 -30.23 -32.52
C TYR B 179 31.00 -30.34 -31.55
N ASN B 180 32.06 -31.03 -31.94
CA ASN B 180 33.25 -31.07 -31.10
C ASN B 180 34.16 -29.88 -31.35
N MET B 181 33.92 -29.16 -32.44
CA MET B 181 34.74 -28.00 -32.75
C MET B 181 34.11 -26.72 -32.27
N LEU B 182 32.81 -26.73 -31.99
CA LEU B 182 32.16 -25.65 -31.29
C LEU B 182 32.27 -25.79 -29.79
N THR B 183 32.62 -26.97 -29.31
CA THR B 183 32.90 -27.19 -27.90
C THR B 183 34.35 -26.83 -27.63
N ASN B 184 34.57 -25.91 -26.68
CA ASN B 184 35.88 -25.43 -26.21
C ASN B 184 36.71 -24.82 -27.33
N MET B 185 36.22 -23.73 -27.91
CA MET B 185 36.93 -23.15 -29.04
C MET B 185 37.78 -21.98 -28.62
N LYS B 186 38.80 -21.71 -29.42
CA LYS B 186 39.71 -20.61 -29.17
C LYS B 186 39.31 -19.34 -29.91
N GLU B 187 38.57 -19.47 -31.00
CA GLU B 187 38.03 -18.33 -31.71
C GLU B 187 36.66 -18.69 -32.25
N MET B 188 35.87 -17.67 -32.58
CA MET B 188 34.52 -17.92 -33.05
C MET B 188 34.56 -18.37 -34.51
N PRO B 189 33.61 -19.20 -34.95
CA PRO B 189 33.63 -19.67 -36.33
C PRO B 189 33.24 -18.59 -37.32
N THR B 190 33.97 -18.54 -38.43
CA THR B 190 33.64 -17.62 -39.51
C THR B 190 32.56 -18.23 -40.37
N TYR B 191 31.63 -17.40 -40.80
CA TYR B 191 30.48 -17.86 -41.56
C TYR B 191 30.68 -17.53 -43.03
N SER B 192 30.38 -18.51 -43.88
CA SER B 192 30.37 -18.31 -45.32
C SER B 192 29.02 -18.75 -45.83
N GLN B 193 28.43 -17.95 -46.72
CA GLN B 193 27.07 -18.15 -47.16
C GLN B 193 26.94 -19.35 -48.09
N TYR B 194 25.79 -20.00 -48.04
CA TYR B 194 25.44 -20.96 -49.07
C TYR B 194 25.13 -20.21 -50.36
N PRO B 195 25.29 -20.86 -51.52
CA PRO B 195 24.88 -20.19 -52.77
C PRO B 195 23.38 -20.06 -52.92
N ASP B 196 22.61 -20.95 -52.30
CA ASP B 196 21.16 -20.86 -52.33
C ASP B 196 20.58 -20.29 -51.04
N LEU B 197 21.45 -19.84 -50.12
CA LEU B 197 21.12 -19.38 -48.77
C LEU B 197 20.31 -20.41 -47.99
N GLY B 198 20.76 -21.67 -48.05
CA GLY B 198 20.21 -22.72 -47.24
C GLY B 198 18.86 -23.25 -47.66
N TRP B 199 18.36 -22.86 -48.83
CA TRP B 199 17.03 -23.29 -49.25
C TRP B 199 17.01 -24.73 -49.72
N SER B 200 18.14 -25.30 -50.09
CA SER B 200 18.17 -26.68 -50.53
C SER B 200 18.18 -27.68 -49.40
N LYS B 201 18.40 -27.23 -48.16
CA LYS B 201 18.42 -28.10 -47.01
C LYS B 201 17.32 -27.79 -46.02
N TYR B 202 16.94 -26.53 -45.89
CA TYR B 202 16.06 -26.07 -44.83
C TYR B 202 14.74 -25.52 -45.38
N TRP B 203 14.31 -26.05 -46.53
CA TRP B 203 13.03 -25.65 -47.08
C TRP B 203 11.86 -26.21 -46.28
N HIS B 204 12.06 -27.29 -45.53
CA HIS B 204 10.97 -27.80 -44.70
C HIS B 204 10.72 -26.93 -43.49
N PHE B 205 11.79 -26.41 -42.86
CA PHE B 205 11.64 -25.43 -41.79
C PHE B 205 11.10 -24.11 -42.32
N ARG B 206 11.54 -23.71 -43.52
CA ARG B 206 11.06 -22.47 -44.08
C ARG B 206 9.61 -22.55 -44.56
N MET B 207 9.15 -23.72 -45.01
CA MET B 207 7.76 -23.86 -45.38
C MET B 207 6.86 -24.05 -44.16
N LEU B 208 7.41 -24.57 -43.05
CA LEU B 208 6.66 -24.55 -41.80
C LEU B 208 6.45 -23.15 -41.27
N TRP B 209 7.49 -22.31 -41.33
CA TRP B 209 7.34 -20.91 -40.92
C TRP B 209 6.44 -20.14 -41.87
N VAL B 210 6.51 -20.45 -43.18
CA VAL B 210 5.66 -19.80 -44.18
C VAL B 210 4.20 -20.20 -44.00
N PHE B 211 3.94 -21.46 -43.63
CA PHE B 211 2.58 -21.92 -43.38
C PHE B 211 1.98 -21.29 -42.14
N PHE B 212 2.76 -21.15 -41.07
CA PHE B 212 2.21 -20.49 -39.88
C PHE B 212 2.07 -18.99 -40.07
N ASP B 213 2.92 -18.37 -40.90
CA ASP B 213 2.76 -16.96 -41.23
C ASP B 213 1.53 -16.71 -42.08
N LEU B 214 1.26 -17.61 -43.03
CA LEU B 214 0.05 -17.49 -43.85
C LEU B 214 -1.20 -17.79 -43.05
N LEU B 215 -1.11 -18.69 -42.05
CA LEU B 215 -2.27 -18.99 -41.20
C LEU B 215 -2.62 -17.82 -40.30
N MET B 216 -1.62 -17.16 -39.71
CA MET B 216 -1.94 -16.01 -38.87
C MET B 216 -2.28 -14.77 -39.69
N ASP B 217 -1.82 -14.70 -40.94
CA ASP B 217 -2.30 -13.60 -41.78
C ASP B 217 -3.69 -13.84 -42.33
N CYS B 218 -4.10 -15.11 -42.50
CA CYS B 218 -5.50 -15.39 -42.80
C CYS B 218 -6.40 -15.11 -41.61
N VAL B 219 -5.91 -15.33 -40.39
CA VAL B 219 -6.64 -14.95 -39.18
C VAL B 219 -6.80 -13.43 -39.10
N TYR B 220 -5.76 -12.69 -39.51
CA TYR B 220 -5.83 -11.23 -39.58
C TYR B 220 -6.78 -10.75 -40.68
N LEU B 221 -6.88 -11.49 -41.79
CA LEU B 221 -7.79 -11.09 -42.86
C LEU B 221 -9.24 -11.34 -42.51
N ILE B 222 -9.53 -12.46 -41.83
CA ILE B 222 -10.90 -12.74 -41.39
C ILE B 222 -11.29 -11.78 -40.27
N ASP B 223 -10.33 -11.37 -39.43
CA ASP B 223 -10.60 -10.33 -38.44
C ASP B 223 -10.82 -8.95 -39.08
N THR B 224 -10.18 -8.68 -40.22
CA THR B 224 -10.45 -7.44 -40.95
C THR B 224 -11.83 -7.47 -41.59
N PHE B 225 -12.27 -8.64 -42.07
CA PHE B 225 -13.62 -8.75 -42.60
C PHE B 225 -14.68 -8.64 -41.51
N LEU B 226 -14.40 -9.14 -40.31
CA LEU B 226 -15.35 -8.93 -39.21
C LEU B 226 -15.32 -7.50 -38.71
N ASN B 227 -14.19 -6.80 -38.85
CA ASN B 227 -14.16 -5.36 -38.59
C ASN B 227 -14.98 -4.59 -39.62
N TYR B 228 -14.99 -5.05 -40.86
CA TYR B 228 -15.72 -4.38 -41.93
C TYR B 228 -17.23 -4.55 -41.77
N ARG B 229 -17.66 -5.61 -41.09
CA ARG B 229 -19.07 -5.88 -40.86
C ARG B 229 -19.38 -5.95 -39.37
N MET B 230 -18.85 -5.02 -38.59
CA MET B 230 -19.05 -5.05 -37.15
C MET B 230 -20.25 -4.20 -36.77
N GLY B 231 -21.13 -4.75 -35.95
CA GLY B 231 -22.32 -4.04 -35.53
C GLY B 231 -22.10 -3.08 -34.39
N TYR B 232 -22.04 -1.79 -34.72
CA TYR B 232 -21.86 -0.77 -33.69
C TYR B 232 -23.14 -0.57 -32.90
N MET B 233 -23.00 -0.23 -31.63
CA MET B 233 -24.15 -0.02 -30.75
C MET B 233 -24.66 1.41 -30.88
N ASP B 234 -25.88 1.57 -31.38
CA ASP B 234 -26.40 2.89 -31.68
C ASP B 234 -27.20 3.47 -30.52
N GLN B 235 -28.30 2.80 -30.16
CA GLN B 235 -29.20 3.31 -29.14
C GLN B 235 -29.40 2.24 -28.07
N GLY B 236 -28.32 1.60 -27.66
CA GLY B 236 -28.42 0.41 -26.82
C GLY B 236 -28.61 -0.88 -27.58
N LEU B 237 -28.90 -0.82 -28.88
CA LEU B 237 -29.00 -1.99 -29.72
C LEU B 237 -27.88 -1.96 -30.75
N VAL B 238 -27.48 -3.13 -31.18
CA VAL B 238 -26.50 -3.22 -32.25
C VAL B 238 -27.20 -2.99 -33.58
N VAL B 239 -26.45 -2.53 -34.56
CA VAL B 239 -26.97 -2.30 -35.91
C VAL B 239 -26.56 -3.47 -36.77
N ARG B 240 -27.52 -4.10 -37.43
CA ARG B 240 -27.23 -5.31 -38.19
C ARG B 240 -27.50 -5.15 -39.68
N GLU B 241 -27.76 -3.93 -40.14
CA GLU B 241 -27.89 -3.68 -41.57
C GLU B 241 -26.53 -3.33 -42.15
N ALA B 242 -26.28 -3.80 -43.38
CA ALA B 242 -24.93 -3.87 -43.94
C ALA B 242 -24.40 -2.50 -44.34
N GLU B 243 -25.27 -1.63 -44.88
CA GLU B 243 -24.83 -0.32 -45.34
C GLU B 243 -24.46 0.60 -44.19
N LYS B 244 -25.15 0.46 -43.07
CA LYS B 244 -24.85 1.29 -41.89
C LYS B 244 -23.54 0.87 -41.24
N VAL B 245 -23.26 -0.43 -41.18
CA VAL B 245 -22.03 -0.86 -40.52
C VAL B 245 -20.81 -0.67 -41.43
N THR B 246 -20.97 -0.76 -42.77
CA THR B 246 -19.82 -0.43 -43.61
C THR B 246 -19.59 1.08 -43.69
N LYS B 247 -20.65 1.88 -43.61
CA LYS B 247 -20.47 3.33 -43.59
C LYS B 247 -19.85 3.79 -42.26
N ALA B 248 -20.24 3.16 -41.15
CA ALA B 248 -19.62 3.48 -39.87
C ALA B 248 -18.23 2.86 -39.75
N TYR B 249 -17.91 1.87 -40.57
CA TYR B 249 -16.53 1.41 -40.64
C TYR B 249 -15.65 2.41 -41.39
N TRP B 250 -16.11 2.89 -42.55
CA TRP B 250 -15.31 3.81 -43.34
C TRP B 250 -15.23 5.20 -42.74
N GLN B 251 -16.16 5.57 -41.86
CA GLN B 251 -16.06 6.86 -41.19
C GLN B 251 -15.22 6.82 -39.92
N SER B 252 -14.99 5.65 -39.34
CA SER B 252 -14.32 5.58 -38.04
C SER B 252 -12.81 5.52 -38.13
N LYS B 253 -12.26 5.44 -39.36
CA LYS B 253 -10.83 5.29 -39.67
C LYS B 253 -10.23 4.04 -39.01
N GLN B 254 -10.98 2.94 -39.01
CA GLN B 254 -10.46 1.65 -38.60
C GLN B 254 -9.68 0.99 -39.72
N TYR B 255 -9.91 1.44 -40.96
CA TYR B 255 -9.27 0.83 -42.12
C TYR B 255 -7.79 1.15 -42.21
N ARG B 256 -7.31 2.22 -41.59
CA ARG B 256 -5.88 2.47 -41.60
C ARG B 256 -5.15 1.56 -40.61
N ILE B 257 -5.75 1.28 -39.45
CA ILE B 257 -5.15 0.36 -38.49
C ILE B 257 -5.23 -1.07 -39.03
N ASP B 258 -6.31 -1.39 -39.74
CA ASP B 258 -6.39 -2.69 -40.40
C ASP B 258 -5.50 -2.78 -41.64
N GLY B 259 -5.12 -1.66 -42.23
CA GLY B 259 -4.35 -1.71 -43.46
C GLY B 259 -2.86 -1.65 -43.27
N ILE B 260 -2.40 -0.96 -42.23
CA ILE B 260 -0.97 -0.98 -41.90
C ILE B 260 -0.59 -2.36 -41.35
N SER B 261 -1.51 -3.01 -40.65
CA SER B 261 -1.27 -4.33 -40.08
C SER B 261 -1.46 -5.47 -41.06
N LEU B 262 -1.50 -5.21 -42.37
CA LEU B 262 -1.62 -6.28 -43.35
C LEU B 262 -0.76 -6.04 -44.57
N ILE B 263 0.23 -5.15 -44.50
CA ILE B 263 1.11 -4.89 -45.64
C ILE B 263 2.03 -6.09 -45.79
N PRO B 264 1.98 -6.80 -46.90
CA PRO B 264 2.77 -8.04 -47.02
C PRO B 264 4.20 -7.78 -47.47
N LEU B 265 4.94 -7.01 -46.68
CA LEU B 265 6.36 -6.82 -46.91
C LEU B 265 7.16 -8.04 -46.48
N ASP B 266 6.62 -8.83 -45.55
CA ASP B 266 7.33 -10.00 -45.05
C ASP B 266 7.40 -11.11 -46.08
N TYR B 267 6.44 -11.18 -47.00
CA TYR B 267 6.51 -12.22 -47.99
C TYR B 267 7.45 -11.89 -49.13
N ILE B 268 7.87 -10.63 -49.24
CA ILE B 268 8.80 -10.20 -50.27
C ILE B 268 10.21 -10.07 -49.73
N LEU B 269 10.39 -9.19 -48.75
CA LEU B 269 11.72 -8.88 -48.24
C LEU B 269 12.02 -9.54 -46.91
N GLY B 270 11.23 -10.51 -46.49
CA GLY B 270 11.44 -11.17 -45.23
C GLY B 270 12.00 -12.56 -45.30
N TRP B 271 12.46 -13.00 -46.46
CA TRP B 271 12.93 -14.36 -46.63
C TRP B 271 14.24 -14.33 -47.41
N PRO B 272 15.13 -15.32 -47.19
CA PRO B 272 16.40 -15.31 -47.91
C PRO B 272 16.28 -15.61 -49.39
N ILE B 273 16.41 -14.57 -50.20
CA ILE B 273 16.37 -14.70 -51.66
C ILE B 273 17.80 -14.88 -52.15
N PRO B 274 18.10 -15.94 -52.91
CA PRO B 274 19.49 -16.16 -53.32
C PRO B 274 19.92 -15.33 -54.52
N TYR B 275 18.98 -14.94 -55.40
CA TYR B 275 19.33 -14.27 -56.65
C TYR B 275 19.76 -12.82 -56.40
N ILE B 276 19.07 -12.13 -55.48
CA ILE B 276 19.44 -10.78 -55.10
C ILE B 276 20.61 -10.79 -54.12
N ASN B 277 20.91 -11.96 -53.54
CA ASN B 277 21.70 -12.15 -52.32
C ASN B 277 21.14 -11.23 -51.22
N TRP B 278 19.86 -11.41 -50.96
CA TRP B 278 19.15 -10.73 -49.90
C TRP B 278 19.00 -11.72 -48.76
N ARG B 279 19.48 -11.34 -47.58
CA ARG B 279 19.49 -12.23 -46.42
C ARG B 279 18.17 -12.23 -45.67
N GLY B 280 17.21 -11.42 -46.09
CA GLY B 280 15.92 -11.41 -45.44
C GLY B 280 15.86 -10.50 -44.26
N LEU B 281 14.79 -9.71 -44.17
CA LEU B 281 14.49 -8.91 -42.99
C LEU B 281 13.20 -9.44 -42.39
N PRO B 282 13.28 -10.33 -41.39
CA PRO B 282 12.06 -10.78 -40.73
C PRO B 282 11.39 -9.72 -39.88
N ILE B 283 12.08 -8.64 -39.50
CA ILE B 283 11.52 -7.58 -38.68
C ILE B 283 10.48 -6.72 -39.40
N LEU B 284 10.29 -6.89 -40.72
CA LEU B 284 9.23 -6.21 -41.45
C LEU B 284 7.83 -6.77 -41.16
N ARG B 285 7.71 -7.87 -40.42
CA ARG B 285 6.45 -8.35 -39.90
C ARG B 285 6.13 -7.76 -38.52
N LEU B 286 6.75 -6.64 -38.16
CA LEU B 286 6.39 -5.93 -36.94
C LEU B 286 5.15 -5.07 -37.11
N ASN B 287 4.61 -4.95 -38.32
CA ASN B 287 3.39 -4.20 -38.50
C ASN B 287 2.17 -4.96 -38.01
N ARG B 288 2.29 -6.28 -37.82
CA ARG B 288 1.18 -7.06 -37.27
C ARG B 288 0.98 -6.83 -35.78
N LEU B 289 1.89 -6.14 -35.10
CA LEU B 289 1.75 -5.83 -33.69
C LEU B 289 0.96 -4.56 -33.42
N ILE B 290 0.36 -3.96 -34.44
CA ILE B 290 -0.43 -2.75 -34.23
C ILE B 290 -1.85 -3.11 -33.83
N ARG B 291 -2.27 -4.35 -34.08
CA ARG B 291 -3.58 -4.83 -33.64
C ARG B 291 -3.57 -5.27 -32.17
N TYR B 292 -3.32 -4.32 -31.27
CA TYR B 292 -3.31 -4.62 -29.86
C TYR B 292 -4.65 -4.38 -29.19
N LYS B 293 -5.58 -3.71 -29.88
CA LYS B 293 -6.87 -3.39 -29.31
C LYS B 293 -7.73 -4.64 -29.16
N ARG B 294 -7.61 -5.58 -30.10
CA ARG B 294 -8.36 -6.81 -30.03
C ARG B 294 -7.84 -7.72 -28.93
N VAL B 295 -6.53 -7.67 -28.67
CA VAL B 295 -5.92 -8.44 -27.59
C VAL B 295 -6.30 -7.85 -26.25
N ARG B 296 -6.35 -6.52 -26.15
CA ARG B 296 -6.74 -5.88 -24.91
C ARG B 296 -8.21 -6.09 -24.60
N ASN B 297 -9.06 -6.11 -25.64
CA ASN B 297 -10.46 -6.46 -25.46
C ASN B 297 -10.64 -7.93 -25.10
N CYS B 298 -9.78 -8.81 -25.60
CA CYS B 298 -9.88 -10.22 -25.24
C CYS B 298 -9.44 -10.48 -23.81
N LEU B 299 -8.43 -9.76 -23.32
CA LEU B 299 -8.01 -9.94 -21.93
C LEU B 299 -9.00 -9.31 -20.96
N GLU B 300 -9.59 -8.17 -21.33
CA GLU B 300 -10.61 -7.55 -20.50
C GLU B 300 -11.89 -8.38 -20.46
N ARG B 301 -12.39 -8.80 -21.63
CA ARG B 301 -13.57 -9.63 -21.69
C ARG B 301 -13.34 -11.07 -21.27
N THR B 302 -12.09 -11.49 -21.05
CA THR B 302 -11.86 -12.75 -20.38
C THR B 302 -11.92 -12.59 -18.87
N GLU B 303 -11.25 -11.59 -18.32
CA GLU B 303 -11.24 -11.55 -16.86
C GLU B 303 -12.47 -10.87 -16.25
N THR B 304 -13.38 -10.31 -17.05
CA THR B 304 -14.69 -10.04 -16.47
C THR B 304 -15.53 -11.30 -16.41
N ARG B 305 -15.39 -12.19 -17.39
CA ARG B 305 -16.27 -13.33 -17.49
C ARG B 305 -15.74 -14.58 -16.81
N SER B 306 -14.50 -14.59 -16.35
CA SER B 306 -13.90 -15.80 -15.80
C SER B 306 -14.32 -16.01 -14.36
N SER B 307 -14.55 -17.27 -14.02
CA SER B 307 -14.91 -17.64 -12.65
C SER B 307 -13.70 -17.72 -11.73
N MET B 308 -12.49 -17.78 -12.29
CA MET B 308 -11.25 -17.72 -11.51
C MET B 308 -10.50 -16.48 -11.98
N PRO B 309 -10.79 -15.31 -11.42
CA PRO B 309 -10.21 -14.08 -11.96
C PRO B 309 -8.77 -13.85 -11.54
N ASN B 310 -8.43 -14.25 -10.31
CA ASN B 310 -7.08 -14.02 -9.81
C ASN B 310 -6.08 -14.98 -10.43
N ALA B 311 -6.52 -16.18 -10.80
CA ALA B 311 -5.67 -17.11 -11.53
C ALA B 311 -5.38 -16.61 -12.94
N PHE B 312 -6.37 -15.96 -13.56
CA PHE B 312 -6.14 -15.37 -14.87
C PHE B 312 -5.25 -14.15 -14.78
N ARG B 313 -5.36 -13.37 -13.70
CA ARG B 313 -4.49 -12.22 -13.51
C ARG B 313 -3.04 -12.64 -13.29
N VAL B 314 -2.84 -13.74 -12.56
CA VAL B 314 -1.49 -14.25 -12.31
C VAL B 314 -0.89 -14.84 -13.59
N VAL B 315 -1.70 -15.54 -14.40
CA VAL B 315 -1.25 -16.10 -15.68
C VAL B 315 -0.92 -14.99 -16.68
N VAL B 316 -1.66 -13.89 -16.64
CA VAL B 316 -1.41 -12.77 -17.56
C VAL B 316 -0.14 -12.00 -17.19
N VAL B 317 0.12 -11.81 -15.89
CA VAL B 317 1.37 -11.11 -15.54
C VAL B 317 2.59 -12.04 -15.68
N VAL B 318 2.40 -13.36 -15.58
CA VAL B 318 3.47 -14.30 -15.89
C VAL B 318 3.78 -14.31 -17.40
N TRP B 319 2.75 -14.16 -18.24
CA TRP B 319 2.96 -14.05 -19.68
C TRP B 319 3.61 -12.72 -20.07
N TYR B 320 3.28 -11.64 -19.35
CA TYR B 320 3.94 -10.35 -19.56
C TYR B 320 5.41 -10.41 -19.18
N ILE B 321 5.72 -11.14 -18.11
CA ILE B 321 7.09 -11.33 -17.65
C ILE B 321 7.91 -12.11 -18.67
N VAL B 322 7.31 -13.17 -19.24
CA VAL B 322 8.04 -14.03 -20.17
C VAL B 322 8.24 -13.33 -21.51
N ILE B 323 7.28 -12.50 -21.93
CA ILE B 323 7.41 -11.76 -23.19
C ILE B 323 8.42 -10.62 -23.05
N ILE B 324 8.49 -9.98 -21.87
CA ILE B 324 9.45 -8.91 -21.64
C ILE B 324 10.88 -9.47 -21.56
N ILE B 325 11.07 -10.59 -20.86
CA ILE B 325 12.38 -11.23 -20.76
C ILE B 325 12.81 -11.84 -22.11
N HIS B 326 11.85 -12.28 -22.93
CA HIS B 326 12.18 -12.79 -24.26
C HIS B 326 12.60 -11.67 -25.21
N TRP B 327 11.94 -10.51 -25.13
CA TRP B 327 12.33 -9.40 -25.99
C TRP B 327 13.64 -8.78 -25.56
N ASN B 328 13.95 -8.81 -24.26
CA ASN B 328 15.26 -8.37 -23.82
C ASN B 328 16.34 -9.40 -24.13
N ALA B 329 15.98 -10.68 -24.25
CA ALA B 329 16.92 -11.71 -24.68
C ALA B 329 17.31 -11.53 -26.13
N CYS B 330 16.33 -11.26 -26.98
CA CYS B 330 16.63 -10.97 -28.38
C CYS B 330 17.33 -9.63 -28.54
N LEU B 331 17.08 -8.67 -27.65
CA LEU B 331 17.81 -7.41 -27.71
C LEU B 331 19.28 -7.57 -27.32
N TYR B 332 19.55 -8.39 -26.30
CA TYR B 332 20.93 -8.70 -25.90
C TYR B 332 21.67 -9.47 -26.97
N PHE B 333 21.02 -10.44 -27.61
CA PHE B 333 21.75 -11.15 -28.65
C PHE B 333 21.84 -10.37 -29.94
N TRP B 334 20.97 -9.39 -30.18
CA TRP B 334 21.18 -8.52 -31.33
C TRP B 334 22.37 -7.60 -31.12
N ILE B 335 22.56 -7.09 -29.90
CA ILE B 335 23.73 -6.26 -29.64
C ILE B 335 25.00 -7.10 -29.58
N SER B 336 24.90 -8.36 -29.12
CA SER B 336 26.04 -9.26 -29.13
C SER B 336 26.41 -9.72 -30.53
N GLU B 337 25.45 -9.76 -31.45
CA GLU B 337 25.81 -10.02 -32.83
C GLU B 337 26.35 -8.78 -33.53
N TRP B 338 25.85 -7.61 -33.16
CA TRP B 338 26.21 -6.38 -33.85
C TRP B 338 27.61 -5.92 -33.48
N ILE B 339 27.98 -6.03 -32.20
CA ILE B 339 29.35 -5.78 -31.77
C ILE B 339 30.29 -6.83 -32.33
N GLY B 340 29.87 -8.08 -32.31
CA GLY B 340 30.66 -9.17 -32.84
C GLY B 340 30.86 -10.17 -31.74
N LEU B 341 30.44 -11.42 -31.97
CA LEU B 341 30.46 -12.43 -30.92
C LEU B 341 31.90 -12.86 -30.64
N GLY B 342 32.20 -13.02 -29.37
CA GLY B 342 33.53 -13.42 -28.97
C GLY B 342 34.58 -12.34 -29.08
N THR B 343 34.19 -11.07 -29.16
CA THR B 343 35.18 -10.01 -29.24
C THR B 343 35.57 -9.48 -27.87
N ASP B 344 34.68 -9.53 -26.90
CA ASP B 344 35.03 -9.17 -25.53
C ASP B 344 34.23 -10.05 -24.58
N ALA B 345 34.40 -9.80 -23.29
CA ALA B 345 33.92 -10.74 -22.29
C ALA B 345 32.51 -10.45 -21.80
N TRP B 346 31.85 -9.43 -22.32
CA TRP B 346 30.44 -9.21 -22.00
C TRP B 346 29.54 -9.81 -23.06
N VAL B 347 29.98 -9.71 -24.30
CA VAL B 347 29.32 -10.29 -25.47
C VAL B 347 29.33 -11.81 -25.36
N TYR B 348 28.25 -12.45 -25.83
CA TYR B 348 28.22 -13.89 -26.04
C TYR B 348 29.38 -14.33 -26.91
N GLY B 349 29.97 -15.46 -26.56
CA GLY B 349 31.06 -15.98 -27.36
C GLY B 349 31.94 -16.86 -26.53
N HIS B 350 33.17 -17.04 -27.01
CA HIS B 350 34.11 -17.91 -26.33
C HIS B 350 34.84 -17.20 -25.21
N LEU B 351 34.91 -15.87 -25.26
CA LEU B 351 35.59 -15.09 -24.25
C LEU B 351 34.71 -14.77 -23.06
N ASN B 352 33.44 -15.14 -23.10
CA ASN B 352 32.50 -14.78 -22.04
C ASN B 352 32.71 -15.65 -20.81
N LYS B 353 32.91 -16.96 -21.02
CA LYS B 353 33.20 -18.02 -20.04
C LYS B 353 32.09 -18.30 -19.03
N GLN B 354 30.97 -17.59 -19.10
CA GLN B 354 29.71 -18.03 -18.52
C GLN B 354 28.77 -18.51 -19.61
N SER B 355 28.92 -17.93 -20.80
CA SER B 355 28.14 -18.35 -21.95
C SER B 355 28.62 -19.67 -22.49
N LEU B 356 29.90 -19.78 -22.79
CA LEU B 356 30.51 -21.05 -23.21
C LEU B 356 31.59 -21.46 -22.24
N PRO B 357 31.23 -22.22 -21.20
CA PRO B 357 32.24 -22.79 -20.29
C PRO B 357 32.98 -23.99 -20.88
N ASP B 358 33.69 -24.69 -20.01
CA ASP B 358 34.31 -25.94 -20.38
C ASP B 358 33.27 -26.99 -20.73
N ASP B 359 33.46 -27.61 -21.90
CA ASP B 359 32.66 -28.71 -22.46
C ASP B 359 31.20 -28.31 -22.69
N ILE B 360 30.99 -27.12 -23.25
CA ILE B 360 29.66 -26.64 -23.59
C ILE B 360 29.68 -26.23 -25.05
N THR B 361 28.79 -26.84 -25.84
CA THR B 361 28.71 -26.60 -27.28
C THR B 361 28.00 -25.27 -27.52
N ASP B 362 28.37 -24.58 -28.60
CA ASP B 362 27.69 -23.36 -29.03
C ASP B 362 26.65 -23.72 -30.06
N THR B 363 25.40 -23.78 -29.65
CA THR B 363 24.29 -24.09 -30.52
C THR B 363 23.29 -22.94 -30.50
N LEU B 364 22.17 -23.10 -31.21
CA LEU B 364 21.13 -22.08 -31.17
C LEU B 364 20.39 -22.10 -29.85
N LEU B 365 20.26 -23.30 -29.26
CA LEU B 365 19.64 -23.44 -27.96
C LEU B 365 20.49 -22.82 -26.87
N ARG B 366 21.81 -22.87 -27.02
CA ARG B 366 22.71 -22.24 -26.06
C ARG B 366 22.64 -20.72 -26.15
N ARG B 367 22.44 -20.19 -27.35
CA ARG B 367 22.30 -18.76 -27.56
C ARG B 367 21.02 -18.23 -26.94
N TYR B 368 19.90 -18.91 -27.17
CA TYR B 368 18.65 -18.45 -26.58
C TYR B 368 18.59 -18.68 -25.07
N VAL B 369 19.19 -19.76 -24.58
CA VAL B 369 19.14 -20.08 -23.16
C VAL B 369 20.05 -19.14 -22.36
N TYR B 370 21.22 -18.79 -22.89
CA TYR B 370 22.06 -17.80 -22.22
C TYR B 370 21.50 -16.39 -22.32
N SER B 371 20.84 -16.03 -23.44
CA SER B 371 20.28 -14.70 -23.54
C SER B 371 19.04 -14.54 -22.65
N PHE B 372 18.27 -15.61 -22.49
CA PHE B 372 17.15 -15.59 -21.55
C PHE B 372 17.62 -15.52 -20.11
N TYR B 373 18.74 -16.19 -19.79
CA TYR B 373 19.29 -16.09 -18.45
C TYR B 373 19.89 -14.73 -18.16
N TRP B 374 20.51 -14.12 -19.17
CA TRP B 374 21.08 -12.78 -19.03
C TRP B 374 19.99 -11.74 -18.80
N SER B 375 18.87 -11.85 -19.52
CA SER B 375 17.78 -10.91 -19.29
C SER B 375 17.02 -11.20 -18.01
N THR B 376 16.99 -12.45 -17.55
CA THR B 376 16.42 -12.73 -16.24
C THR B 376 17.27 -12.15 -15.12
N LEU B 377 18.59 -12.19 -15.26
CA LEU B 377 19.42 -11.61 -14.22
C LEU B 377 19.52 -10.09 -14.33
N ILE B 378 19.26 -9.52 -15.49
CA ILE B 378 19.36 -8.06 -15.61
C ILE B 378 18.04 -7.40 -15.22
N LEU B 379 16.91 -7.93 -15.71
CA LEU B 379 15.63 -7.29 -15.46
C LEU B 379 15.15 -7.47 -14.04
N THR B 380 15.54 -8.55 -13.36
CA THR B 380 15.28 -8.67 -11.93
C THR B 380 16.37 -8.05 -11.08
N THR B 381 17.42 -7.51 -11.73
CA THR B 381 18.56 -6.78 -11.12
C THR B 381 19.29 -7.59 -10.07
N ILE B 382 19.47 -8.88 -10.34
CA ILE B 382 20.43 -9.66 -9.59
C ILE B 382 21.83 -9.33 -10.06
N GLY B 383 22.02 -9.29 -11.37
CA GLY B 383 23.23 -8.77 -11.95
C GLY B 383 24.44 -9.66 -11.89
N GLU B 384 24.27 -10.97 -11.78
CA GLU B 384 25.40 -11.90 -11.70
C GLU B 384 25.85 -12.39 -13.08
N VAL B 385 26.09 -11.41 -13.95
CA VAL B 385 26.46 -11.59 -15.35
C VAL B 385 27.81 -10.91 -15.51
N PRO B 386 28.52 -11.12 -16.62
CA PRO B 386 29.76 -10.37 -16.82
C PRO B 386 29.55 -8.87 -16.99
N SER B 387 30.45 -8.11 -16.38
CA SER B 387 30.42 -6.66 -16.43
C SER B 387 30.81 -6.20 -17.82
N PRO B 388 30.28 -5.04 -18.27
CA PRO B 388 30.54 -4.61 -19.65
C PRO B 388 31.96 -4.13 -19.86
N VAL B 389 32.38 -4.15 -21.12
CA VAL B 389 33.73 -3.77 -21.50
C VAL B 389 33.73 -2.47 -22.30
N ARG B 390 33.11 -2.47 -23.47
CA ARG B 390 33.09 -1.27 -24.29
C ARG B 390 32.00 -0.33 -23.80
N ASN B 391 32.03 0.91 -24.29
CA ASN B 391 31.16 1.95 -23.75
C ASN B 391 29.71 1.77 -24.19
N ILE B 392 29.48 1.16 -25.34
CA ILE B 392 28.12 0.95 -25.80
C ILE B 392 27.46 -0.19 -25.02
N GLU B 393 28.26 -1.12 -24.51
CA GLU B 393 27.77 -2.16 -23.62
C GLU B 393 27.45 -1.60 -22.25
N TYR B 394 28.19 -0.59 -21.81
CA TYR B 394 27.90 0.09 -20.56
C TYR B 394 26.62 0.90 -20.65
N ALA B 395 26.40 1.56 -21.80
CA ALA B 395 25.17 2.31 -22.02
C ALA B 395 23.95 1.40 -22.10
N PHE B 396 24.10 0.26 -22.77
CA PHE B 396 23.00 -0.70 -22.87
C PHE B 396 22.68 -1.36 -21.54
N VAL B 397 23.71 -1.70 -20.75
CA VAL B 397 23.46 -2.36 -19.47
C VAL B 397 22.92 -1.36 -18.44
N THR B 398 23.33 -0.08 -18.52
CA THR B 398 22.78 0.94 -17.63
C THR B 398 21.32 1.25 -17.94
N LEU B 399 20.99 1.36 -19.23
CA LEU B 399 19.60 1.58 -19.64
C LEU B 399 18.73 0.36 -19.36
N ASP B 400 19.28 -0.84 -19.55
CA ASP B 400 18.54 -2.07 -19.31
C ASP B 400 18.33 -2.33 -17.83
N LEU B 401 19.29 -1.95 -17.00
CA LEU B 401 19.12 -2.13 -15.56
C LEU B 401 18.16 -1.12 -14.98
N MET B 402 18.13 0.11 -15.52
CA MET B 402 17.15 1.07 -15.00
C MET B 402 15.74 0.75 -15.48
N CYS B 403 15.62 0.26 -16.73
CA CYS B 403 14.33 -0.26 -17.19
C CYS B 403 13.90 -1.50 -16.41
N GLY B 404 14.85 -2.32 -15.99
CA GLY B 404 14.53 -3.48 -15.18
C GLY B 404 14.07 -3.13 -13.78
N VAL B 405 14.71 -2.12 -13.17
CA VAL B 405 14.30 -1.60 -11.86
C VAL B 405 12.89 -1.05 -11.90
N LEU B 406 12.59 -0.22 -12.91
CA LEU B 406 11.27 0.44 -12.98
C LEU B 406 10.15 -0.55 -13.33
N ILE B 407 10.32 -1.31 -14.42
CA ILE B 407 9.17 -2.10 -14.84
C ILE B 407 9.05 -3.40 -14.04
N PHE B 408 10.12 -3.92 -13.48
CA PHE B 408 9.95 -5.10 -12.60
C PHE B 408 9.48 -4.65 -11.21
N ALA B 409 9.78 -3.43 -10.78
CA ALA B 409 9.20 -2.90 -9.56
C ALA B 409 7.69 -2.79 -9.66
N THR B 410 7.19 -2.26 -10.79
CA THR B 410 5.73 -2.20 -10.96
C THR B 410 5.10 -3.56 -11.21
N ILE B 411 5.81 -4.48 -11.87
CA ILE B 411 5.22 -5.78 -12.17
C ILE B 411 5.09 -6.68 -10.93
N VAL B 412 6.12 -6.69 -10.10
CA VAL B 412 6.07 -7.48 -8.83
C VAL B 412 5.16 -6.74 -7.83
N GLY B 413 5.01 -5.42 -7.95
CA GLY B 413 4.05 -4.71 -7.13
C GLY B 413 2.64 -5.15 -7.48
N ASN B 414 2.39 -5.36 -8.77
CA ASN B 414 1.10 -5.89 -9.22
C ASN B 414 0.89 -7.33 -8.78
N VAL B 415 1.97 -8.12 -8.76
CA VAL B 415 1.84 -9.53 -8.33
C VAL B 415 1.65 -9.62 -6.82
N GLY B 416 2.32 -8.73 -6.07
CA GLY B 416 2.10 -8.67 -4.63
C GLY B 416 0.72 -8.18 -4.24
N SER B 417 0.16 -7.24 -5.03
CA SER B 417 -1.22 -6.84 -4.82
C SER B 417 -2.22 -7.93 -5.22
N MET B 418 -1.91 -8.71 -6.27
CA MET B 418 -2.86 -9.72 -6.74
C MET B 418 -2.87 -10.94 -5.83
N ILE B 419 -1.77 -11.23 -5.14
CA ILE B 419 -1.79 -12.34 -4.19
C ILE B 419 -2.06 -11.82 -2.77
N SER B 420 -2.02 -10.51 -2.55
CA SER B 420 -2.64 -9.97 -1.34
C SER B 420 -4.15 -9.96 -1.45
N ASN B 421 -4.69 -9.80 -2.66
CA ASN B 421 -6.13 -9.72 -2.84
C ASN B 421 -6.79 -11.09 -2.92
N MET B 422 -6.01 -12.18 -2.94
CA MET B 422 -6.61 -13.51 -2.97
C MET B 422 -7.13 -13.93 -1.61
N SER B 423 -6.70 -13.26 -0.54
CA SER B 423 -7.23 -13.48 0.80
C SER B 423 -7.55 -12.16 1.47
N ALA B 424 -8.26 -11.26 0.78
CA ALA B 424 -8.57 -9.95 1.35
C ALA B 424 -9.70 -10.01 2.37
N ALA B 425 -10.65 -10.94 2.20
CA ALA B 425 -11.78 -11.06 3.11
C ALA B 425 -11.34 -11.59 4.47
N TRP B 426 -10.39 -12.53 4.46
CA TRP B 426 -9.83 -13.06 5.69
C TRP B 426 -9.00 -12.01 6.43
N THR B 427 -8.34 -11.11 5.71
CA THR B 427 -7.57 -10.08 6.39
C THR B 427 -8.48 -8.99 6.95
N GLU B 428 -9.60 -8.70 6.27
CA GLU B 428 -10.52 -7.70 6.82
C GLU B 428 -11.28 -8.23 8.04
N PHE B 429 -11.63 -9.53 8.00
CA PHE B 429 -12.14 -10.24 9.16
C PHE B 429 -11.14 -10.26 10.30
N GLN B 430 -9.86 -10.39 9.98
CA GLN B 430 -8.84 -10.39 11.03
C GLN B 430 -8.58 -9.00 11.60
N ASN B 431 -8.78 -7.94 10.81
CA ASN B 431 -8.67 -6.59 11.37
C ASN B 431 -9.83 -6.28 12.32
N LYS B 432 -11.04 -6.76 11.98
CA LYS B 432 -12.18 -6.61 12.89
C LYS B 432 -12.00 -7.41 14.17
N MET B 433 -11.47 -8.64 14.06
CA MET B 433 -11.21 -9.44 15.24
C MET B 433 -10.05 -8.90 16.09
N ASP B 434 -9.05 -8.28 15.45
CA ASP B 434 -7.96 -7.65 16.20
C ASP B 434 -8.43 -6.44 16.96
N GLY B 435 -9.33 -5.65 16.37
CA GLY B 435 -9.89 -4.50 17.07
C GLY B 435 -10.76 -4.90 18.24
N ILE B 436 -11.57 -5.95 18.08
CA ILE B 436 -12.44 -6.40 19.16
C ILE B 436 -11.65 -7.09 20.27
N LYS B 437 -10.61 -7.86 19.92
CA LYS B 437 -9.77 -8.51 20.92
C LYS B 437 -8.91 -7.51 21.69
N GLN B 438 -8.47 -6.44 21.02
CA GLN B 438 -7.73 -5.38 21.71
C GLN B 438 -8.65 -4.58 22.64
N TYR B 439 -9.89 -4.33 22.21
CA TYR B 439 -10.88 -3.63 23.04
C TYR B 439 -11.26 -4.43 24.27
N MET B 440 -11.49 -5.73 24.11
CA MET B 440 -11.83 -6.55 25.26
C MET B 440 -10.63 -6.88 26.12
N GLU B 441 -9.41 -6.69 25.61
CA GLU B 441 -8.26 -6.81 26.49
C GLU B 441 -8.07 -5.56 27.34
N LEU B 442 -8.20 -4.37 26.75
CA LEU B 442 -7.88 -3.17 27.53
C LEU B 442 -9.00 -2.74 28.49
N ARG B 443 -10.25 -3.10 28.21
CA ARG B 443 -11.35 -2.71 29.08
C ARG B 443 -11.61 -3.69 30.21
N LYS B 444 -10.83 -4.78 30.27
CA LYS B 444 -10.94 -5.89 31.24
C LYS B 444 -12.34 -6.53 31.24
N VAL B 445 -12.80 -6.88 30.04
CA VAL B 445 -14.02 -7.66 29.90
C VAL B 445 -13.73 -9.08 30.39
N SER B 446 -14.70 -9.69 31.09
CA SER B 446 -14.55 -11.02 31.67
C SER B 446 -14.44 -12.10 30.60
N LYS B 447 -14.10 -13.31 31.05
CA LYS B 447 -13.65 -14.36 30.14
C LYS B 447 -14.80 -14.99 29.37
N GLN B 448 -16.00 -15.06 29.96
CA GLN B 448 -17.10 -15.75 29.29
C GLN B 448 -17.68 -14.93 28.15
N LEU B 449 -17.62 -13.59 28.25
CA LEU B 449 -18.05 -12.76 27.13
C LEU B 449 -17.02 -12.78 26.01
N GLU B 450 -15.73 -12.93 26.35
CA GLU B 450 -14.68 -13.01 25.34
C GLU B 450 -14.73 -14.33 24.59
N ILE B 451 -15.02 -15.43 25.29
CA ILE B 451 -15.14 -16.69 24.56
C ILE B 451 -16.48 -16.77 23.83
N ARG B 452 -17.51 -16.04 24.27
CA ARG B 452 -18.74 -15.96 23.48
C ARG B 452 -18.55 -15.16 22.21
N VAL B 453 -17.74 -14.10 22.26
CA VAL B 453 -17.49 -13.28 21.09
C VAL B 453 -16.60 -14.01 20.08
N ILE B 454 -15.55 -14.71 20.56
CA ILE B 454 -14.72 -15.45 19.61
C ILE B 454 -15.40 -16.72 19.12
N LYS B 455 -16.37 -17.28 19.86
CA LYS B 455 -17.16 -18.36 19.32
C LYS B 455 -18.15 -17.87 18.28
N TRP B 456 -18.67 -16.65 18.45
CA TRP B 456 -19.51 -16.04 17.44
C TRP B 456 -18.73 -15.75 16.17
N PHE B 457 -17.46 -15.36 16.30
CA PHE B 457 -16.63 -15.10 15.13
C PHE B 457 -16.19 -16.39 14.45
N ASP B 458 -15.95 -17.46 15.23
CA ASP B 458 -15.66 -18.77 14.66
C ASP B 458 -16.86 -19.32 13.88
N TYR B 459 -18.08 -19.07 14.39
CA TYR B 459 -19.27 -19.43 13.63
C TYR B 459 -19.43 -18.55 12.39
N LEU B 460 -19.08 -17.26 12.50
CA LEU B 460 -19.27 -16.34 11.39
C LEU B 460 -18.29 -16.58 10.26
N TRP B 461 -17.12 -17.15 10.56
CA TRP B 461 -16.23 -17.58 9.49
C TRP B 461 -16.51 -19.01 9.04
N THR B 462 -17.11 -19.85 9.89
CA THR B 462 -17.31 -21.25 9.54
C THR B 462 -18.42 -21.42 8.49
N ASN B 463 -19.54 -20.71 8.64
CA ASN B 463 -20.58 -20.85 7.62
C ASN B 463 -20.31 -19.96 6.41
N LYS B 464 -19.80 -18.74 6.65
CA LYS B 464 -19.51 -17.63 5.75
C LYS B 464 -20.58 -17.31 4.70
N GLN B 465 -21.85 -17.52 5.04
CA GLN B 465 -22.98 -17.03 4.26
C GLN B 465 -23.80 -16.01 5.03
N SER B 466 -23.18 -15.25 5.93
CA SER B 466 -23.96 -14.37 6.81
C SER B 466 -24.10 -12.97 6.23
N LEU B 467 -22.98 -12.25 6.07
CA LEU B 467 -23.01 -10.82 5.74
C LEU B 467 -22.11 -10.56 4.52
N SER B 468 -22.70 -10.64 3.33
CA SER B 468 -21.99 -10.30 2.11
C SER B 468 -22.92 -9.54 1.15
N ASP B 469 -23.71 -8.62 1.68
CA ASP B 469 -24.74 -7.96 0.88
C ASP B 469 -24.35 -6.53 0.49
N GLN B 470 -23.18 -6.07 0.94
CA GLN B 470 -22.84 -4.65 0.92
C GLN B 470 -22.48 -4.16 -0.48
N GLN B 471 -21.67 -4.92 -1.21
CA GLN B 471 -21.30 -4.53 -2.57
C GLN B 471 -22.47 -4.68 -3.55
N VAL B 472 -23.35 -5.64 -3.28
CA VAL B 472 -24.55 -5.83 -4.09
C VAL B 472 -25.52 -4.67 -3.88
N LEU B 473 -25.68 -4.23 -2.62
CA LEU B 473 -26.51 -3.05 -2.38
C LEU B 473 -25.83 -1.75 -2.80
N LYS B 474 -24.51 -1.74 -2.98
CA LYS B 474 -23.86 -0.53 -3.48
C LYS B 474 -24.08 -0.40 -4.98
N VAL B 475 -23.53 -1.32 -5.78
CA VAL B 475 -23.25 -0.92 -7.16
C VAL B 475 -24.35 -1.41 -8.11
N LEU B 476 -25.08 -2.42 -7.71
CA LEU B 476 -26.01 -3.04 -8.63
C LEU B 476 -27.34 -2.27 -8.61
N PRO B 477 -28.09 -2.27 -9.72
CA PRO B 477 -29.40 -1.62 -9.71
C PRO B 477 -30.43 -2.39 -8.91
N ASP B 478 -31.52 -1.70 -8.58
CA ASP B 478 -32.52 -2.24 -7.66
C ASP B 478 -33.38 -3.32 -8.32
N LYS B 479 -33.47 -3.36 -9.64
CA LYS B 479 -34.14 -4.47 -10.31
C LYS B 479 -33.30 -5.74 -10.21
N LEU B 480 -31.99 -5.62 -10.41
CA LEU B 480 -31.12 -6.80 -10.28
C LEU B 480 -30.90 -7.17 -8.82
N GLN B 481 -30.91 -6.20 -7.91
CA GLN B 481 -30.87 -6.50 -6.48
C GLN B 481 -32.15 -7.17 -6.01
N ALA B 482 -33.28 -6.76 -6.59
CA ALA B 482 -34.56 -7.41 -6.28
C ALA B 482 -34.60 -8.82 -6.84
N GLU B 483 -34.02 -9.04 -8.03
CA GLU B 483 -34.00 -10.38 -8.61
C GLU B 483 -33.04 -11.30 -7.87
N ILE B 484 -31.94 -10.75 -7.35
CA ILE B 484 -31.04 -11.51 -6.49
C ILE B 484 -31.72 -11.83 -5.15
N ALA B 485 -32.52 -10.90 -4.63
CA ALA B 485 -33.29 -11.15 -3.41
C ALA B 485 -34.41 -12.16 -3.62
N MET B 486 -34.94 -12.28 -4.84
CA MET B 486 -35.87 -13.35 -5.14
C MET B 486 -35.15 -14.69 -5.23
N GLN B 487 -34.03 -14.75 -5.97
CA GLN B 487 -33.44 -16.05 -6.31
C GLN B 487 -32.70 -16.71 -5.15
N VAL B 488 -32.21 -15.94 -4.20
CA VAL B 488 -31.53 -16.53 -3.04
C VAL B 488 -32.54 -16.91 -1.97
N HIS B 489 -33.45 -16.01 -1.63
CA HIS B 489 -34.28 -16.13 -0.45
C HIS B 489 -35.60 -16.84 -0.71
N PHE B 490 -35.73 -17.58 -1.81
CA PHE B 490 -37.03 -18.06 -2.29
C PHE B 490 -37.62 -19.15 -1.41
N GLU B 491 -36.77 -19.97 -0.80
CA GLU B 491 -37.23 -21.02 0.11
C GLU B 491 -37.74 -20.47 1.42
N THR B 492 -37.36 -19.25 1.80
CA THR B 492 -37.95 -18.62 2.97
C THR B 492 -39.09 -17.68 2.58
N LEU B 493 -39.10 -17.16 1.36
CA LEU B 493 -40.23 -16.35 0.93
C LEU B 493 -41.45 -17.20 0.59
N ARG B 494 -41.27 -18.49 0.31
CA ARG B 494 -42.42 -19.31 -0.04
C ARG B 494 -43.23 -19.77 1.17
N LYS B 495 -42.69 -19.66 2.39
CA LYS B 495 -43.38 -20.18 3.56
C LYS B 495 -44.02 -19.12 4.43
N VAL B 496 -43.66 -17.85 4.25
CA VAL B 496 -44.02 -16.82 5.22
C VAL B 496 -45.46 -16.37 4.98
N ARG B 497 -46.24 -16.29 6.07
CA ARG B 497 -47.69 -16.18 6.01
C ARG B 497 -48.16 -14.83 5.49
N ILE B 498 -47.43 -13.74 5.76
CA ILE B 498 -47.76 -12.49 5.10
C ILE B 498 -47.31 -12.52 3.64
N PHE B 499 -46.14 -13.12 3.36
CA PHE B 499 -45.54 -13.08 2.03
C PHE B 499 -46.23 -13.97 1.01
N GLN B 500 -47.05 -14.93 1.45
CA GLN B 500 -47.84 -15.69 0.50
C GLN B 500 -49.10 -14.95 0.06
N ASP B 501 -49.53 -13.94 0.83
CA ASP B 501 -50.80 -13.24 0.59
C ASP B 501 -50.52 -11.75 0.68
N CYS B 502 -50.11 -11.15 -0.44
CA CYS B 502 -49.93 -9.70 -0.52
C CYS B 502 -50.03 -9.29 -1.98
N GLU B 503 -49.76 -8.02 -2.21
CA GLU B 503 -49.40 -7.55 -3.54
C GLU B 503 -47.94 -7.88 -3.78
N ALA B 504 -47.58 -8.14 -5.04
CA ALA B 504 -46.23 -8.64 -5.35
C ALA B 504 -45.18 -7.54 -5.28
N GLY B 505 -45.53 -6.32 -5.67
CA GLY B 505 -44.60 -5.21 -5.52
C GLY B 505 -44.42 -4.79 -4.08
N LEU B 506 -45.42 -5.06 -3.23
CA LEU B 506 -45.28 -4.87 -1.79
C LEU B 506 -44.26 -5.84 -1.21
N LEU B 507 -44.28 -7.10 -1.64
CA LEU B 507 -43.29 -8.05 -1.13
C LEU B 507 -41.91 -7.80 -1.70
N ALA B 508 -41.82 -7.22 -2.91
CA ALA B 508 -40.53 -6.80 -3.44
C ALA B 508 -39.96 -5.61 -2.66
N GLU B 509 -40.83 -4.63 -2.35
CA GLU B 509 -40.43 -3.47 -1.57
C GLU B 509 -40.11 -3.83 -0.12
N LEU B 510 -40.70 -4.91 0.39
CA LEU B 510 -40.32 -5.37 1.73
C LEU B 510 -39.04 -6.18 1.71
N VAL B 511 -38.83 -7.01 0.68
CA VAL B 511 -37.66 -7.88 0.65
C VAL B 511 -36.40 -7.12 0.27
N LEU B 512 -36.52 -5.88 -0.24
CA LEU B 512 -35.30 -5.08 -0.35
C LEU B 512 -34.88 -4.48 0.99
N LYS B 513 -35.76 -4.43 1.99
CA LYS B 513 -35.44 -3.75 3.25
C LYS B 513 -35.17 -4.70 4.41
N LEU B 514 -34.98 -5.99 4.16
CA LEU B 514 -34.68 -6.91 5.24
C LEU B 514 -33.21 -6.82 5.63
N GLN B 515 -32.87 -7.47 6.75
CA GLN B 515 -31.50 -7.53 7.21
C GLN B 515 -31.31 -8.80 8.02
N LEU B 516 -30.05 -9.20 8.17
CA LEU B 516 -29.69 -10.42 8.90
C LEU B 516 -29.10 -10.05 10.25
N GLN B 517 -29.55 -10.71 11.31
CA GLN B 517 -28.90 -10.65 12.61
C GLN B 517 -28.63 -12.08 13.06
N VAL B 518 -27.36 -12.38 13.32
CA VAL B 518 -26.98 -13.70 13.79
C VAL B 518 -27.08 -13.75 15.30
N PHE B 519 -27.64 -14.83 15.84
CA PHE B 519 -27.92 -14.94 17.26
C PHE B 519 -27.16 -16.11 17.85
N SER B 520 -26.72 -15.95 19.10
CA SER B 520 -25.99 -16.97 19.83
C SER B 520 -26.96 -18.05 20.31
N PRO B 521 -26.45 -19.25 20.68
CA PRO B 521 -27.37 -20.29 21.19
C PRO B 521 -27.97 -20.03 22.56
N GLY B 522 -27.39 -19.13 23.35
CA GLY B 522 -28.01 -18.81 24.63
C GLY B 522 -28.87 -17.58 24.61
N ASP B 523 -28.86 -16.83 23.50
CA ASP B 523 -29.40 -15.49 23.47
C ASP B 523 -30.92 -15.48 23.42
N PHE B 524 -31.50 -14.48 24.08
CA PHE B 524 -32.93 -14.23 24.01
C PHE B 524 -33.20 -13.24 22.89
N ILE B 525 -34.19 -13.54 22.07
CA ILE B 525 -34.59 -12.60 21.03
C ILE B 525 -35.59 -11.58 21.59
N CYS B 526 -36.61 -12.06 22.28
CA CYS B 526 -37.54 -11.20 22.97
C CYS B 526 -37.72 -11.68 24.41
N LYS B 527 -38.10 -10.77 25.28
CA LYS B 527 -38.54 -11.09 26.62
C LYS B 527 -40.00 -10.61 26.73
N LYS B 528 -40.60 -10.71 27.91
CA LYS B 528 -42.02 -10.39 28.09
C LYS B 528 -42.31 -8.91 28.03
N GLY B 529 -41.33 -8.07 28.33
CA GLY B 529 -41.61 -6.65 28.49
C GLY B 529 -40.74 -5.75 27.64
N ASP B 530 -40.29 -6.23 26.49
CA ASP B 530 -39.59 -5.36 25.58
C ASP B 530 -40.58 -4.72 24.61
N ILE B 531 -40.27 -3.50 24.21
CA ILE B 531 -41.09 -2.79 23.24
C ILE B 531 -40.79 -3.33 21.84
N GLY B 532 -41.85 -3.69 21.13
CA GLY B 532 -41.69 -4.29 19.81
C GLY B 532 -41.42 -3.30 18.71
N ARG B 533 -40.20 -3.30 18.18
CA ARG B 533 -39.83 -2.44 17.08
C ARG B 533 -39.36 -3.22 15.85
N GLU B 534 -39.41 -4.55 15.89
CA GLU B 534 -38.86 -5.35 14.81
C GLU B 534 -39.69 -6.60 14.61
N MET B 535 -39.92 -6.95 13.35
CA MET B 535 -40.60 -8.18 12.98
C MET B 535 -39.58 -9.18 12.42
N TYR B 536 -39.67 -10.42 12.87
CA TYR B 536 -38.63 -11.42 12.61
C TYR B 536 -39.15 -12.54 11.71
N ILE B 537 -38.27 -13.03 10.84
CA ILE B 537 -38.51 -14.20 10.00
C ILE B 537 -37.29 -15.09 10.13
N VAL B 538 -37.50 -16.35 10.51
CA VAL B 538 -36.40 -17.27 10.79
C VAL B 538 -35.85 -17.78 9.45
N LYS B 539 -34.68 -17.27 9.06
CA LYS B 539 -34.06 -17.70 7.81
C LYS B 539 -33.42 -19.07 7.96
N ARG B 540 -32.72 -19.30 9.07
CA ARG B 540 -32.09 -20.57 9.37
C ARG B 540 -31.83 -20.63 10.86
N GLY B 541 -32.31 -21.67 11.50
CA GLY B 541 -32.13 -21.85 12.93
C GLY B 541 -33.39 -22.36 13.59
N ARG B 542 -33.26 -22.77 14.85
CA ARG B 542 -34.36 -23.31 15.62
C ARG B 542 -34.63 -22.41 16.82
N LEU B 543 -35.91 -22.16 17.08
CA LEU B 543 -36.34 -21.24 18.12
C LEU B 543 -37.27 -21.94 19.09
N GLN B 544 -37.37 -21.37 20.29
CA GLN B 544 -38.20 -21.95 21.34
C GLN B 544 -38.81 -20.82 22.13
N VAL B 545 -40.10 -20.92 22.43
CA VAL B 545 -40.74 -20.04 23.40
C VAL B 545 -40.72 -20.71 24.76
N VAL B 546 -40.57 -19.91 25.82
CA VAL B 546 -40.38 -20.42 27.17
C VAL B 546 -41.19 -19.59 28.17
N ASP B 547 -41.16 -20.02 29.42
CA ASP B 547 -41.75 -19.27 30.52
C ASP B 547 -40.82 -18.14 30.97
N ASP B 548 -41.30 -17.38 31.96
CA ASP B 548 -40.51 -16.29 32.53
C ASP B 548 -39.37 -16.85 33.38
N ASP B 549 -39.70 -17.75 34.31
CA ASP B 549 -38.71 -18.39 35.15
C ASP B 549 -38.82 -19.91 35.17
N GLY B 550 -39.92 -20.49 34.66
CA GLY B 550 -40.07 -21.94 34.72
C GLY B 550 -39.25 -22.67 33.69
N LYS B 551 -39.06 -22.05 32.51
CA LYS B 551 -38.26 -22.55 31.37
C LYS B 551 -38.78 -23.88 30.85
N LYS B 552 -40.04 -23.89 30.41
CA LYS B 552 -40.67 -25.03 29.78
C LYS B 552 -41.24 -24.62 28.43
N VAL B 553 -40.97 -25.42 27.40
CA VAL B 553 -41.27 -25.02 26.03
C VAL B 553 -42.75 -25.21 25.76
N PHE B 554 -43.30 -24.35 24.89
CA PHE B 554 -44.68 -24.49 24.43
C PHE B 554 -44.74 -24.96 22.99
N VAL B 555 -44.17 -24.20 22.06
CA VAL B 555 -44.00 -24.63 20.67
C VAL B 555 -42.55 -24.38 20.29
N THR B 556 -42.12 -25.05 19.22
CA THR B 556 -40.77 -24.93 18.68
C THR B 556 -40.88 -24.27 17.32
N LEU B 557 -40.48 -23.01 17.23
CA LEU B 557 -40.55 -22.27 15.98
C LEU B 557 -39.40 -22.71 15.09
N GLN B 558 -39.73 -23.41 14.01
CA GLN B 558 -38.74 -23.95 13.11
C GLN B 558 -38.30 -22.91 12.09
N GLU B 559 -37.62 -23.38 11.04
CA GLU B 559 -37.23 -22.52 9.93
C GLU B 559 -38.45 -22.11 9.13
N GLY B 560 -38.45 -20.85 8.67
CA GLY B 560 -39.53 -20.32 7.89
C GLY B 560 -40.69 -19.76 8.68
N SER B 561 -40.75 -20.01 9.99
CA SER B 561 -41.83 -19.51 10.82
C SER B 561 -41.66 -18.02 11.09
N VAL B 562 -42.78 -17.32 11.12
CA VAL B 562 -42.79 -15.87 11.26
C VAL B 562 -43.44 -15.51 12.58
N PHE B 563 -42.81 -14.59 13.32
CA PHE B 563 -43.36 -14.11 14.57
C PHE B 563 -42.94 -12.66 14.75
N GLY B 564 -43.56 -12.00 15.72
CA GLY B 564 -43.23 -10.63 16.02
C GLY B 564 -43.89 -9.60 15.15
N GLU B 565 -45.02 -9.93 14.53
CA GLU B 565 -45.68 -8.97 13.66
C GLU B 565 -46.87 -8.29 14.34
N LEU B 566 -47.48 -8.93 15.34
CA LEU B 566 -48.56 -8.30 16.08
C LEU B 566 -48.06 -7.38 17.18
N SER B 567 -46.83 -7.59 17.65
CA SER B 567 -46.29 -6.77 18.73
C SER B 567 -45.86 -5.39 18.26
N ILE B 568 -45.72 -5.18 16.94
CA ILE B 568 -45.41 -3.86 16.43
C ILE B 568 -46.62 -3.14 15.86
N LEU B 569 -47.78 -3.79 15.82
CA LEU B 569 -48.98 -3.13 15.31
C LEU B 569 -49.62 -2.27 16.41
N ASN B 570 -50.26 -1.20 15.98
CA ASN B 570 -50.71 -0.15 16.88
C ASN B 570 -52.17 -0.23 17.26
N ILE B 571 -52.79 -1.41 17.15
CA ILE B 571 -54.20 -1.56 17.53
C ILE B 571 -54.30 -1.62 19.05
N ALA B 572 -55.13 -0.75 19.62
CA ALA B 572 -55.34 -0.69 21.06
C ALA B 572 -56.28 -1.78 21.58
N GLY B 573 -56.90 -2.56 20.70
CA GLY B 573 -57.66 -3.73 21.12
C GLY B 573 -56.81 -4.84 21.69
N SER B 574 -55.55 -4.92 21.27
CA SER B 574 -54.57 -5.80 21.90
C SER B 574 -54.06 -5.08 23.15
N LYS B 575 -54.13 -5.76 24.29
CA LYS B 575 -53.87 -5.13 25.58
C LYS B 575 -52.39 -4.88 25.83
N ASN B 576 -51.51 -5.63 25.19
CA ASN B 576 -50.07 -5.43 25.37
C ASN B 576 -49.58 -4.27 24.52
N GLY B 577 -50.11 -4.13 23.30
CA GLY B 577 -49.74 -3.04 22.42
C GLY B 577 -48.35 -3.23 21.83
N ASN B 578 -47.41 -2.42 22.29
CA ASN B 578 -46.02 -2.52 21.84
C ASN B 578 -45.24 -3.58 22.59
N ARG B 579 -45.77 -4.11 23.69
CA ARG B 579 -45.06 -5.12 24.45
C ARG B 579 -45.14 -6.48 23.76
N ARG B 580 -44.09 -7.28 23.96
CA ARG B 580 -44.04 -8.60 23.35
C ARG B 580 -44.95 -9.56 24.11
N THR B 581 -45.53 -10.51 23.37
CA THR B 581 -46.48 -11.44 23.98
C THR B 581 -45.81 -12.59 24.69
N ALA B 582 -44.58 -12.95 24.30
CA ALA B 582 -43.96 -14.16 24.83
C ALA B 582 -42.45 -14.03 24.86
N ASN B 583 -41.85 -14.82 25.75
CA ASN B 583 -40.41 -15.03 25.74
C ASN B 583 -40.02 -15.86 24.51
N VAL B 584 -38.92 -15.48 23.86
CA VAL B 584 -38.44 -16.16 22.66
C VAL B 584 -36.94 -16.37 22.82
N ARG B 585 -36.51 -17.62 22.76
CA ARG B 585 -35.12 -17.99 22.96
C ARG B 585 -34.67 -18.85 21.79
N SER B 586 -33.53 -18.50 21.20
CA SER B 586 -32.96 -19.29 20.13
C SER B 586 -32.28 -20.52 20.72
N VAL B 587 -32.40 -21.65 20.02
CA VAL B 587 -31.85 -22.90 20.52
C VAL B 587 -30.37 -23.00 20.19
N GLY B 588 -30.05 -23.02 18.91
CA GLY B 588 -28.67 -22.98 18.47
C GLY B 588 -28.37 -21.64 17.84
N TYR B 589 -27.46 -21.61 16.87
CA TYR B 589 -27.21 -20.37 16.15
C TYR B 589 -28.37 -20.11 15.19
N THR B 590 -28.65 -18.83 14.95
CA THR B 590 -29.90 -18.43 14.31
C THR B 590 -29.65 -17.24 13.42
N ASP B 591 -29.94 -17.38 12.13
CA ASP B 591 -30.07 -16.21 11.27
C ASP B 591 -31.53 -15.80 11.18
N LEU B 592 -31.77 -14.50 11.27
CA LEU B 592 -33.11 -13.97 11.28
C LEU B 592 -33.24 -12.90 10.20
N PHE B 593 -34.23 -13.04 9.33
CA PHE B 593 -34.63 -11.94 8.47
C PHE B 593 -35.41 -10.96 9.34
N VAL B 594 -34.87 -9.76 9.51
CA VAL B 594 -35.38 -8.81 10.48
C VAL B 594 -35.97 -7.63 9.73
N LEU B 595 -37.29 -7.53 9.77
CA LEU B 595 -38.02 -6.41 9.19
C LEU B 595 -38.35 -5.42 10.30
N SER B 596 -38.01 -4.15 10.09
CA SER B 596 -38.22 -3.16 11.13
C SER B 596 -39.67 -2.73 11.19
N LYS B 597 -39.97 -1.91 12.21
CA LYS B 597 -41.31 -1.34 12.35
C LYS B 597 -41.57 -0.27 11.30
N THR B 598 -40.59 0.61 11.08
CA THR B 598 -40.79 1.83 10.31
C THR B 598 -40.88 1.56 8.82
N ASP B 599 -40.02 0.68 8.30
CA ASP B 599 -40.01 0.42 6.86
C ASP B 599 -41.24 -0.40 6.44
N LEU B 600 -41.66 -1.32 7.31
CA LEU B 600 -42.90 -2.06 7.08
C LEU B 600 -44.12 -1.15 7.18
N TRP B 601 -44.07 -0.17 8.10
CA TRP B 601 -45.21 0.74 8.23
C TRP B 601 -45.29 1.73 7.08
N ASN B 602 -44.14 2.10 6.50
CA ASN B 602 -44.14 2.86 5.25
C ASN B 602 -44.71 2.07 4.07
N ALA B 603 -44.24 0.83 3.88
CA ALA B 603 -44.69 0.03 2.75
C ALA B 603 -46.13 -0.44 2.90
N LEU B 604 -46.62 -0.60 4.13
CA LEU B 604 -48.02 -0.91 4.36
C LEU B 604 -48.88 0.36 4.41
N ARG B 605 -48.27 1.53 4.55
CA ARG B 605 -48.99 2.77 4.33
C ARG B 605 -49.24 2.98 2.84
N GLU B 606 -48.30 2.57 1.99
CA GLU B 606 -48.51 2.72 0.54
C GLU B 606 -49.47 1.69 -0.05
N TYR B 607 -49.84 0.65 0.69
CA TYR B 607 -50.75 -0.39 0.18
C TYR B 607 -51.86 -0.61 1.21
N PRO B 608 -53.06 -0.08 0.96
CA PRO B 608 -54.10 -0.12 2.00
C PRO B 608 -54.84 -1.45 2.09
N ASP B 609 -54.98 -2.19 0.98
CA ASP B 609 -55.83 -3.38 1.00
C ASP B 609 -55.19 -4.55 1.75
N ALA B 610 -53.87 -4.70 1.62
CA ALA B 610 -53.15 -5.67 2.42
C ALA B 610 -53.10 -5.27 3.89
N ARG B 611 -53.18 -3.96 4.17
CA ARG B 611 -53.31 -3.50 5.55
C ARG B 611 -54.68 -3.89 6.14
N LYS B 612 -55.75 -3.85 5.32
CA LYS B 612 -57.05 -4.38 5.77
C LYS B 612 -57.01 -5.88 6.00
N LEU B 613 -56.26 -6.62 5.16
CA LEU B 613 -56.11 -8.06 5.35
C LEU B 613 -55.32 -8.41 6.61
N LEU B 614 -54.20 -7.73 6.86
CA LEU B 614 -53.41 -7.98 8.07
C LEU B 614 -54.12 -7.48 9.32
N LEU B 615 -54.95 -6.44 9.20
CA LEU B 615 -55.78 -6.02 10.32
C LEU B 615 -56.85 -7.06 10.65
N ALA B 616 -57.43 -7.69 9.63
CA ALA B 616 -58.39 -8.77 9.85
C ALA B 616 -57.73 -10.02 10.43
N LYS B 617 -56.47 -10.28 10.06
CA LYS B 617 -55.72 -11.36 10.70
C LYS B 617 -55.39 -11.02 12.14
N GLY B 618 -55.22 -9.72 12.44
CA GLY B 618 -55.11 -9.27 13.82
C GLY B 618 -56.39 -9.48 14.62
N ARG B 619 -57.56 -9.31 13.99
CA ARG B 619 -58.80 -9.65 14.68
C ARG B 619 -58.95 -11.15 14.90
N GLU B 620 -58.45 -11.98 13.97
CA GLU B 620 -58.54 -13.42 14.17
C GLU B 620 -57.58 -13.91 15.26
N ILE B 621 -56.40 -13.32 15.35
CA ILE B 621 -55.49 -13.74 16.43
C ILE B 621 -55.91 -13.09 17.76
N LEU B 622 -56.69 -12.00 17.72
CA LEU B 622 -57.24 -11.46 18.97
C LEU B 622 -58.39 -12.33 19.47
N LYS B 623 -59.22 -12.85 18.57
CA LYS B 623 -60.29 -13.74 19.05
C LYS B 623 -59.83 -15.18 19.21
N LYS B 624 -58.64 -15.55 18.76
CA LYS B 624 -58.08 -16.86 19.10
C LYS B 624 -57.21 -16.77 20.35
N VAL C 108 -15.15 -54.51 26.11
CA VAL C 108 -16.51 -54.31 25.63
C VAL C 108 -16.94 -52.87 25.92
N ARG C 109 -16.25 -52.23 26.87
CA ARG C 109 -16.58 -50.87 27.27
C ARG C 109 -16.19 -49.86 26.20
N ILE C 110 -15.02 -50.05 25.59
CA ILE C 110 -14.63 -49.17 24.49
C ILE C 110 -15.41 -49.49 23.22
N ARG C 111 -15.96 -50.71 23.09
CA ARG C 111 -16.82 -51.02 21.95
C ARG C 111 -18.18 -50.35 22.08
N LYS C 112 -18.77 -50.38 23.27
CA LYS C 112 -20.03 -49.68 23.47
C LYS C 112 -19.85 -48.17 23.59
N TYR C 113 -18.63 -47.69 23.86
CA TYR C 113 -18.36 -46.27 23.78
C TYR C 113 -18.20 -45.81 22.33
N LEU C 114 -17.48 -46.57 21.52
CA LEU C 114 -17.24 -46.19 20.13
C LEU C 114 -18.40 -46.54 19.21
N ALA C 115 -19.39 -47.31 19.68
CA ALA C 115 -20.55 -47.59 18.86
C ALA C 115 -21.47 -46.40 18.71
N ASN C 116 -21.43 -45.44 19.66
CA ASN C 116 -22.25 -44.24 19.57
C ASN C 116 -21.46 -42.98 19.89
N TYR C 117 -20.20 -42.90 19.48
CA TYR C 117 -19.42 -41.69 19.62
C TYR C 117 -19.67 -40.78 18.43
N THR C 118 -19.79 -39.48 18.68
CA THR C 118 -19.96 -38.48 17.64
C THR C 118 -19.23 -37.21 18.06
N GLN C 119 -18.36 -36.70 17.19
CA GLN C 119 -17.48 -35.60 17.55
C GLN C 119 -18.18 -34.26 17.37
N ASP C 120 -18.04 -33.41 18.38
CA ASP C 120 -18.45 -32.02 18.31
C ASP C 120 -17.29 -31.21 17.75
N PRO C 121 -17.42 -30.57 16.58
CA PRO C 121 -16.28 -29.83 16.01
C PRO C 121 -16.00 -28.51 16.69
N SER C 122 -16.96 -27.97 17.46
CA SER C 122 -16.78 -26.67 18.06
C SER C 122 -16.02 -26.72 19.38
N THR C 123 -15.74 -27.91 19.91
CA THR C 123 -15.12 -28.02 21.22
C THR C 123 -13.63 -27.67 21.18
N ASP C 124 -13.04 -27.61 22.37
CA ASP C 124 -11.62 -27.30 22.44
C ASP C 124 -10.77 -28.54 22.25
N ASN C 125 -11.30 -29.73 22.61
CA ASN C 125 -10.57 -30.97 22.44
C ASN C 125 -10.40 -31.33 20.97
N PHE C 126 -11.37 -30.96 20.14
CA PHE C 126 -11.20 -31.13 18.70
C PHE C 126 -10.18 -30.15 18.15
N TYR C 127 -10.07 -28.96 18.73
CA TYR C 127 -9.05 -28.01 18.26
C TYR C 127 -7.65 -28.47 18.64
N TYR C 128 -7.51 -29.10 19.81
CA TYR C 128 -6.22 -29.67 20.17
C TYR C 128 -5.90 -30.90 19.33
N TRP C 129 -6.93 -31.60 18.88
CA TRP C 129 -6.71 -32.66 17.90
C TRP C 129 -6.28 -32.13 16.55
N THR C 130 -6.78 -30.96 16.14
CA THR C 130 -6.30 -30.35 14.89
C THR C 130 -4.87 -29.86 15.02
N CYS C 131 -4.44 -29.50 16.24
CA CYS C 131 -3.02 -29.23 16.46
C CYS C 131 -2.17 -30.51 16.35
N VAL C 132 -2.72 -31.65 16.77
CA VAL C 132 -1.99 -32.92 16.62
C VAL C 132 -1.88 -33.34 15.15
N VAL C 133 -2.95 -33.12 14.37
CA VAL C 133 -2.93 -33.38 12.93
C VAL C 133 -2.01 -32.40 12.19
N THR C 134 -1.88 -31.16 12.71
CA THR C 134 -0.93 -30.20 12.16
C THR C 134 0.53 -30.62 12.41
N VAL C 135 0.80 -31.22 13.57
CA VAL C 135 2.13 -31.73 13.88
C VAL C 135 2.48 -32.92 12.97
N ALA C 136 1.52 -33.81 12.73
CA ALA C 136 1.75 -34.95 11.83
C ALA C 136 1.90 -34.51 10.37
N TYR C 137 1.19 -33.46 9.97
CA TYR C 137 1.31 -32.94 8.62
C TYR C 137 2.64 -32.23 8.41
N ILE C 138 3.16 -31.53 9.43
CA ILE C 138 4.44 -30.86 9.28
C ILE C 138 5.58 -31.88 9.26
N TYR C 139 5.40 -33.02 9.98
CA TYR C 139 6.33 -34.15 9.88
C TYR C 139 6.38 -34.71 8.45
N ASN C 140 5.21 -34.91 7.83
CA ASN C 140 5.17 -35.41 6.46
C ASN C 140 5.77 -34.40 5.50
N LEU C 141 5.39 -33.12 5.64
CA LEU C 141 5.76 -32.04 4.73
C LEU C 141 7.26 -31.75 4.72
N LEU C 142 7.94 -31.99 5.83
CA LEU C 142 9.41 -31.88 5.81
C LEU C 142 10.06 -33.20 5.40
N PHE C 143 9.76 -34.26 6.13
CA PHE C 143 10.66 -35.39 6.08
C PHE C 143 10.38 -36.36 4.95
N VAL C 144 9.30 -36.18 4.16
CA VAL C 144 9.16 -37.10 3.04
C VAL C 144 10.07 -36.67 1.88
N ILE C 145 10.27 -35.36 1.70
CA ILE C 145 11.14 -34.92 0.63
C ILE C 145 12.58 -34.94 1.10
N ALA C 146 12.81 -34.81 2.43
CA ALA C 146 14.15 -35.01 2.95
C ALA C 146 14.58 -36.47 2.87
N ARG C 147 13.65 -37.40 3.08
CA ARG C 147 14.00 -38.81 2.97
C ARG C 147 14.12 -39.27 1.53
N GLN C 148 13.40 -38.64 0.61
CA GLN C 148 13.55 -38.99 -0.79
C GLN C 148 14.87 -38.49 -1.35
N VAL C 149 15.19 -37.23 -1.13
CA VAL C 149 16.37 -36.65 -1.75
C VAL C 149 17.62 -37.03 -0.98
N PHE C 150 17.67 -36.71 0.31
CA PHE C 150 18.84 -37.02 1.12
C PHE C 150 18.65 -38.41 1.70
N ASN C 151 18.95 -39.42 0.88
CA ASN C 151 18.60 -40.79 1.22
C ASN C 151 19.61 -41.46 2.15
N ASP C 152 20.57 -40.73 2.68
CA ASP C 152 21.39 -41.19 3.80
C ASP C 152 20.76 -40.88 5.14
N LEU C 153 19.54 -40.35 5.17
CA LEU C 153 18.86 -40.09 6.43
C LEU C 153 18.38 -41.37 7.08
N ILE C 154 18.17 -42.43 6.31
CA ILE C 154 17.76 -43.71 6.83
C ILE C 154 18.91 -44.69 6.91
N GLY C 155 20.14 -44.19 6.89
CA GLY C 155 21.28 -45.04 6.66
C GLY C 155 21.65 -44.94 5.20
N PRO C 156 22.95 -45.04 4.88
CA PRO C 156 23.37 -44.78 3.50
C PRO C 156 22.99 -45.84 2.49
N SER C 157 23.01 -47.12 2.87
CA SER C 157 22.70 -48.32 2.06
C SER C 157 23.61 -48.50 0.84
N SER C 158 24.75 -47.83 0.81
CA SER C 158 25.74 -47.92 -0.26
C SER C 158 27.02 -47.32 0.30
N GLN C 159 28.08 -48.11 0.40
CA GLN C 159 29.31 -47.59 0.99
C GLN C 159 30.06 -46.74 -0.02
N SER C 160 30.59 -45.63 0.44
CA SER C 160 31.37 -44.76 -0.43
C SER C 160 32.77 -45.33 -0.59
N LEU C 161 33.21 -45.45 -1.85
CA LEU C 161 34.50 -46.06 -2.15
C LEU C 161 35.39 -45.02 -2.82
N CYS C 162 36.23 -44.36 -2.05
CA CYS C 162 37.17 -43.41 -2.62
C CYS C 162 38.38 -44.13 -3.17
N ARG C 163 38.94 -43.55 -4.23
CA ARG C 163 40.21 -44.02 -4.75
C ARG C 163 41.34 -43.49 -3.88
N PHE C 164 42.28 -44.36 -3.53
CA PHE C 164 43.27 -44.01 -2.52
C PHE C 164 44.63 -44.56 -2.91
N TYR C 165 45.66 -43.74 -2.73
CA TYR C 165 47.04 -44.13 -3.00
C TYR C 165 47.78 -44.22 -1.67
N ASN C 166 47.86 -45.43 -1.12
CA ASN C 166 48.70 -45.65 0.04
C ASN C 166 50.14 -45.80 -0.40
N GLY C 167 51.04 -45.03 0.24
CA GLY C 167 52.44 -45.09 -0.11
C GLY C 167 53.15 -46.34 0.35
N THR C 168 52.63 -47.02 1.36
CA THR C 168 53.19 -48.28 1.82
C THR C 168 52.93 -49.41 0.84
N LEU C 169 51.74 -49.45 0.25
CA LEU C 169 51.45 -50.46 -0.76
C LEU C 169 52.08 -50.14 -2.11
N ASN C 170 52.35 -48.85 -2.36
CA ASN C 170 52.76 -48.29 -3.66
C ASN C 170 51.77 -48.69 -4.76
N SER C 171 50.48 -48.46 -4.48
CA SER C 171 49.42 -48.84 -5.39
C SER C 171 48.21 -47.94 -5.13
N THR C 172 47.42 -47.73 -6.17
CA THR C 172 46.24 -46.88 -6.10
C THR C 172 45.01 -47.78 -6.08
N THR C 173 44.42 -47.96 -4.90
CA THR C 173 43.33 -48.90 -4.67
C THR C 173 42.07 -48.17 -4.23
N GLN C 174 40.93 -48.82 -4.40
CA GLN C 174 39.66 -48.33 -3.92
C GLN C 174 39.37 -48.90 -2.54
N VAL C 175 39.33 -48.03 -1.53
CA VAL C 175 38.95 -48.42 -0.18
C VAL C 175 37.77 -47.56 0.24
N GLU C 176 37.19 -47.89 1.39
CA GLU C 176 36.06 -47.16 1.92
C GLU C 176 36.51 -45.79 2.43
N CYS C 177 35.71 -44.77 2.17
CA CYS C 177 36.10 -43.40 2.44
C CYS C 177 36.02 -43.10 3.94
N THR C 178 37.13 -42.67 4.51
CA THR C 178 37.12 -42.06 5.82
C THR C 178 36.86 -40.57 5.67
N TYR C 179 36.93 -39.83 6.76
CA TYR C 179 36.58 -38.42 6.69
C TYR C 179 37.74 -37.58 6.18
N ASN C 180 38.95 -38.13 6.14
CA ASN C 180 40.07 -37.41 5.56
C ASN C 180 40.14 -37.61 4.05
N MET C 181 39.38 -38.57 3.52
CA MET C 181 39.39 -38.80 2.09
C MET C 181 38.23 -38.11 1.40
N LEU C 182 37.21 -37.72 2.17
CA LEU C 182 36.17 -36.85 1.66
C LEU C 182 36.56 -35.39 1.79
N THR C 183 37.56 -35.09 2.60
CA THR C 183 38.11 -33.75 2.70
C THR C 183 39.15 -33.57 1.61
N ASN C 184 38.95 -32.52 0.78
CA ASN C 184 39.84 -32.12 -0.32
C ASN C 184 40.04 -33.22 -1.35
N MET C 185 38.96 -33.62 -2.02
CA MET C 185 39.07 -34.73 -2.94
C MET C 185 39.19 -34.24 -4.38
N LYS C 186 39.77 -35.09 -5.22
CA LYS C 186 39.96 -34.80 -6.62
C LYS C 186 38.83 -35.33 -7.48
N GLU C 187 38.13 -36.36 -7.03
CA GLU C 187 36.96 -36.88 -7.71
C GLU C 187 35.95 -37.34 -6.67
N MET C 188 34.70 -37.46 -7.08
CA MET C 188 33.65 -37.85 -6.15
C MET C 188 33.73 -39.35 -5.88
N PRO C 189 33.34 -39.80 -4.69
CA PRO C 189 33.42 -41.24 -4.38
C PRO C 189 32.37 -42.05 -5.12
N THR C 190 32.78 -43.20 -5.62
CA THR C 190 31.87 -44.12 -6.26
C THR C 190 31.18 -44.95 -5.19
N TYR C 191 29.89 -45.20 -5.38
CA TYR C 191 29.10 -45.91 -4.41
C TYR C 191 28.87 -47.34 -4.86
N SER C 192 29.04 -48.27 -3.93
CA SER C 192 28.73 -49.67 -4.16
C SER C 192 27.78 -50.12 -3.08
N GLN C 193 26.73 -50.84 -3.47
CA GLN C 193 25.66 -51.17 -2.55
C GLN C 193 26.07 -52.23 -1.55
N TYR C 194 25.49 -52.17 -0.36
CA TYR C 194 25.58 -53.26 0.58
C TYR C 194 24.73 -54.42 0.06
N PRO C 195 25.05 -55.66 0.44
CA PRO C 195 24.18 -56.78 0.05
C PRO C 195 22.84 -56.79 0.78
N ASP C 196 22.78 -56.22 1.98
CA ASP C 196 21.53 -56.10 2.72
C ASP C 196 20.92 -54.72 2.63
N LEU C 197 21.51 -53.83 1.82
CA LEU C 197 21.18 -52.40 1.69
C LEU C 197 21.19 -51.68 3.04
N GLY C 198 22.24 -51.94 3.82
CA GLY C 198 22.47 -51.21 5.05
C GLY C 198 21.58 -51.58 6.21
N TRP C 199 20.80 -52.64 6.11
CA TRP C 199 19.88 -53.00 7.18
C TRP C 199 20.59 -53.63 8.37
N SER C 200 21.78 -54.16 8.19
CA SER C 200 22.50 -54.78 9.29
C SER C 200 23.21 -53.78 10.18
N LYS C 201 23.32 -52.52 9.74
CA LYS C 201 23.99 -51.49 10.51
C LYS C 201 23.04 -50.37 10.93
N TYR C 202 22.04 -50.06 10.10
CA TYR C 202 21.22 -48.89 10.27
C TYR C 202 19.75 -49.25 10.51
N TRP C 203 19.53 -50.41 11.13
CA TRP C 203 18.17 -50.80 11.49
C TRP C 203 17.63 -49.97 12.64
N HIS C 204 18.48 -49.37 13.47
CA HIS C 204 17.98 -48.52 14.54
C HIS C 204 17.46 -47.19 14.01
N PHE C 205 18.16 -46.61 13.04
CA PHE C 205 17.65 -45.42 12.36
C PHE C 205 16.41 -45.73 11.54
N ARG C 206 16.38 -46.91 10.91
CA ARG C 206 15.22 -47.27 10.11
C ARG C 206 14.01 -47.62 10.97
N MET C 207 14.21 -48.17 12.16
CA MET C 207 13.08 -48.43 13.03
C MET C 207 12.62 -47.17 13.76
N LEU C 208 13.50 -46.19 13.93
CA LEU C 208 13.06 -44.88 14.42
C LEU C 208 12.18 -44.18 13.39
N TRP C 209 12.58 -44.22 12.12
CA TRP C 209 11.75 -43.63 11.06
C TRP C 209 10.45 -44.41 10.86
N VAL C 210 10.49 -45.73 11.02
CA VAL C 210 9.30 -46.57 10.90
C VAL C 210 8.34 -46.32 12.06
N PHE C 211 8.87 -46.07 13.26
CA PHE C 211 8.03 -45.78 14.42
C PHE C 211 7.37 -44.41 14.29
N PHE C 212 8.08 -43.40 13.80
CA PHE C 212 7.43 -42.11 13.63
C PHE C 212 6.47 -42.10 12.45
N ASP C 213 6.72 -42.92 11.42
CA ASP C 213 5.77 -43.06 10.32
C ASP C 213 4.49 -43.76 10.76
N LEU C 214 4.62 -44.78 11.61
CA LEU C 214 3.45 -45.48 12.13
C LEU C 214 2.69 -44.61 13.13
N LEU C 215 3.40 -43.75 13.87
CA LEU C 215 2.74 -42.84 14.81
C LEU C 215 1.92 -41.78 14.09
N MET C 216 2.47 -41.20 13.01
CA MET C 216 1.69 -40.20 12.29
C MET C 216 0.62 -40.84 11.41
N ASP C 217 0.78 -42.10 11.02
CA ASP C 217 -0.33 -42.75 10.33
C ASP C 217 -1.42 -43.21 11.29
N CYS C 218 -1.09 -43.49 12.55
CA CYS C 218 -2.13 -43.70 13.54
C CYS C 218 -2.87 -42.42 13.88
N VAL C 219 -2.16 -41.28 13.86
CA VAL C 219 -2.81 -39.97 14.00
C VAL C 219 -3.75 -39.69 12.84
N TYR C 220 -3.36 -40.10 11.62
CA TYR C 220 -4.23 -39.98 10.46
C TYR C 220 -5.43 -40.92 10.54
N LEU C 221 -5.26 -42.10 11.13
CA LEU C 221 -6.38 -43.04 11.25
C LEU C 221 -7.39 -42.59 12.30
N ILE C 222 -6.92 -42.04 13.41
CA ILE C 222 -7.84 -41.51 14.42
C ILE C 222 -8.53 -40.25 13.92
N ASP C 223 -7.85 -39.46 13.09
CA ASP C 223 -8.50 -38.33 12.42
C ASP C 223 -9.53 -38.77 11.38
N THR C 224 -9.31 -39.92 10.73
CA THR C 224 -10.31 -40.47 9.83
C THR C 224 -11.53 -40.99 10.57
N PHE C 225 -11.31 -41.57 11.77
CA PHE C 225 -12.44 -41.99 12.59
C PHE C 225 -13.23 -40.81 13.13
N LEU C 226 -12.56 -39.70 13.46
CA LEU C 226 -13.28 -38.50 13.87
C LEU C 226 -13.98 -37.84 12.70
N ASN C 227 -13.45 -38.00 11.48
CA ASN C 227 -14.17 -37.57 10.28
C ASN C 227 -15.41 -38.41 10.05
N TYR C 228 -15.35 -39.70 10.38
CA TYR C 228 -16.47 -40.61 10.17
C TYR C 228 -17.59 -40.35 11.16
N ARG C 229 -17.28 -39.76 12.31
CA ARG C 229 -18.26 -39.44 13.34
C ARG C 229 -18.28 -37.95 13.64
N MET C 230 -18.23 -37.11 12.62
CA MET C 230 -18.18 -35.67 12.83
C MET C 230 -19.59 -35.09 12.82
N GLY C 231 -19.89 -34.27 13.82
CA GLY C 231 -21.20 -33.67 13.90
C GLY C 231 -21.38 -32.45 13.04
N TYR C 232 -22.08 -32.60 11.93
CA TYR C 232 -22.35 -31.48 11.04
C TYR C 232 -23.41 -30.57 11.63
N MET C 233 -23.30 -29.28 11.34
CA MET C 233 -24.25 -28.29 11.85
C MET C 233 -25.46 -28.19 10.94
N ASP C 234 -26.63 -28.57 11.46
CA ASP C 234 -27.83 -28.65 10.64
C ASP C 234 -28.64 -27.38 10.67
N GLN C 235 -29.14 -27.01 11.85
CA GLN C 235 -30.01 -25.85 12.00
C GLN C 235 -29.45 -24.91 13.05
N GLY C 236 -28.14 -24.67 13.00
CA GLY C 236 -27.46 -23.99 14.08
C GLY C 236 -27.02 -24.87 15.22
N LEU C 237 -27.47 -26.13 15.26
CA LEU C 237 -27.03 -27.10 16.24
C LEU C 237 -26.26 -28.20 15.54
N VAL C 238 -25.35 -28.81 16.25
CA VAL C 238 -24.64 -29.97 15.73
C VAL C 238 -25.54 -31.18 15.85
N VAL C 239 -25.30 -32.16 15.01
CA VAL C 239 -26.05 -33.42 15.03
C VAL C 239 -25.18 -34.45 15.73
N ARG C 240 -25.73 -35.09 16.76
CA ARG C 240 -24.95 -36.02 17.55
C ARG C 240 -25.47 -37.45 17.49
N GLU C 241 -26.41 -37.74 16.60
CA GLU C 241 -26.84 -39.11 16.39
C GLU C 241 -26.00 -39.77 15.31
N ALA C 242 -25.70 -41.05 15.50
CA ALA C 242 -24.64 -41.74 14.78
C ALA C 242 -25.00 -42.00 13.32
N GLU C 243 -26.27 -42.35 13.06
CA GLU C 243 -26.69 -42.69 11.70
C GLU C 243 -26.71 -41.48 10.79
N LYS C 244 -27.06 -40.32 11.35
CA LYS C 244 -27.09 -39.09 10.57
C LYS C 244 -25.70 -38.61 10.22
N VAL C 245 -24.74 -38.73 11.14
CA VAL C 245 -23.40 -38.24 10.84
C VAL C 245 -22.63 -39.22 9.96
N THR C 246 -22.89 -40.53 10.04
CA THR C 246 -22.25 -41.44 9.10
C THR C 246 -22.89 -41.35 7.72
N LYS C 247 -24.19 -41.07 7.64
CA LYS C 247 -24.83 -40.88 6.34
C LYS C 247 -24.39 -39.58 5.69
N ALA C 248 -24.21 -38.53 6.49
CA ALA C 248 -23.69 -37.28 5.94
C ALA C 248 -22.20 -37.35 5.69
N TYR C 249 -21.50 -38.32 6.28
CA TYR C 249 -20.12 -38.56 5.89
C TYR C 249 -20.05 -39.25 4.54
N TRP C 250 -20.85 -40.31 4.34
CA TRP C 250 -20.80 -41.05 3.08
C TRP C 250 -21.42 -40.28 1.91
N GLN C 251 -22.27 -39.29 2.18
CA GLN C 251 -22.79 -38.48 1.09
C GLN C 251 -21.90 -37.30 0.72
N SER C 252 -20.99 -36.89 1.59
CA SER C 252 -20.21 -35.67 1.35
C SER C 252 -18.94 -35.91 0.55
N LYS C 253 -18.62 -37.17 0.23
CA LYS C 253 -17.39 -37.62 -0.44
C LYS C 253 -16.13 -37.17 0.28
N GLN C 254 -16.16 -37.24 1.61
CA GLN C 254 -14.95 -37.04 2.42
C GLN C 254 -14.10 -38.30 2.47
N TYR C 255 -14.71 -39.45 2.16
CA TYR C 255 -14.02 -40.72 2.25
C TYR C 255 -12.98 -40.91 1.15
N ARG C 256 -13.09 -40.20 0.03
CA ARG C 256 -12.03 -40.31 -0.98
C ARG C 256 -10.80 -39.51 -0.58
N ILE C 257 -10.98 -38.33 0.05
CA ILE C 257 -9.86 -37.55 0.54
C ILE C 257 -9.21 -38.24 1.73
N ASP C 258 -10.02 -38.90 2.57
CA ASP C 258 -9.47 -39.70 3.65
C ASP C 258 -8.86 -41.02 3.17
N GLY C 259 -9.25 -41.51 1.99
CA GLY C 259 -8.76 -42.79 1.54
C GLY C 259 -7.52 -42.72 0.67
N ILE C 260 -7.38 -41.65 -0.12
CA ILE C 260 -6.15 -41.44 -0.86
C ILE C 260 -5.01 -41.11 0.09
N SER C 261 -5.30 -40.41 1.18
CA SER C 261 -4.30 -40.03 2.16
C SER C 261 -3.97 -41.12 3.16
N LEU C 262 -4.33 -42.37 2.90
CA LEU C 262 -3.98 -43.46 3.80
C LEU C 262 -3.58 -44.72 3.06
N ILE C 263 -3.25 -44.63 1.77
CA ILE C 263 -2.81 -45.80 1.01
C ILE C 263 -1.42 -46.18 1.48
N PRO C 264 -1.22 -47.36 2.04
CA PRO C 264 0.09 -47.70 2.62
C PRO C 264 1.06 -48.24 1.58
N LEU C 265 1.37 -47.42 0.57
CA LEU C 265 2.40 -47.74 -0.38
C LEU C 265 3.79 -47.54 0.20
N ASP C 266 3.90 -46.68 1.21
CA ASP C 266 5.20 -46.38 1.80
C ASP C 266 5.72 -47.54 2.64
N TYR C 267 4.84 -48.37 3.17
CA TYR C 267 5.32 -49.50 3.96
C TYR C 267 5.76 -50.65 3.09
N ILE C 268 5.41 -50.65 1.82
CA ILE C 268 5.78 -51.71 0.88
C ILE C 268 6.95 -51.27 0.01
N LEU C 269 6.77 -50.21 -0.77
CA LEU C 269 7.76 -49.78 -1.74
C LEU C 269 8.56 -48.58 -1.29
N GLY C 270 8.50 -48.21 -0.02
CA GLY C 270 9.21 -47.06 0.48
C GLY C 270 10.42 -47.35 1.32
N TRP C 271 10.87 -48.60 1.36
CA TRP C 271 11.98 -48.96 2.21
C TRP C 271 12.94 -49.84 1.42
N PRO C 272 14.24 -49.82 1.75
CA PRO C 272 15.19 -50.64 0.99
C PRO C 272 15.04 -52.13 1.24
N ILE C 273 14.48 -52.82 0.26
CA ILE C 273 14.30 -54.28 0.30
C ILE C 273 15.52 -54.92 -0.37
N PRO C 274 16.23 -55.82 0.30
CA PRO C 274 17.44 -56.37 -0.31
C PRO C 274 17.18 -57.50 -1.30
N TYR C 275 16.07 -58.22 -1.14
CA TYR C 275 15.81 -59.41 -1.97
C TYR C 275 15.41 -59.03 -3.38
N ILE C 276 14.59 -57.98 -3.52
CA ILE C 276 14.21 -57.46 -4.83
C ILE C 276 15.32 -56.61 -5.43
N ASN C 277 16.29 -56.20 -4.59
CA ASN C 277 17.22 -55.08 -4.81
C ASN C 277 16.41 -53.84 -5.21
N TRP C 278 15.48 -53.50 -4.33
CA TRP C 278 14.67 -52.30 -4.42
C TRP C 278 15.26 -51.27 -3.47
N ARG C 279 15.61 -50.11 -3.99
CA ARG C 279 16.26 -49.07 -3.20
C ARG C 279 15.28 -48.21 -2.43
N GLY C 280 13.99 -48.44 -2.57
CA GLY C 280 13.01 -47.70 -1.83
C GLY C 280 12.62 -46.39 -2.49
N LEU C 281 11.32 -46.13 -2.54
CA LEU C 281 10.79 -44.84 -2.97
C LEU C 281 10.11 -44.19 -1.79
N PRO C 282 10.80 -43.32 -1.04
CA PRO C 282 10.14 -42.61 0.04
C PRO C 282 9.12 -41.59 -0.41
N ILE C 283 9.15 -41.14 -1.67
CA ILE C 283 8.22 -40.15 -2.20
C ILE C 283 6.80 -40.68 -2.37
N LEU C 284 6.55 -41.98 -2.19
CA LEU C 284 5.20 -42.52 -2.19
C LEU C 284 4.39 -42.18 -0.95
N ARG C 285 5.00 -41.58 0.07
CA ARG C 285 4.29 -41.01 1.21
C ARG C 285 3.90 -39.55 0.97
N LEU C 286 3.85 -39.11 -0.28
CA LEU C 286 3.33 -37.79 -0.60
C LEU C 286 1.82 -37.75 -0.64
N ASN C 287 1.13 -38.88 -0.50
CA ASN C 287 -0.32 -38.86 -0.45
C ASN C 287 -0.82 -38.36 0.88
N ARG C 288 0.00 -38.34 1.92
CA ARG C 288 -0.40 -37.80 3.21
C ARG C 288 -0.48 -36.28 3.21
N LEU C 289 -0.02 -35.60 2.17
CA LEU C 289 -0.09 -34.16 2.06
C LEU C 289 -1.41 -33.66 1.47
N ILE C 290 -2.38 -34.55 1.24
CA ILE C 290 -3.65 -34.13 0.70
C ILE C 290 -4.57 -33.65 1.82
N ARG C 291 -4.28 -34.02 3.07
CA ARG C 291 -5.04 -33.51 4.21
C ARG C 291 -4.58 -32.12 4.65
N TYR C 292 -4.78 -31.14 3.78
CA TYR C 292 -4.39 -29.77 4.08
C TYR C 292 -5.53 -28.97 4.67
N LYS C 293 -6.76 -29.49 4.60
CA LYS C 293 -7.94 -28.78 5.10
C LYS C 293 -7.94 -28.71 6.61
N ARG C 294 -7.46 -29.76 7.27
CA ARG C 294 -7.40 -29.77 8.71
C ARG C 294 -6.32 -28.85 9.24
N VAL C 295 -5.23 -28.70 8.47
CA VAL C 295 -4.15 -27.78 8.82
C VAL C 295 -4.60 -26.34 8.62
N ARG C 296 -5.35 -26.08 7.55
CA ARG C 296 -5.84 -24.74 7.30
C ARG C 296 -6.91 -24.34 8.32
N ASN C 297 -7.74 -25.30 8.75
CA ASN C 297 -8.68 -25.03 9.83
C ASN C 297 -7.98 -24.84 11.17
N CYS C 298 -6.85 -25.52 11.40
CA CYS C 298 -6.11 -25.33 12.64
C CYS C 298 -5.42 -23.97 12.68
N LEU C 299 -4.90 -23.50 11.55
CA LEU C 299 -4.26 -22.19 11.54
C LEU C 299 -5.28 -21.07 11.62
N GLU C 300 -6.45 -21.24 10.99
CA GLU C 300 -7.52 -20.25 11.08
C GLU C 300 -8.11 -20.21 12.48
N ARG C 301 -8.46 -21.37 13.05
CA ARG C 301 -8.99 -21.43 14.39
C ARG C 301 -7.95 -21.20 15.47
N THR C 302 -6.66 -21.15 15.14
CA THR C 302 -5.69 -20.66 16.10
C THR C 302 -5.61 -19.14 16.07
N GLU C 303 -5.53 -18.52 14.89
CA GLU C 303 -5.34 -17.09 14.94
C GLU C 303 -6.63 -16.29 15.10
N THR C 304 -7.81 -16.93 15.09
CA THR C 304 -8.96 -16.22 15.64
C THR C 304 -8.95 -16.24 17.16
N ARG C 305 -8.48 -17.33 17.75
CA ARG C 305 -8.61 -17.49 19.20
C ARG C 305 -7.40 -17.01 19.97
N SER C 306 -6.30 -16.67 19.30
CA SER C 306 -5.07 -16.32 20.00
C SER C 306 -5.10 -14.89 20.49
N SER C 307 -4.54 -14.68 21.68
CA SER C 307 -4.45 -13.35 22.25
C SER C 307 -3.28 -12.55 21.70
N MET C 308 -2.32 -13.21 21.04
CA MET C 308 -1.23 -12.55 20.34
C MET C 308 -1.35 -12.93 18.87
N PRO C 309 -2.16 -12.21 18.09
CA PRO C 309 -2.43 -12.64 16.72
C PRO C 309 -1.30 -12.32 15.75
N ASN C 310 -0.63 -11.18 15.96
CA ASN C 310 0.43 -10.78 15.04
C ASN C 310 1.70 -11.60 15.24
N ALA C 311 1.93 -12.07 16.47
CA ALA C 311 3.05 -12.97 16.72
C ALA C 311 2.81 -14.33 16.07
N PHE C 312 1.56 -14.78 16.06
CA PHE C 312 1.24 -16.03 15.37
C PHE C 312 1.31 -15.87 13.85
N ARG C 313 0.95 -14.70 13.34
CA ARG C 313 1.07 -14.44 11.91
C ARG C 313 2.53 -14.40 11.46
N VAL C 314 3.40 -13.83 12.31
CA VAL C 314 4.81 -13.77 11.99
C VAL C 314 5.46 -15.15 12.07
N VAL C 315 5.06 -15.97 13.06
CA VAL C 315 5.56 -17.34 13.20
C VAL C 315 5.09 -18.22 12.05
N VAL C 316 3.88 -17.99 11.54
CA VAL C 316 3.34 -18.78 10.44
C VAL C 316 4.02 -18.43 9.11
N VAL C 317 4.31 -17.15 8.86
CA VAL C 317 5.01 -16.83 7.61
C VAL C 317 6.50 -17.19 7.70
N VAL C 318 7.08 -17.23 8.91
CA VAL C 318 8.44 -17.75 9.07
C VAL C 318 8.49 -19.26 8.82
N TRP C 319 7.45 -19.99 9.23
CA TRP C 319 7.34 -21.42 8.94
C TRP C 319 7.12 -21.69 7.46
N TYR C 320 6.35 -20.83 6.79
CA TYR C 320 6.16 -20.92 5.34
C TYR C 320 7.46 -20.69 4.59
N ILE C 321 8.26 -19.74 5.08
CA ILE C 321 9.57 -19.43 4.50
C ILE C 321 10.52 -20.61 4.63
N VAL C 322 10.53 -21.25 5.81
CA VAL C 322 11.46 -22.34 6.07
C VAL C 322 11.06 -23.60 5.31
N ILE C 323 9.75 -23.83 5.14
CA ILE C 323 9.28 -24.99 4.39
C ILE C 323 9.51 -24.81 2.89
N ILE C 324 9.39 -23.57 2.39
CA ILE C 324 9.64 -23.29 0.96
C ILE C 324 11.13 -23.40 0.63
N ILE C 325 11.99 -22.87 1.50
CA ILE C 325 13.44 -22.96 1.30
C ILE C 325 13.93 -24.40 1.49
N HIS C 326 13.28 -25.19 2.34
CA HIS C 326 13.64 -26.59 2.51
C HIS C 326 13.23 -27.43 1.31
N TRP C 327 12.08 -27.15 0.71
CA TRP C 327 11.66 -27.89 -0.46
C TRP C 327 12.47 -27.50 -1.69
N ASN C 328 12.92 -26.26 -1.76
CA ASN C 328 13.82 -25.89 -2.84
C ASN C 328 15.23 -26.41 -2.61
N ALA C 329 15.62 -26.65 -1.35
CA ALA C 329 16.90 -27.28 -1.04
C ALA C 329 16.93 -28.73 -1.49
N CYS C 330 15.85 -29.45 -1.21
CA CYS C 330 15.75 -30.82 -1.69
C CYS C 330 15.56 -30.89 -3.20
N LEU C 331 14.96 -29.87 -3.81
CA LEU C 331 14.86 -29.84 -5.27
C LEU C 331 16.22 -29.60 -5.93
N TYR C 332 17.04 -28.71 -5.34
CA TYR C 332 18.39 -28.47 -5.84
C TYR C 332 19.27 -29.69 -5.67
N PHE C 333 19.18 -30.37 -4.53
CA PHE C 333 20.02 -31.56 -4.41
C PHE C 333 19.49 -32.75 -5.17
N TRP C 334 18.20 -32.79 -5.52
CA TRP C 334 17.75 -33.85 -6.41
C TRP C 334 18.25 -33.63 -7.83
N ILE C 335 18.30 -32.37 -8.29
CA ILE C 335 18.84 -32.12 -9.62
C ILE C 335 20.37 -32.27 -9.62
N SER C 336 21.04 -31.96 -8.51
CA SER C 336 22.47 -32.17 -8.39
C SER C 336 22.83 -33.65 -8.29
N GLU C 337 21.94 -34.48 -7.78
CA GLU C 337 22.18 -35.92 -7.83
C GLU C 337 21.85 -36.50 -9.19
N TRP C 338 20.84 -35.94 -9.87
CA TRP C 338 20.38 -36.51 -11.12
C TRP C 338 21.34 -36.21 -12.27
N ILE C 339 21.87 -34.99 -12.31
CA ILE C 339 22.93 -34.65 -13.27
C ILE C 339 24.20 -35.42 -12.94
N GLY C 340 24.54 -35.52 -11.67
CA GLY C 340 25.71 -36.24 -11.25
C GLY C 340 26.58 -35.29 -10.46
N LEU C 341 26.88 -35.63 -9.21
CA LEU C 341 27.60 -34.72 -8.34
C LEU C 341 29.06 -34.62 -8.75
N GLY C 342 29.58 -33.41 -8.73
CA GLY C 342 30.95 -33.19 -9.12
C GLY C 342 31.22 -33.25 -10.59
N THR C 343 30.19 -33.13 -11.44
CA THR C 343 30.41 -33.17 -12.87
C THR C 343 30.64 -31.79 -13.46
N ASP C 344 30.06 -30.75 -12.86
CA ASP C 344 30.34 -29.39 -13.29
C ASP C 344 30.30 -28.50 -12.06
N ALA C 345 30.49 -27.20 -12.29
CA ALA C 345 30.74 -26.29 -11.19
C ALA C 345 29.49 -25.65 -10.62
N TRP C 346 28.30 -25.97 -11.13
CA TRP C 346 27.08 -25.50 -10.51
C TRP C 346 26.52 -26.55 -9.55
N VAL C 347 26.65 -27.81 -9.95
CA VAL C 347 26.25 -28.97 -9.18
C VAL C 347 27.10 -29.04 -7.92
N TYR C 348 26.50 -29.50 -6.81
CA TYR C 348 27.23 -29.88 -5.61
C TYR C 348 28.31 -30.89 -5.94
N GLY C 349 29.46 -30.73 -5.32
CA GLY C 349 30.53 -31.69 -5.52
C GLY C 349 31.86 -31.04 -5.25
N HIS C 350 32.90 -31.65 -5.81
CA HIS C 350 34.25 -31.16 -5.57
C HIS C 350 34.62 -30.03 -6.52
N LEU C 351 33.95 -29.93 -7.66
CA LEU C 351 34.23 -28.89 -8.63
C LEU C 351 33.49 -27.60 -8.34
N ASN C 352 32.64 -27.58 -7.32
CA ASN C 352 31.82 -26.41 -7.05
C ASN C 352 32.64 -25.31 -6.38
N LYS C 353 33.47 -25.69 -5.41
CA LYS C 353 34.44 -24.88 -4.65
C LYS C 353 33.82 -23.82 -3.74
N GLN C 354 32.50 -23.71 -3.71
CA GLN C 354 31.78 -23.08 -2.61
C GLN C 354 31.11 -24.13 -1.76
N SER C 355 30.76 -25.25 -2.37
CA SER C 355 30.17 -26.36 -1.65
C SER C 355 31.22 -27.11 -0.85
N LEU C 356 32.31 -27.52 -1.49
CA LEU C 356 33.43 -28.16 -0.80
C LEU C 356 34.68 -27.33 -1.01
N PRO C 357 34.95 -26.36 -0.13
CA PRO C 357 36.22 -25.64 -0.17
C PRO C 357 37.39 -26.43 0.38
N ASP C 358 38.50 -25.71 0.61
CA ASP C 358 39.65 -26.28 1.28
C ASP C 358 39.31 -26.66 2.72
N ASP C 359 39.65 -27.91 3.06
CA ASP C 359 39.50 -28.53 4.38
C ASP C 359 38.04 -28.59 4.85
N ILE C 360 37.14 -28.97 3.95
CA ILE C 360 35.73 -29.14 4.27
C ILE C 360 35.32 -30.54 3.85
N THR C 361 34.81 -31.31 4.80
CA THR C 361 34.41 -32.70 4.58
C THR C 361 33.07 -32.71 3.86
N ASP C 362 32.84 -33.73 3.03
CA ASP C 362 31.56 -33.94 2.37
C ASP C 362 30.74 -34.93 3.20
N THR C 363 29.80 -34.41 3.97
CA THR C 363 28.94 -35.21 4.81
C THR C 363 27.48 -34.97 4.40
N LEU C 364 26.56 -35.59 5.11
CA LEU C 364 25.14 -35.33 4.86
C LEU C 364 24.72 -33.96 5.36
N LEU C 365 25.35 -33.53 6.45
CA LEU C 365 25.10 -32.20 6.99
C LEU C 365 25.61 -31.12 6.04
N ARG C 366 26.71 -31.39 5.35
CA ARG C 366 27.25 -30.43 4.38
C ARG C 366 26.35 -30.33 3.16
N ARG C 367 25.72 -31.44 2.77
CA ARG C 367 24.80 -31.47 1.65
C ARG C 367 23.54 -30.67 1.95
N TYR C 368 22.95 -30.89 3.13
CA TYR C 368 21.75 -30.14 3.47
C TYR C 368 22.04 -28.67 3.78
N VAL C 369 23.19 -28.37 4.37
CA VAL C 369 23.53 -27.00 4.73
C VAL C 369 23.88 -26.16 3.49
N TYR C 370 24.58 -26.76 2.52
CA TYR C 370 24.82 -26.04 1.27
C TYR C 370 23.57 -25.93 0.41
N SER C 371 22.68 -26.93 0.41
CA SER C 371 21.46 -26.81 -0.38
C SER C 371 20.49 -25.81 0.22
N PHE C 372 20.45 -25.70 1.56
CA PHE C 372 19.64 -24.68 2.20
C PHE C 372 20.20 -23.29 1.97
N TYR C 373 21.53 -23.15 1.91
CA TYR C 373 22.13 -21.86 1.60
C TYR C 373 21.92 -21.47 0.15
N TRP C 374 21.95 -22.45 -0.76
CA TRP C 374 21.71 -22.20 -2.17
C TRP C 374 20.27 -21.74 -2.41
N SER C 375 19.31 -22.37 -1.74
CA SER C 375 17.93 -21.93 -1.90
C SER C 375 17.63 -20.63 -1.17
N THR C 376 18.37 -20.34 -0.09
CA THR C 376 18.23 -19.02 0.54
C THR C 376 18.77 -17.92 -0.36
N LEU C 377 19.86 -18.19 -1.07
CA LEU C 377 20.37 -17.15 -1.97
C LEU C 377 19.62 -17.07 -3.29
N ILE C 378 18.92 -18.14 -3.69
CA ILE C 378 18.20 -18.09 -4.94
C ILE C 378 16.80 -17.52 -4.74
N LEU C 379 16.09 -17.96 -3.69
CA LEU C 379 14.71 -17.52 -3.50
C LEU C 379 14.61 -16.09 -3.00
N THR C 380 15.61 -15.59 -2.30
CA THR C 380 15.67 -14.17 -1.97
C THR C 380 16.36 -13.35 -3.04
N THR C 381 16.83 -14.00 -4.12
CA THR C 381 17.46 -13.42 -5.32
C THR C 381 18.66 -12.54 -5.00
N ILE C 382 19.46 -12.98 -4.04
CA ILE C 382 20.79 -12.42 -3.90
C ILE C 382 21.71 -12.97 -4.97
N GLY C 383 21.66 -14.28 -5.18
CA GLY C 383 22.29 -14.90 -6.33
C GLY C 383 23.78 -15.04 -6.26
N GLU C 384 24.37 -15.08 -5.06
CA GLU C 384 25.83 -15.21 -4.93
C GLU C 384 26.26 -16.68 -4.85
N VAL C 385 25.81 -17.44 -5.82
CA VAL C 385 26.01 -18.87 -5.96
C VAL C 385 26.74 -19.07 -7.29
N PRO C 386 27.29 -20.26 -7.58
CA PRO C 386 27.87 -20.47 -8.91
C PRO C 386 26.85 -20.44 -10.02
N SER C 387 27.27 -19.82 -11.12
CA SER C 387 26.46 -19.68 -12.31
C SER C 387 26.31 -21.05 -12.99
N PRO C 388 25.18 -21.30 -13.68
CA PRO C 388 24.97 -22.63 -14.25
C PRO C 388 25.85 -22.90 -15.44
N VAL C 389 26.03 -24.19 -15.74
CA VAL C 389 26.88 -24.64 -16.82
C VAL C 389 26.06 -25.27 -17.94
N ARG C 390 25.39 -26.38 -17.67
CA ARG C 390 24.60 -27.04 -18.69
C ARG C 390 23.26 -26.34 -18.82
N ASN C 391 22.53 -26.68 -19.90
CA ASN C 391 21.32 -25.94 -20.24
C ASN C 391 20.17 -26.26 -19.31
N ILE C 392 20.15 -27.46 -18.74
CA ILE C 392 19.07 -27.83 -17.83
C ILE C 392 19.26 -27.13 -16.48
N GLU C 393 20.50 -26.82 -16.13
CA GLU C 393 20.79 -26.02 -14.95
C GLU C 393 20.41 -24.57 -15.16
N TYR C 394 20.53 -24.07 -16.39
CA TYR C 394 20.10 -22.72 -16.72
C TYR C 394 18.59 -22.61 -16.68
N ALA C 395 17.88 -23.64 -17.16
CA ALA C 395 16.42 -23.66 -17.11
C ALA C 395 15.90 -23.75 -15.69
N PHE C 396 16.56 -24.56 -14.86
CA PHE C 396 16.15 -24.69 -13.46
C PHE C 396 16.44 -23.42 -12.66
N VAL C 397 17.59 -22.77 -12.90
CA VAL C 397 17.92 -21.56 -12.16
C VAL C 397 17.07 -20.38 -12.64
N THR C 398 16.70 -20.33 -13.92
CA THR C 398 15.81 -19.28 -14.42
C THR C 398 14.40 -19.42 -13.87
N LEU C 399 13.88 -20.66 -13.84
CA LEU C 399 12.56 -20.92 -13.28
C LEU C 399 12.54 -20.72 -11.77
N ASP C 400 13.63 -21.09 -11.09
CA ASP C 400 13.72 -20.94 -9.64
C ASP C 400 13.90 -19.50 -9.23
N LEU C 401 14.60 -18.70 -10.04
CA LEU C 401 14.76 -17.29 -9.72
C LEU C 401 13.49 -16.51 -9.99
N MET C 402 12.72 -16.89 -11.02
CA MET C 402 11.46 -16.18 -11.24
C MET C 402 10.42 -16.57 -10.22
N CYS C 403 10.40 -17.85 -9.81
CA CYS C 403 9.55 -18.25 -8.69
C CYS C 403 9.98 -17.61 -7.39
N GLY C 404 11.28 -17.37 -7.20
CA GLY C 404 11.76 -16.68 -6.02
C GLY C 404 11.39 -15.22 -5.98
N VAL C 405 11.44 -14.55 -7.14
CA VAL C 405 11.02 -13.15 -7.28
C VAL C 405 9.53 -13.00 -6.94
N LEU C 406 8.69 -13.87 -7.53
CA LEU C 406 7.25 -13.74 -7.33
C LEU C 406 6.81 -14.12 -5.92
N ILE C 407 7.20 -15.30 -5.43
CA ILE C 407 6.63 -15.72 -4.15
C ILE C 407 7.34 -15.06 -2.98
N PHE C 408 8.60 -14.67 -3.12
CA PHE C 408 9.22 -13.92 -1.99
C PHE C 408 8.79 -12.46 -2.03
N ALA C 409 8.43 -11.91 -3.19
CA ALA C 409 7.83 -10.59 -3.24
C ALA C 409 6.51 -10.55 -2.49
N THR C 410 5.65 -11.56 -2.71
CA THR C 410 4.39 -11.58 -1.95
C THR C 410 4.58 -11.95 -0.49
N ILE C 411 5.58 -12.77 -0.16
CA ILE C 411 5.75 -13.17 1.23
C ILE C 411 6.31 -12.05 2.12
N VAL C 412 7.28 -11.32 1.60
CA VAL C 412 7.85 -10.15 2.34
C VAL C 412 6.84 -9.00 2.29
N GLY C 413 5.98 -8.94 1.27
CA GLY C 413 4.91 -7.96 1.26
C GLY C 413 3.93 -8.24 2.39
N ASN C 414 3.66 -9.52 2.64
CA ASN C 414 2.82 -9.91 3.77
C ASN C 414 3.50 -9.63 5.11
N VAL C 415 4.83 -9.81 5.18
CA VAL C 415 5.55 -9.55 6.42
C VAL C 415 5.66 -8.04 6.68
N GLY C 416 5.83 -7.25 5.62
CA GLY C 416 5.82 -5.80 5.76
C GLY C 416 4.46 -5.24 6.15
N SER C 417 3.38 -5.85 5.65
CA SER C 417 2.04 -5.48 6.09
C SER C 417 1.76 -5.92 7.53
N MET C 418 2.29 -7.07 7.94
CA MET C 418 2.01 -7.58 9.28
C MET C 418 2.77 -6.83 10.36
N ILE C 419 3.94 -6.29 10.02
CA ILE C 419 4.67 -5.48 10.99
C ILE C 419 4.37 -3.99 10.79
N SER C 420 3.70 -3.61 9.70
CA SER C 420 3.08 -2.30 9.66
C SER C 420 1.81 -2.27 10.49
N ASN C 421 1.10 -3.39 10.59
CA ASN C 421 -0.16 -3.43 11.32
C ASN C 421 0.03 -3.64 12.82
N MET C 422 1.27 -3.85 13.28
CA MET C 422 1.50 -3.99 14.72
C MET C 422 1.49 -2.65 15.43
N SER C 423 1.63 -1.55 14.69
CA SER C 423 1.49 -0.22 15.24
C SER C 423 0.61 0.65 14.36
N ALA C 424 -0.56 0.14 13.98
CA ALA C 424 -1.45 0.88 13.10
C ALA C 424 -2.22 1.98 13.84
N ALA C 425 -2.51 1.78 15.13
CA ALA C 425 -3.26 2.77 15.90
C ALA C 425 -2.41 4.00 16.16
N TRP C 426 -1.12 3.80 16.41
CA TRP C 426 -0.19 4.91 16.59
C TRP C 426 0.02 5.69 15.31
N THR C 427 -0.02 5.03 14.16
CA THR C 427 0.14 5.76 12.91
C THR C 427 -1.13 6.52 12.54
N GLU C 428 -2.31 5.99 12.90
CA GLU C 428 -3.53 6.74 12.61
C GLU C 428 -3.69 7.94 13.54
N PHE C 429 -3.28 7.76 14.80
CA PHE C 429 -3.16 8.87 15.75
C PHE C 429 -2.16 9.92 15.26
N GLN C 430 -1.06 9.47 14.64
CA GLN C 430 -0.09 10.42 14.12
C GLN C 430 -0.56 11.13 12.85
N ASN C 431 -1.41 10.50 12.04
CA ASN C 431 -1.98 11.21 10.90
C ASN C 431 -2.97 12.29 11.34
N LYS C 432 -3.75 12.00 12.39
CA LYS C 432 -4.65 13.01 12.95
C LYS C 432 -3.89 14.17 13.58
N MET C 433 -2.80 13.87 14.30
CA MET C 433 -1.97 14.91 14.88
C MET C 433 -1.19 15.71 13.84
N ASP C 434 -0.80 15.07 12.72
CA ASP C 434 -0.14 15.79 11.63
C ASP C 434 -1.08 16.74 10.93
N GLY C 435 -2.33 16.32 10.75
CA GLY C 435 -3.32 17.21 10.15
C GLY C 435 -3.67 18.40 11.03
N ILE C 436 -3.77 18.17 12.34
CA ILE C 436 -4.10 19.27 13.25
C ILE C 436 -2.91 20.21 13.44
N LYS C 437 -1.69 19.67 13.49
CA LYS C 437 -0.50 20.51 13.60
C LYS C 437 -0.23 21.32 12.34
N GLN C 438 -0.55 20.76 11.17
CA GLN C 438 -0.42 21.50 9.92
C GLN C 438 -1.48 22.60 9.83
N TYR C 439 -2.70 22.31 10.30
CA TYR C 439 -3.78 23.30 10.29
C TYR C 439 -3.49 24.45 11.25
N MET C 440 -2.99 24.15 12.44
CA MET C 440 -2.66 25.21 13.36
C MET C 440 -1.37 25.93 13.02
N GLU C 441 -0.53 25.34 12.16
CA GLU C 441 0.61 26.09 11.65
C GLU C 441 0.20 27.07 10.57
N LEU C 442 -0.65 26.65 9.61
CA LEU C 442 -0.93 27.54 8.49
C LEU C 442 -1.96 28.62 8.80
N ARG C 443 -2.83 28.42 9.78
CA ARG C 443 -3.83 29.44 10.12
C ARG C 443 -3.34 30.44 11.14
N LYS C 444 -2.10 30.30 11.61
CA LYS C 444 -1.45 31.14 12.64
C LYS C 444 -2.26 31.18 13.94
N VAL C 445 -2.61 30.00 14.44
CA VAL C 445 -3.21 29.87 15.76
C VAL C 445 -2.13 30.15 16.79
N SER C 446 -2.50 30.85 17.87
CA SER C 446 -1.57 31.24 18.92
C SER C 446 -1.04 30.05 19.70
N LYS C 447 -0.03 30.32 20.54
CA LYS C 447 0.78 29.25 21.11
C LYS C 447 0.07 28.52 22.23
N GLN C 448 -0.79 29.19 22.99
CA GLN C 448 -1.42 28.55 24.14
C GLN C 448 -2.51 27.57 23.72
N LEU C 449 -3.18 27.82 22.59
CA LEU C 449 -4.13 26.85 22.07
C LEU C 449 -3.42 25.66 21.46
N GLU C 450 -2.24 25.87 20.89
CA GLU C 450 -1.48 24.77 20.31
C GLU C 450 -0.90 23.87 21.40
N ILE C 451 -0.44 24.44 22.51
CA ILE C 451 0.05 23.59 23.57
C ILE C 451 -1.11 22.97 24.35
N ARG C 452 -2.29 23.58 24.34
CA ARG C 452 -3.48 22.92 24.92
C ARG C 452 -3.93 21.74 24.08
N VAL C 453 -3.83 21.85 22.76
CA VAL C 453 -4.24 20.76 21.87
C VAL C 453 -3.24 19.60 21.93
N ILE C 454 -1.93 19.91 21.94
CA ILE C 454 -0.97 18.80 22.04
C ILE C 454 -0.91 18.22 23.46
N LYS C 455 -1.30 18.97 24.50
CA LYS C 455 -1.44 18.37 25.81
C LYS C 455 -2.66 17.49 25.90
N TRP C 456 -3.74 17.85 25.19
CA TRP C 456 -4.91 17.00 25.09
C TRP C 456 -4.61 15.71 24.34
N PHE C 457 -3.76 15.79 23.32
CA PHE C 457 -3.37 14.58 22.59
C PHE C 457 -2.39 13.72 23.37
N ASP C 458 -1.50 14.33 24.17
CA ASP C 458 -0.62 13.57 25.06
C ASP C 458 -1.43 12.86 26.14
N TYR C 459 -2.49 13.49 26.64
CA TYR C 459 -3.39 12.79 27.56
C TYR C 459 -4.17 11.69 26.86
N LEU C 460 -4.58 11.93 25.61
CA LEU C 460 -5.40 10.97 24.89
C LEU C 460 -4.61 9.73 24.49
N TRP C 461 -3.29 9.85 24.32
CA TRP C 461 -2.48 8.66 24.13
C TRP C 461 -1.99 8.08 25.44
N THR C 462 -1.91 8.87 26.50
CA THR C 462 -1.36 8.37 27.76
C THR C 462 -2.32 7.40 28.46
N ASN C 463 -3.61 7.74 28.51
CA ASN C 463 -4.53 6.81 29.15
C ASN C 463 -4.98 5.69 28.21
N LYS C 464 -5.19 6.03 26.93
CA LYS C 464 -5.67 5.24 25.78
C LYS C 464 -6.88 4.33 26.06
N GLN C 465 -7.77 4.76 26.97
CA GLN C 465 -9.07 4.15 27.13
C GLN C 465 -10.21 5.11 26.81
N SER C 466 -9.98 6.04 25.88
CA SER C 466 -10.98 7.07 25.62
C SER C 466 -11.95 6.69 24.51
N LEU C 467 -11.44 6.52 23.29
CA LEU C 467 -12.29 6.37 22.10
C LEU C 467 -11.86 5.12 21.33
N SER C 468 -12.47 3.98 21.65
CA SER C 468 -12.24 2.76 20.91
C SER C 468 -13.55 1.99 20.74
N ASP C 469 -14.64 2.69 20.44
CA ASP C 469 -15.96 2.07 20.43
C ASP C 469 -16.47 1.82 19.02
N GLN C 470 -15.69 2.22 18.00
CA GLN C 470 -16.20 2.35 16.64
C GLN C 470 -16.36 0.99 15.95
N GLN C 471 -15.38 0.09 16.10
CA GLN C 471 -15.48 -1.23 15.49
C GLN C 471 -16.49 -2.11 16.22
N VAL C 472 -16.66 -1.89 17.53
CA VAL C 472 -17.67 -2.60 18.30
C VAL C 472 -19.07 -2.17 17.89
N LEU C 473 -19.26 -0.86 17.68
CA LEU C 473 -20.56 -0.40 17.18
C LEU C 473 -20.77 -0.72 15.71
N LYS C 474 -19.71 -1.00 14.95
CA LYS C 474 -19.91 -1.41 13.57
C LYS C 474 -20.38 -2.86 13.49
N VAL C 475 -19.54 -3.81 13.90
CA VAL C 475 -19.71 -5.15 13.34
C VAL C 475 -20.48 -6.05 14.31
N LEU C 476 -20.47 -5.72 15.59
CA LEU C 476 -21.04 -6.62 16.57
C LEU C 476 -22.55 -6.40 16.67
N PRO C 477 -23.32 -7.43 17.03
CA PRO C 477 -24.76 -7.23 17.22
C PRO C 477 -25.08 -6.44 18.48
N ASP C 478 -26.31 -5.92 18.52
CA ASP C 478 -26.70 -5.01 19.58
C ASP C 478 -26.92 -5.71 20.92
N LYS C 479 -27.16 -7.02 20.93
CA LYS C 479 -27.19 -7.75 22.18
C LYS C 479 -25.80 -7.88 22.79
N LEU C 480 -24.80 -8.18 21.94
CA LEU C 480 -23.43 -8.27 22.43
C LEU C 480 -22.83 -6.90 22.70
N GLN C 481 -23.26 -5.88 21.95
CA GLN C 481 -22.85 -4.50 22.25
C GLN C 481 -23.48 -4.02 23.54
N ALA C 482 -24.72 -4.43 23.81
CA ALA C 482 -25.37 -4.10 25.07
C ALA C 482 -24.72 -4.82 26.24
N GLU C 483 -24.28 -6.06 26.03
CA GLU C 483 -23.62 -6.81 27.10
C GLU C 483 -22.21 -6.27 27.36
N ILE C 484 -21.54 -5.78 26.33
CA ILE C 484 -20.26 -5.10 26.50
C ILE C 484 -20.46 -3.76 27.22
N ALA C 485 -21.55 -3.06 26.92
CA ALA C 485 -21.88 -1.82 27.62
C ALA C 485 -22.29 -2.06 29.07
N MET C 486 -22.83 -3.23 29.39
CA MET C 486 -23.04 -3.58 30.79
C MET C 486 -21.73 -3.89 31.50
N GLN C 487 -20.87 -4.73 30.88
CA GLN C 487 -19.73 -5.27 31.61
C GLN C 487 -18.59 -4.27 31.81
N VAL C 488 -18.48 -3.28 30.94
CA VAL C 488 -17.44 -2.26 31.11
C VAL C 488 -17.90 -1.16 32.05
N HIS C 489 -19.10 -0.65 31.83
CA HIS C 489 -19.56 0.59 32.45
C HIS C 489 -20.30 0.36 33.76
N PHE C 490 -20.16 -0.81 34.38
CA PHE C 490 -21.03 -1.23 35.49
C PHE C 490 -20.80 -0.43 36.76
N GLU C 491 -19.57 -0.01 37.01
CA GLU C 491 -19.25 0.79 38.18
C GLU C 491 -19.79 2.21 38.07
N THR C 492 -20.08 2.70 36.87
CA THR C 492 -20.75 3.98 36.74
C THR C 492 -22.26 3.81 36.58
N LEU C 493 -22.72 2.66 36.09
CA LEU C 493 -24.16 2.44 36.02
C LEU C 493 -24.75 2.12 37.38
N ARG C 494 -23.94 1.66 38.34
CA ARG C 494 -24.48 1.31 39.65
C ARG C 494 -24.72 2.52 40.54
N LYS C 495 -24.17 3.69 40.21
CA LYS C 495 -24.29 4.85 41.09
C LYS C 495 -25.29 5.89 40.62
N VAL C 496 -25.71 5.84 39.36
CA VAL C 496 -26.43 6.95 38.75
C VAL C 496 -27.89 6.89 39.16
N ARG C 497 -28.43 8.05 39.59
CA ARG C 497 -29.71 8.13 40.31
C ARG C 497 -30.91 7.82 39.42
N ILE C 498 -30.85 8.16 38.14
CA ILE C 498 -31.90 7.69 37.24
C ILE C 498 -31.71 6.20 36.94
N PHE C 499 -30.46 5.76 36.78
CA PHE C 499 -30.17 4.39 36.33
C PHE C 499 -30.41 3.33 37.41
N GLN C 500 -30.49 3.73 38.68
CA GLN C 500 -30.86 2.76 39.70
C GLN C 500 -32.36 2.53 39.77
N ASP C 501 -33.16 3.44 39.22
CA ASP C 501 -34.62 3.40 39.33
C ASP C 501 -35.21 3.64 37.94
N CYS C 502 -35.35 2.59 37.15
CA CYS C 502 -36.00 2.66 35.85
C CYS C 502 -36.51 1.28 35.49
N GLU C 503 -37.02 1.17 34.27
CA GLU C 503 -37.16 -0.11 33.61
C GLU C 503 -35.81 -0.51 33.05
N ALA C 504 -35.54 -1.82 33.01
CA ALA C 504 -34.21 -2.31 32.65
C ALA C 504 -33.92 -2.19 31.16
N GLY C 505 -34.94 -2.41 30.32
CA GLY C 505 -34.77 -2.21 28.89
C GLY C 505 -34.63 -0.74 28.52
N LEU C 506 -35.19 0.15 29.34
CA LEU C 506 -34.98 1.58 29.19
C LEU C 506 -33.54 1.96 29.45
N LEU C 507 -32.91 1.38 30.48
CA LEU C 507 -31.52 1.69 30.75
C LEU C 507 -30.59 1.02 29.74
N ALA C 508 -30.99 -0.11 29.15
CA ALA C 508 -30.23 -0.69 28.04
C ALA C 508 -30.31 0.19 26.78
N GLU C 509 -31.52 0.68 26.48
CA GLU C 509 -31.71 1.56 25.33
C GLU C 509 -31.05 2.92 25.53
N LEU C 510 -30.87 3.35 26.79
CA LEU C 510 -30.13 4.58 27.03
C LEU C 510 -28.62 4.35 26.97
N VAL C 511 -28.15 3.20 27.49
CA VAL C 511 -26.71 2.97 27.56
C VAL C 511 -26.14 2.58 26.21
N LEU C 512 -26.97 2.23 25.22
CA LEU C 512 -26.43 2.12 23.88
C LEU C 512 -26.22 3.48 23.21
N LYS C 513 -26.83 4.56 23.72
CA LYS C 513 -26.76 5.85 23.04
C LYS C 513 -25.86 6.85 23.74
N LEU C 514 -25.03 6.44 24.69
CA LEU C 514 -24.13 7.37 25.34
C LEU C 514 -22.91 7.64 24.47
N GLN C 515 -22.12 8.63 24.87
CA GLN C 515 -20.88 8.97 24.18
C GLN C 515 -19.93 9.59 25.17
N LEU C 516 -18.64 9.59 24.81
CA LEU C 516 -17.59 10.12 25.65
C LEU C 516 -17.11 11.46 25.09
N GLN C 517 -16.97 12.46 25.95
CA GLN C 517 -16.28 13.70 25.60
C GLN C 517 -15.22 13.95 26.66
N VAL C 518 -13.96 14.06 26.23
CA VAL C 518 -12.86 14.32 27.13
C VAL C 518 -12.71 15.83 27.30
N PHE C 519 -12.51 16.27 28.54
CA PHE C 519 -12.48 17.69 28.86
C PHE C 519 -11.12 18.07 29.44
N SER C 520 -10.68 19.29 29.12
CA SER C 520 -9.42 19.82 29.60
C SER C 520 -9.56 20.25 31.06
N PRO C 521 -8.44 20.42 31.79
CA PRO C 521 -8.56 20.87 33.20
C PRO C 521 -8.99 22.31 33.38
N GLY C 522 -8.89 23.16 32.36
CA GLY C 522 -9.40 24.50 32.51
C GLY C 522 -10.80 24.71 31.97
N ASP C 523 -11.35 23.71 31.29
CA ASP C 523 -12.53 23.90 30.46
C ASP C 523 -13.79 23.98 31.31
N PHE C 524 -14.73 24.80 30.84
CA PHE C 524 -16.06 24.89 31.42
C PHE C 524 -16.98 23.92 30.69
N ILE C 525 -17.75 23.15 31.46
CA ILE C 525 -18.73 22.28 30.84
C ILE C 525 -20.04 23.03 30.59
N CYS C 526 -20.52 23.77 31.58
CA CYS C 526 -21.67 24.64 31.42
C CYS C 526 -21.35 26.01 32.01
N LYS C 527 -22.05 27.01 31.50
CA LYS C 527 -22.04 28.35 32.09
C LYS C 527 -23.49 28.63 32.51
N LYS C 528 -23.76 29.84 33.00
CA LYS C 528 -25.08 30.18 33.53
C LYS C 528 -26.15 30.33 32.45
N GLY C 529 -25.75 30.64 31.23
CA GLY C 529 -26.74 30.99 30.23
C GLY C 529 -26.64 30.19 28.95
N ASP C 530 -26.17 28.95 29.04
CA ASP C 530 -26.18 28.09 27.87
C ASP C 530 -27.48 27.30 27.84
N ILE C 531 -27.96 27.02 26.64
CA ILE C 531 -29.15 26.23 26.46
C ILE C 531 -28.82 24.76 26.66
N GLY C 532 -29.59 24.09 27.51
CA GLY C 532 -29.31 22.71 27.86
C GLY C 532 -29.79 21.72 26.82
N ARG C 533 -28.85 21.09 26.11
CA ARG C 533 -29.17 20.06 25.13
C ARG C 533 -28.52 18.72 25.45
N GLU C 534 -27.83 18.59 26.59
CA GLU C 534 -27.09 17.38 26.88
C GLU C 534 -27.13 17.11 28.38
N MET C 535 -27.31 15.83 28.73
CA MET C 535 -27.24 15.38 30.11
C MET C 535 -25.93 14.63 30.33
N TYR C 536 -25.26 14.92 31.44
CA TYR C 536 -23.91 14.45 31.67
C TYR C 536 -23.84 13.47 32.84
N ILE C 537 -22.97 12.48 32.71
CA ILE C 537 -22.64 11.52 33.76
C ILE C 537 -21.12 11.44 33.83
N VAL C 538 -20.56 11.68 35.01
CA VAL C 538 -19.11 11.74 35.17
C VAL C 538 -18.57 10.31 35.22
N LYS C 539 -17.94 9.89 34.12
CA LYS C 539 -17.37 8.54 34.06
C LYS C 539 -16.06 8.47 34.86
N ARG C 540 -15.21 9.47 34.70
CA ARG C 540 -13.95 9.56 35.43
C ARG C 540 -13.49 11.01 35.41
N GLY C 541 -13.23 11.56 36.58
CA GLY C 541 -12.79 12.93 36.70
C GLY C 541 -13.45 13.63 37.86
N ARG C 542 -12.94 14.82 38.19
CA ARG C 542 -13.45 15.61 39.30
C ARG C 542 -14.00 16.93 38.77
N LEU C 543 -15.16 17.32 39.29
CA LEU C 543 -15.86 18.50 38.82
C LEU C 543 -16.12 19.46 39.96
N GLN C 544 -16.33 20.72 39.63
CA GLN C 544 -16.57 21.76 40.62
C GLN C 544 -17.57 22.74 40.06
N VAL C 545 -18.54 23.13 40.89
CA VAL C 545 -19.41 24.25 40.56
C VAL C 545 -18.84 25.52 41.17
N VAL C 546 -19.00 26.65 40.49
CA VAL C 546 -18.38 27.91 40.88
C VAL C 546 -19.36 29.06 40.69
N ASP C 547 -18.92 30.25 41.09
CA ASP C 547 -19.67 31.48 40.86
C ASP C 547 -19.46 31.98 39.43
N ASP C 548 -20.13 33.08 39.12
CA ASP C 548 -19.99 33.71 37.81
C ASP C 548 -18.63 34.39 37.69
N ASP C 549 -18.29 35.22 38.66
CA ASP C 549 -16.99 35.89 38.69
C ASP C 549 -16.25 35.74 40.01
N GLY C 550 -16.91 35.26 41.07
CA GLY C 550 -16.25 35.16 42.36
C GLY C 550 -15.30 33.97 42.46
N LYS C 551 -15.65 32.87 41.77
CA LYS C 551 -14.88 31.61 41.68
C LYS C 551 -14.65 30.98 43.05
N LYS C 552 -15.75 30.65 43.72
CA LYS C 552 -15.73 29.94 45.00
C LYS C 552 -16.62 28.71 44.90
N VAL C 553 -16.10 27.57 45.36
CA VAL C 553 -16.76 26.29 45.12
C VAL C 553 -17.93 26.12 46.09
N PHE C 554 -18.96 25.43 45.64
CA PHE C 554 -20.09 25.08 46.50
C PHE C 554 -20.09 23.60 46.84
N VAL C 555 -20.15 22.72 45.85
CA VAL C 555 -19.98 21.28 46.03
C VAL C 555 -18.97 20.80 45.00
N THR C 556 -18.40 19.63 45.27
CA THR C 556 -17.42 19.00 44.38
C THR C 556 -18.06 17.73 43.82
N LEU C 557 -18.44 17.77 42.55
CA LEU C 557 -19.08 16.63 41.90
C LEU C 557 -18.02 15.59 41.58
N GLN C 558 -18.06 14.47 42.29
CA GLN C 558 -17.06 13.42 42.14
C GLN C 558 -17.42 12.50 40.97
N GLU C 559 -16.75 11.35 40.93
CA GLU C 559 -17.04 10.32 39.94
C GLU C 559 -18.40 9.69 40.24
N GLY C 560 -19.13 9.39 39.17
CA GLY C 560 -20.44 8.77 39.30
C GLY C 560 -21.59 9.74 39.52
N SER C 561 -21.31 11.00 39.82
CA SER C 561 -22.36 11.97 40.06
C SER C 561 -23.01 12.40 38.75
N VAL C 562 -24.31 12.62 38.79
CA VAL C 562 -25.09 12.93 37.61
C VAL C 562 -25.64 14.34 37.73
N PHE C 563 -25.52 15.13 36.67
CA PHE C 563 -26.06 16.47 36.64
C PHE C 563 -26.48 16.80 35.21
N GLY C 564 -27.21 17.89 35.07
CA GLY C 564 -27.64 18.33 33.76
C GLY C 564 -28.88 17.64 33.23
N GLU C 565 -29.72 17.09 34.10
CA GLU C 565 -30.91 16.40 33.63
C GLU C 565 -32.17 17.26 33.76
N LEU C 566 -32.18 18.23 34.68
CA LEU C 566 -33.31 19.13 34.80
C LEU C 566 -33.25 20.28 33.82
N SER C 567 -32.06 20.62 33.33
CA SER C 567 -31.91 21.74 32.41
C SER C 567 -32.37 21.41 31.00
N ILE C 568 -32.56 20.11 30.69
CA ILE C 568 -33.09 19.74 29.39
C ILE C 568 -34.57 19.37 29.43
N LEU C 569 -35.17 19.35 30.62
CA LEU C 569 -36.59 19.03 30.72
C LEU C 569 -37.44 20.27 30.42
N ASN C 570 -38.61 20.04 29.86
CA ASN C 570 -39.43 21.10 29.28
C ASN C 570 -40.55 21.59 30.20
N ILE C 571 -40.43 21.39 31.51
CA ILE C 571 -41.45 21.87 32.44
C ILE C 571 -41.29 23.38 32.63
N ALA C 572 -42.37 24.12 32.40
CA ALA C 572 -42.37 25.57 32.55
C ALA C 572 -42.48 26.03 33.99
N GLY C 573 -42.69 25.12 34.95
CA GLY C 573 -42.62 25.46 36.36
C GLY C 573 -41.22 25.80 36.83
N SER C 574 -40.20 25.27 36.17
CA SER C 574 -38.83 25.71 36.39
C SER C 574 -38.62 26.99 35.58
N LYS C 575 -38.14 28.03 36.24
CA LYS C 575 -38.10 29.37 35.65
C LYS C 575 -36.98 29.51 34.62
N ASN C 576 -35.92 28.71 34.72
CA ASN C 576 -34.83 28.79 33.76
C ASN C 576 -35.18 28.05 32.48
N GLY C 577 -35.86 26.91 32.59
CA GLY C 577 -36.27 26.14 31.45
C GLY C 577 -35.11 25.41 30.79
N ASN C 578 -34.70 25.89 29.61
CA ASN C 578 -33.58 25.31 28.91
C ASN C 578 -32.24 25.85 29.38
N ARG C 579 -32.23 26.91 30.19
CA ARG C 579 -30.99 27.49 30.66
C ARG C 579 -30.41 26.65 31.80
N ARG C 580 -29.07 26.66 31.89
CA ARG C 580 -28.40 25.89 32.92
C ARG C 580 -28.52 26.59 34.27
N THR C 581 -28.58 25.81 35.33
CA THR C 581 -28.78 26.37 36.66
C THR C 581 -27.49 26.87 37.28
N ALA C 582 -26.34 26.34 36.87
CA ALA C 582 -25.10 26.66 37.57
C ALA C 582 -23.91 26.58 36.62
N ASN C 583 -22.85 27.30 36.97
CA ASN C 583 -21.55 27.14 36.36
C ASN C 583 -20.95 25.81 36.76
N VAL C 584 -20.35 25.10 35.79
CA VAL C 584 -19.75 23.80 36.02
C VAL C 584 -18.38 23.80 35.37
N ARG C 585 -17.33 23.56 36.17
CA ARG C 585 -15.96 23.57 35.70
C ARG C 585 -15.28 22.28 36.10
N SER C 586 -14.62 21.64 35.14
CA SER C 586 -13.85 20.43 35.43
C SER C 586 -12.55 20.80 36.10
N VAL C 587 -12.13 19.99 37.07
CA VAL C 587 -10.92 20.28 37.83
C VAL C 587 -9.69 19.81 37.06
N GLY C 588 -9.59 18.52 36.83
CA GLY C 588 -8.53 17.97 36.00
C GLY C 588 -9.11 17.49 34.70
N TYR C 589 -8.51 16.46 34.10
CA TYR C 589 -9.09 15.87 32.91
C TYR C 589 -10.31 15.04 33.27
N THR C 590 -11.28 15.00 32.37
CA THR C 590 -12.61 14.52 32.71
C THR C 590 -13.19 13.76 31.53
N ASP C 591 -13.53 12.49 31.73
CA ASP C 591 -14.39 11.79 30.80
C ASP C 591 -15.83 11.89 31.27
N LEU C 592 -16.73 12.15 30.33
CA LEU C 592 -18.14 12.34 30.64
C LEU C 592 -18.97 11.42 29.76
N PHE C 593 -19.83 10.63 30.38
CA PHE C 593 -20.89 9.95 29.64
C PHE C 593 -21.94 10.99 29.32
N VAL C 594 -22.13 11.25 28.03
CA VAL C 594 -22.93 12.39 27.58
C VAL C 594 -24.17 11.84 26.90
N LEU C 595 -25.31 12.00 27.55
CA LEU C 595 -26.61 11.63 26.99
C LEU C 595 -27.26 12.87 26.42
N SER C 596 -27.71 12.79 25.18
CA SER C 596 -28.27 13.96 24.52
C SER C 596 -29.71 14.21 24.97
N LYS C 597 -30.27 15.33 24.51
CA LYS C 597 -31.66 15.65 24.80
C LYS C 597 -32.60 14.77 24.01
N THR C 598 -32.30 14.58 22.71
CA THR C 598 -33.24 13.98 21.77
C THR C 598 -33.39 12.49 21.97
N ASP C 599 -32.27 11.78 22.19
CA ASP C 599 -32.32 10.33 22.34
C ASP C 599 -32.94 9.92 23.66
N LEU C 600 -32.67 10.71 24.72
CA LEU C 600 -33.31 10.49 26.00
C LEU C 600 -34.80 10.81 25.93
N TRP C 601 -35.17 11.83 25.14
CA TRP C 601 -36.59 12.18 25.03
C TRP C 601 -37.36 11.17 24.20
N ASN C 602 -36.69 10.53 23.22
CA ASN C 602 -37.29 9.39 22.51
C ASN C 602 -37.48 8.19 23.43
N ALA C 603 -36.44 7.81 24.18
CA ALA C 603 -36.54 6.62 25.04
C ALA C 603 -37.45 6.84 26.23
N LEU C 604 -37.59 8.08 26.71
CA LEU C 604 -38.55 8.39 27.75
C LEU C 604 -39.94 8.67 27.19
N ARG C 605 -40.06 8.90 25.89
CA ARG C 605 -41.37 8.89 25.25
C ARG C 605 -41.90 7.47 25.14
N GLU C 606 -41.02 6.50 24.91
CA GLU C 606 -41.47 5.11 24.82
C GLU C 606 -41.78 4.48 26.18
N TYR C 607 -41.42 5.11 27.30
CA TYR C 607 -41.68 4.56 28.63
C TYR C 607 -42.32 5.65 29.49
N PRO C 608 -43.64 5.57 29.69
CA PRO C 608 -44.33 6.68 30.37
C PRO C 608 -44.21 6.67 31.88
N ASP C 609 -44.07 5.50 32.52
CA ASP C 609 -44.13 5.44 33.98
C ASP C 609 -42.85 5.99 34.63
N ALA C 610 -41.70 5.72 34.01
CA ALA C 610 -40.46 6.34 34.47
C ALA C 610 -40.42 7.83 34.17
N ARG C 611 -41.16 8.28 33.15
CA ARG C 611 -41.34 9.71 32.92
C ARG C 611 -42.16 10.36 34.03
N LYS C 612 -43.18 9.66 34.55
CA LYS C 612 -43.91 10.15 35.73
C LYS C 612 -43.02 10.19 36.98
N LEU C 613 -42.13 9.20 37.11
CA LEU C 613 -41.18 9.21 38.24
C LEU C 613 -40.16 10.34 38.16
N LEU C 614 -39.57 10.57 36.98
CA LEU C 614 -38.61 11.67 36.82
C LEU C 614 -39.29 13.03 36.87
N LEU C 615 -40.56 13.11 36.46
CA LEU C 615 -41.33 14.35 36.64
C LEU C 615 -41.60 14.63 38.11
N ALA C 616 -41.87 13.59 38.91
CA ALA C 616 -42.05 13.76 40.35
C ALA C 616 -40.73 14.13 41.04
N LYS C 617 -39.60 13.61 40.54
CA LYS C 617 -38.30 14.06 41.05
C LYS C 617 -38.02 15.51 40.65
N GLY C 618 -38.55 15.94 39.50
CA GLY C 618 -38.50 17.34 39.15
C GLY C 618 -39.33 18.23 40.06
N ARG C 619 -40.48 17.72 40.55
CA ARG C 619 -41.24 18.47 41.56
C ARG C 619 -40.50 18.52 42.89
N GLU C 620 -39.77 17.45 43.26
CA GLU C 620 -39.02 17.48 44.51
C GLU C 620 -37.81 18.41 44.44
N ILE C 621 -37.13 18.48 43.29
CA ILE C 621 -36.02 19.42 43.20
C ILE C 621 -36.53 20.84 42.97
N LEU C 622 -37.77 21.00 42.49
CA LEU C 622 -38.34 22.35 42.42
C LEU C 622 -38.75 22.85 43.80
N LYS C 623 -39.28 21.96 44.65
CA LYS C 623 -39.60 22.42 46.00
C LYS C 623 -38.43 22.37 46.96
N LYS C 624 -37.30 21.77 46.57
CA LYS C 624 -36.08 21.90 47.37
C LYS C 624 -35.23 23.07 46.87
N VAL D 108 20.95 20.49 55.04
CA VAL D 108 19.65 20.16 55.59
C VAL D 108 18.54 20.65 54.66
N ARG D 109 18.89 21.61 53.79
CA ARG D 109 17.92 22.20 52.88
C ARG D 109 17.56 21.23 51.77
N ILE D 110 18.54 20.51 51.23
CA ILE D 110 18.23 19.49 50.23
C ILE D 110 17.58 18.26 50.87
N ARG D 111 17.78 18.03 52.18
CA ARG D 111 17.08 16.94 52.84
C ARG D 111 15.61 17.26 53.05
N LYS D 112 15.30 18.49 53.48
CA LYS D 112 13.90 18.87 53.61
C LYS D 112 13.24 19.17 52.28
N TYR D 113 14.02 19.38 51.21
CA TYR D 113 13.46 19.46 49.87
C TYR D 113 13.14 18.07 49.32
N LEU D 114 14.04 17.11 49.51
CA LEU D 114 13.84 15.77 48.99
C LEU D 114 12.94 14.91 49.87
N ALA D 115 12.62 15.37 51.08
CA ALA D 115 11.69 14.62 51.92
C ALA D 115 10.25 14.70 51.44
N ASN D 116 9.91 15.74 50.68
CA ASN D 116 8.56 15.89 50.14
C ASN D 116 8.56 16.27 48.67
N TYR D 117 9.50 15.77 47.88
CA TYR D 117 9.49 16.00 46.45
C TYR D 117 8.63 14.95 45.77
N THR D 118 7.85 15.38 44.78
CA THR D 118 7.02 14.48 43.98
C THR D 118 6.98 14.99 42.54
N GLN D 119 7.31 14.12 41.60
CA GLN D 119 7.48 14.53 40.21
C GLN D 119 6.15 14.58 39.47
N ASP D 120 5.95 15.67 38.76
CA ASP D 120 4.83 15.80 37.82
C ASP D 120 5.26 15.25 36.48
N PRO D 121 4.64 14.18 35.96
CA PRO D 121 5.10 13.61 34.68
C PRO D 121 4.71 14.42 33.47
N SER D 122 3.73 15.32 33.60
CA SER D 122 3.24 16.07 32.45
C SER D 122 4.08 17.30 32.14
N THR D 123 5.04 17.66 32.99
CA THR D 123 5.79 18.89 32.82
C THR D 123 6.83 18.76 31.70
N ASP D 124 7.44 19.89 31.37
CA ASP D 124 8.46 19.88 30.33
C ASP D 124 9.82 19.47 30.88
N ASN D 125 10.07 19.72 32.17
CA ASN D 125 11.34 19.34 32.79
C ASN D 125 11.46 17.83 32.90
N PHE D 126 10.34 17.14 33.10
CA PHE D 126 10.37 15.69 33.07
C PHE D 126 10.61 15.15 31.66
N TYR D 127 10.13 15.87 30.64
CA TYR D 127 10.38 15.44 29.26
C TYR D 127 11.84 15.64 28.88
N TYR D 128 12.47 16.70 29.38
CA TYR D 128 13.90 16.89 29.15
C TYR D 128 14.72 15.88 29.95
N TRP D 129 14.18 15.42 31.09
CA TRP D 129 14.81 14.31 31.79
C TRP D 129 14.69 13.00 31.02
N THR D 130 13.57 12.78 30.33
CA THR D 130 13.46 11.59 29.48
C THR D 130 14.40 11.66 28.27
N CYS D 131 14.73 12.86 27.81
CA CYS D 131 15.78 13.00 26.80
C CYS D 131 17.16 12.66 27.38
N VAL D 132 17.40 12.98 28.66
CA VAL D 132 18.67 12.61 29.30
C VAL D 132 18.78 11.10 29.50
N VAL D 133 17.67 10.45 29.87
CA VAL D 133 17.64 8.99 30.00
C VAL D 133 17.74 8.30 28.64
N THR D 134 17.26 8.95 27.57
CA THR D 134 17.45 8.44 26.21
C THR D 134 18.90 8.51 25.77
N VAL D 135 19.62 9.57 26.16
CA VAL D 135 21.04 9.69 25.87
C VAL D 135 21.85 8.62 26.60
N ALA D 136 21.51 8.35 27.87
CA ALA D 136 22.20 7.31 28.63
C ALA D 136 21.89 5.91 28.11
N TYR D 137 20.66 5.70 27.61
CA TYR D 137 20.29 4.43 27.03
C TYR D 137 20.98 4.18 25.70
N ILE D 138 21.16 5.23 24.89
CA ILE D 138 21.83 5.06 23.60
C ILE D 138 23.32 4.82 23.82
N TYR D 139 23.89 5.40 24.89
CA TYR D 139 25.26 5.08 25.31
C TYR D 139 25.41 3.61 25.66
N ASN D 140 24.49 3.07 26.46
CA ASN D 140 24.52 1.65 26.81
C ASN D 140 24.33 0.77 25.59
N LEU D 141 23.34 1.10 24.75
CA LEU D 141 22.93 0.30 23.60
C LEU D 141 24.00 0.20 22.52
N LEU D 142 24.86 1.21 22.39
CA LEU D 142 26.00 1.07 21.49
C LEU D 142 27.21 0.46 22.20
N PHE D 143 27.65 1.07 23.27
CA PHE D 143 29.00 0.81 23.71
C PHE D 143 29.14 -0.40 24.61
N VAL D 144 28.04 -1.07 25.03
CA VAL D 144 28.27 -2.28 25.80
C VAL D 144 28.62 -3.45 24.87
N ILE D 145 28.05 -3.48 23.67
CA ILE D 145 28.37 -4.57 22.77
C ILE D 145 29.64 -4.22 22.00
N ALA D 146 29.95 -2.92 21.84
CA ALA D 146 31.24 -2.54 21.28
C ALA D 146 32.38 -2.85 22.24
N ARG D 147 32.16 -2.67 23.54
CA ARG D 147 33.19 -2.97 24.52
C ARG D 147 33.34 -4.46 24.76
N GLN D 148 32.27 -5.23 24.58
CA GLN D 148 32.40 -6.68 24.71
C GLN D 148 33.14 -7.29 23.54
N VAL D 149 32.73 -6.94 22.32
CA VAL D 149 33.31 -7.58 21.15
C VAL D 149 34.67 -6.97 20.80
N PHE D 150 34.71 -5.66 20.58
CA PHE D 150 35.95 -4.99 20.22
C PHE D 150 36.64 -4.58 21.52
N ASN D 151 37.31 -5.54 22.14
CA ASN D 151 37.83 -5.34 23.49
C ASN D 151 39.15 -4.59 23.54
N ASP D 152 39.63 -4.06 22.42
CA ASP D 152 40.71 -3.09 22.39
C ASP D 152 40.21 -1.66 22.56
N LEU D 153 38.91 -1.47 22.81
CA LEU D 153 38.39 -0.13 23.05
C LEU D 153 38.78 0.40 24.41
N ILE D 154 39.08 -0.47 25.36
CA ILE D 154 39.51 -0.08 26.68
C ILE D 154 41.02 -0.22 26.85
N GLY D 155 41.75 -0.27 25.75
CA GLY D 155 43.12 -0.70 25.81
C GLY D 155 43.17 -2.17 25.42
N PRO D 156 44.26 -2.61 24.79
CA PRO D 156 44.27 -3.98 24.26
C PRO D 156 44.38 -5.08 25.29
N SER D 157 45.17 -4.86 26.36
CA SER D 157 45.45 -5.78 27.48
C SER D 157 46.13 -7.08 27.07
N SER D 158 46.70 -7.13 25.86
CA SER D 158 47.42 -8.29 25.33
C SER D 158 48.22 -7.78 24.14
N GLN D 159 49.55 -7.85 24.21
CA GLN D 159 50.35 -7.31 23.14
C GLN D 159 50.37 -8.28 21.96
N SER D 160 50.26 -7.73 20.75
CA SER D 160 50.31 -8.55 19.56
C SER D 160 51.75 -8.91 19.24
N LEU D 161 52.01 -10.19 19.03
CA LEU D 161 53.37 -10.69 18.80
C LEU D 161 53.44 -11.29 17.41
N CYS D 162 53.88 -10.51 16.43
CA CYS D 162 54.05 -11.03 15.09
C CYS D 162 55.37 -11.78 14.97
N ARG D 163 55.37 -12.81 14.13
CA ARG D 163 56.61 -13.48 13.78
C ARG D 163 57.36 -12.65 12.76
N PHE D 164 58.66 -12.50 12.97
CA PHE D 164 59.43 -11.54 12.18
C PHE D 164 60.80 -12.11 11.86
N TYR D 165 61.23 -11.92 10.61
CA TYR D 165 62.54 -12.35 10.16
C TYR D 165 63.38 -11.11 9.88
N ASN D 166 64.19 -10.73 10.87
CA ASN D 166 65.17 -9.68 10.65
C ASN D 166 66.39 -10.25 9.94
N GLY D 167 66.79 -9.60 8.85
CA GLY D 167 67.92 -10.07 8.08
C GLY D 167 69.26 -9.84 8.75
N THR D 168 69.34 -8.87 9.66
CA THR D 168 70.57 -8.62 10.41
C THR D 168 70.83 -9.71 11.45
N LEU D 169 69.78 -10.19 12.11
CA LEU D 169 69.95 -11.29 13.06
C LEU D 169 70.11 -12.63 12.36
N ASN D 170 69.60 -12.75 11.13
CA ASN D 170 69.44 -14.01 10.37
C ASN D 170 68.69 -15.05 11.19
N SER D 171 67.55 -14.64 11.74
CA SER D 171 66.74 -15.49 12.60
C SER D 171 65.30 -15.03 12.54
N THR D 172 64.39 -15.97 12.75
CA THR D 172 62.95 -15.69 12.71
C THR D 172 62.44 -15.68 14.14
N THR D 173 62.21 -14.48 14.68
CA THR D 173 61.86 -14.28 16.07
C THR D 173 60.48 -13.64 16.19
N GLN D 174 59.89 -13.79 17.38
CA GLN D 174 58.62 -13.14 17.69
C GLN D 174 58.89 -11.82 18.41
N VAL D 175 58.52 -10.72 17.77
CA VAL D 175 58.60 -9.40 18.37
C VAL D 175 57.22 -8.77 18.34
N GLU D 176 57.09 -7.63 19.00
CA GLU D 176 55.82 -6.93 19.05
C GLU D 176 55.52 -6.29 17.70
N CYS D 177 54.26 -6.36 17.29
CA CYS D 177 53.87 -5.94 15.95
C CYS D 177 53.85 -4.43 15.83
N THR D 178 54.62 -3.91 14.88
CA THR D 178 54.45 -2.53 14.46
C THR D 178 53.40 -2.49 13.35
N TYR D 179 53.20 -1.31 12.76
CA TYR D 179 52.13 -1.17 11.79
C TYR D 179 52.55 -1.67 10.41
N ASN D 180 53.86 -1.89 10.20
CA ASN D 180 54.29 -2.48 8.94
C ASN D 180 54.25 -3.99 8.99
N MET D 181 54.09 -4.57 10.17
CA MET D 181 54.02 -6.02 10.28
C MET D 181 52.59 -6.51 10.32
N LEU D 182 51.64 -5.62 10.62
CA LEU D 182 50.23 -5.93 10.44
C LEU D 182 49.77 -5.65 9.02
N THR D 183 50.55 -4.90 8.27
CA THR D 183 50.28 -4.68 6.85
C THR D 183 50.89 -5.83 6.05
N ASN D 184 50.05 -6.50 5.26
CA ASN D 184 50.40 -7.63 4.36
C ASN D 184 51.03 -8.80 5.12
N MET D 185 50.26 -9.41 6.02
CA MET D 185 50.83 -10.47 6.82
C MET D 185 50.46 -11.84 6.28
N LYS D 186 51.29 -12.82 6.61
CA LYS D 186 51.09 -14.19 6.18
C LYS D 186 50.33 -15.01 7.20
N GLU D 187 50.38 -14.62 8.47
CA GLU D 187 49.59 -15.25 9.52
C GLU D 187 49.17 -14.20 10.52
N MET D 188 48.15 -14.52 11.30
CA MET D 188 47.62 -13.56 12.25
C MET D 188 48.54 -13.49 13.47
N PRO D 189 48.64 -12.32 14.12
CA PRO D 189 49.52 -12.20 15.28
C PRO D 189 49.00 -12.94 16.50
N THR D 190 49.91 -13.61 17.20
CA THR D 190 49.57 -14.27 18.44
C THR D 190 49.60 -13.26 19.57
N TYR D 191 48.65 -13.37 20.47
CA TYR D 191 48.51 -12.43 21.56
C TYR D 191 49.05 -13.03 22.85
N SER D 192 49.82 -12.24 23.58
CA SER D 192 50.30 -12.62 24.89
C SER D 192 49.91 -11.51 25.85
N GLN D 193 49.39 -11.90 27.01
CA GLN D 193 48.80 -10.94 27.95
C GLN D 193 49.88 -10.11 28.65
N TYR D 194 49.52 -8.88 28.98
CA TYR D 194 50.33 -8.10 29.89
C TYR D 194 50.18 -8.68 31.29
N PRO D 195 51.19 -8.48 32.16
CA PRO D 195 51.02 -8.93 33.55
C PRO D 195 50.03 -8.09 34.34
N ASP D 196 49.83 -6.83 33.97
CA ASP D 196 48.84 -5.99 34.62
C ASP D 196 47.56 -5.84 33.80
N LEU D 197 47.45 -6.59 32.69
CA LEU D 197 46.38 -6.51 31.68
C LEU D 197 46.19 -5.10 31.16
N GLY D 198 47.30 -4.44 30.83
CA GLY D 198 47.27 -3.16 30.16
C GLY D 198 46.89 -1.98 31.02
N TRP D 199 46.82 -2.14 32.34
CA TRP D 199 46.41 -1.05 33.20
C TRP D 199 47.49 -0.01 33.40
N SER D 200 48.75 -0.35 33.17
CA SER D 200 49.83 0.60 33.34
C SER D 200 49.99 1.53 32.16
N LYS D 201 49.34 1.25 31.04
CA LYS D 201 49.42 2.09 29.84
C LYS D 201 48.08 2.71 29.47
N TYR D 202 46.99 2.01 29.72
CA TYR D 202 45.68 2.40 29.22
C TYR D 202 44.70 2.71 30.35
N TRP D 203 45.24 3.21 31.47
CA TRP D 203 44.39 3.63 32.57
C TRP D 203 43.65 4.92 32.25
N HIS D 204 44.13 5.74 31.32
CA HIS D 204 43.40 6.95 30.96
C HIS D 204 42.18 6.63 30.11
N PHE D 205 42.29 5.67 29.20
CA PHE D 205 41.13 5.19 28.45
C PHE D 205 40.16 4.45 29.37
N ARG D 206 40.69 3.68 30.32
CA ARG D 206 39.83 2.95 31.22
C ARG D 206 39.14 3.86 32.23
N MET D 207 39.78 4.96 32.64
CA MET D 207 39.09 5.88 33.54
C MET D 207 38.14 6.79 32.79
N LEU D 208 38.34 7.01 31.49
CA LEU D 208 37.33 7.69 30.68
C LEU D 208 36.08 6.84 30.53
N TRP D 209 36.25 5.53 30.28
CA TRP D 209 35.09 4.64 30.19
C TRP D 209 34.43 4.45 31.54
N VAL D 210 35.21 4.44 32.64
CA VAL D 210 34.67 4.32 33.99
C VAL D 210 33.89 5.58 34.38
N PHE D 211 34.37 6.76 33.95
CA PHE D 211 33.67 8.00 34.23
C PHE D 211 32.36 8.11 33.47
N PHE D 212 32.33 7.68 32.20
CA PHE D 212 31.06 7.72 31.48
C PHE D 212 30.09 6.64 31.95
N ASP D 213 30.60 5.51 32.44
CA ASP D 213 29.74 4.48 33.02
C ASP D 213 29.14 4.94 34.33
N LEU D 214 29.92 5.64 35.16
CA LEU D 214 29.41 6.17 36.41
C LEU D 214 28.45 7.34 36.17
N LEU D 215 28.66 8.11 35.11
CA LEU D 215 27.75 9.20 34.78
C LEU D 215 26.39 8.68 34.30
N MET D 216 26.38 7.65 33.46
CA MET D 216 25.09 7.12 33.03
C MET D 216 24.43 6.27 34.12
N ASP D 217 25.20 5.71 35.05
CA ASP D 217 24.55 5.05 36.17
C ASP D 217 24.03 6.03 37.21
N CYS D 218 24.63 7.22 37.33
CA CYS D 218 24.02 8.26 38.14
C CYS D 218 22.76 8.81 37.50
N VAL D 219 22.71 8.87 36.16
CA VAL D 219 21.49 9.23 35.45
C VAL D 219 20.39 8.19 35.69
N TYR D 220 20.77 6.91 35.73
CA TYR D 220 19.83 5.84 36.05
C TYR D 220 19.36 5.90 37.52
N LEU D 221 20.23 6.34 38.43
CA LEU D 221 19.84 6.45 39.83
C LEU D 221 18.90 7.61 40.08
N ILE D 222 19.14 8.76 39.42
CA ILE D 222 18.24 9.89 39.56
C ILE D 222 16.91 9.61 38.86
N ASP D 223 16.92 8.81 37.79
CA ASP D 223 15.67 8.35 37.18
C ASP D 223 14.93 7.36 38.06
N THR D 224 15.65 6.57 38.85
CA THR D 224 14.99 5.68 39.82
C THR D 224 14.37 6.46 40.97
N PHE D 225 15.03 7.56 41.39
CA PHE D 225 14.45 8.41 42.42
C PHE D 225 13.22 9.16 41.91
N LEU D 226 13.23 9.57 40.64
CA LEU D 226 12.02 10.18 40.08
C LEU D 226 10.92 9.16 39.85
N ASN D 227 11.27 7.89 39.62
CA ASN D 227 10.27 6.83 39.61
C ASN D 227 9.68 6.59 40.97
N TYR D 228 10.49 6.75 42.02
CA TYR D 228 10.04 6.54 43.39
C TYR D 228 9.09 7.64 43.85
N ARG D 229 9.19 8.83 43.27
CA ARG D 229 8.36 9.96 43.60
C ARG D 229 7.57 10.45 42.39
N MET D 230 7.00 9.54 41.61
CA MET D 230 6.29 9.91 40.40
C MET D 230 4.81 10.10 40.71
N GLY D 231 4.24 11.21 40.25
CA GLY D 231 2.84 11.48 40.49
C GLY D 231 1.91 10.79 39.54
N TYR D 232 1.25 9.73 39.99
CA TYR D 232 0.30 9.02 39.17
C TYR D 232 -1.00 9.80 39.04
N MET D 233 -1.65 9.66 37.90
CA MET D 233 -2.89 10.37 37.63
C MET D 233 -4.07 9.58 38.18
N ASP D 234 -4.76 10.15 39.16
CA ASP D 234 -5.82 9.43 39.86
C ASP D 234 -7.19 9.70 39.26
N GLN D 235 -7.63 10.95 39.29
CA GLN D 235 -8.97 11.31 38.83
C GLN D 235 -8.87 12.41 37.79
N GLY D 236 -7.92 12.28 36.86
CA GLY D 236 -7.60 13.38 35.97
C GLY D 236 -6.58 14.34 36.53
N LEU D 237 -6.26 14.28 37.81
CA LEU D 237 -5.23 15.10 38.42
C LEU D 237 -4.09 14.20 38.88
N VAL D 238 -2.91 14.76 38.91
CA VAL D 238 -1.76 14.03 39.44
C VAL D 238 -1.83 14.09 40.96
N VAL D 239 -1.21 13.10 41.60
CA VAL D 239 -1.13 13.04 43.05
C VAL D 239 0.24 13.53 43.46
N ARG D 240 0.29 14.51 44.36
CA ARG D 240 1.56 15.12 44.73
C ARG D 240 1.89 14.93 46.19
N GLU D 241 1.16 14.09 46.91
CA GLU D 241 1.52 13.76 48.28
C GLU D 241 2.42 12.54 48.29
N ALA D 242 3.39 12.55 49.21
CA ALA D 242 4.55 11.65 49.14
C ALA D 242 4.19 10.21 49.48
N GLU D 243 3.30 10.02 50.47
CA GLU D 243 2.95 8.67 50.91
C GLU D 243 2.14 7.93 49.87
N LYS D 244 1.29 8.65 49.13
CA LYS D 244 0.48 8.03 48.09
C LYS D 244 1.32 7.62 46.89
N VAL D 245 2.31 8.43 46.51
CA VAL D 245 3.10 8.08 45.34
C VAL D 245 4.16 7.02 45.67
N THR D 246 4.67 6.97 46.91
CA THR D 246 5.56 5.87 47.25
C THR D 246 4.79 4.56 47.45
N LYS D 247 3.55 4.64 47.95
CA LYS D 247 2.75 3.43 48.08
C LYS D 247 2.30 2.91 46.73
N ALA D 248 1.99 3.81 45.80
CA ALA D 248 1.66 3.38 44.44
C ALA D 248 2.89 2.99 43.66
N TYR D 249 4.08 3.40 44.09
CA TYR D 249 5.30 2.86 43.51
C TYR D 249 5.55 1.43 43.96
N TRP D 250 5.44 1.18 45.27
CA TRP D 250 5.71 -0.16 45.79
C TRP D 250 4.62 -1.16 45.43
N GLN D 251 3.41 -0.71 45.10
CA GLN D 251 2.38 -1.65 44.67
C GLN D 251 2.42 -1.94 43.18
N SER D 252 3.07 -1.11 42.36
CA SER D 252 3.01 -1.27 40.92
C SER D 252 4.08 -2.19 40.36
N LYS D 253 5.00 -2.69 41.21
CA LYS D 253 6.15 -3.52 40.86
C LYS D 253 7.06 -2.86 39.83
N GLN D 254 7.26 -1.54 39.97
CA GLN D 254 8.25 -0.82 39.17
C GLN D 254 9.65 -1.00 39.74
N TYR D 255 9.73 -1.39 41.02
CA TYR D 255 11.02 -1.52 41.69
C TYR D 255 11.82 -2.72 41.21
N ARG D 256 11.19 -3.74 40.62
CA ARG D 256 11.97 -4.83 40.06
C ARG D 256 12.61 -4.44 38.74
N ILE D 257 11.90 -3.67 37.91
CA ILE D 257 12.48 -3.18 36.65
C ILE D 257 13.56 -2.14 36.93
N ASP D 258 13.36 -1.33 37.98
CA ASP D 258 14.41 -0.41 38.38
C ASP D 258 15.56 -1.09 39.11
N GLY D 259 15.35 -2.28 39.67
CA GLY D 259 16.39 -2.92 40.43
C GLY D 259 17.24 -3.88 39.63
N ILE D 260 16.67 -4.54 38.63
CA ILE D 260 17.48 -5.37 37.72
C ILE D 260 18.36 -4.48 36.87
N SER D 261 17.88 -3.29 36.51
CA SER D 261 18.64 -2.36 35.69
C SER D 261 19.65 -1.52 36.47
N LEU D 262 20.01 -1.91 37.69
CA LEU D 262 21.02 -1.18 38.44
C LEU D 262 21.94 -2.11 39.22
N ILE D 263 21.98 -3.39 38.89
CA ILE D 263 22.87 -4.33 39.57
C ILE D 263 24.29 -4.03 39.14
N PRO D 264 25.18 -3.63 40.04
CA PRO D 264 26.53 -3.22 39.61
C PRO D 264 27.49 -4.39 39.46
N LEU D 265 27.14 -5.32 38.57
CA LEU D 265 28.05 -6.39 38.20
C LEU D 265 29.16 -5.91 37.29
N ASP D 266 28.92 -4.82 36.56
CA ASP D 266 29.91 -4.30 35.63
C ASP D 266 31.09 -3.66 36.35
N TYR D 267 30.89 -3.16 37.55
CA TYR D 267 32.02 -2.56 38.26
C TYR D 267 32.90 -3.60 38.93
N ILE D 268 32.42 -4.83 39.05
CA ILE D 268 33.18 -5.91 39.66
C ILE D 268 33.78 -6.82 38.60
N LEU D 269 32.94 -7.46 37.79
CA LEU D 269 33.40 -8.44 36.83
C LEU D 269 33.46 -7.91 35.40
N GLY D 270 33.38 -6.60 35.21
CA GLY D 270 33.41 -6.04 33.88
C GLY D 270 34.67 -5.35 33.50
N TRP D 271 35.74 -5.49 34.27
CA TRP D 271 36.98 -4.79 34.01
C TRP D 271 38.14 -5.76 34.15
N PRO D 272 39.25 -5.54 33.44
CA PRO D 272 40.37 -6.48 33.54
C PRO D 272 41.11 -6.41 34.87
N ILE D 273 40.88 -7.41 35.70
CA ILE D 273 41.54 -7.52 37.00
C ILE D 273 42.79 -8.37 36.81
N PRO D 274 43.97 -7.88 37.21
CA PRO D 274 45.19 -8.67 36.95
C PRO D 274 45.45 -9.74 37.98
N TYR D 275 44.96 -9.59 39.21
CA TYR D 275 45.28 -10.52 40.29
C TYR D 275 44.54 -11.84 40.12
N ILE D 276 43.28 -11.79 39.70
CA ILE D 276 42.49 -12.99 39.41
C ILE D 276 42.85 -13.56 38.06
N ASN D 277 43.55 -12.77 37.22
CA ASN D 277 43.67 -12.94 35.77
C ASN D 277 42.28 -13.10 35.17
N TRP D 278 41.44 -12.11 35.45
CA TRP D 278 40.10 -12.00 34.90
C TRP D 278 40.16 -10.97 33.78
N ARG D 279 39.74 -11.37 32.58
CA ARG D 279 39.82 -10.53 31.41
C ARG D 279 38.65 -9.57 31.29
N GLY D 280 37.68 -9.64 32.19
CA GLY D 280 36.57 -8.72 32.16
C GLY D 280 35.45 -9.19 31.27
N LEU D 281 34.22 -9.09 31.77
CA LEU D 281 33.02 -9.32 30.97
C LEU D 281 32.26 -8.01 30.89
N PRO D 282 32.47 -7.23 29.82
CA PRO D 282 31.68 -5.99 29.66
C PRO D 282 30.22 -6.23 29.35
N ILE D 283 29.82 -7.43 28.89
CA ILE D 283 28.44 -7.75 28.56
C ILE D 283 27.53 -7.86 29.79
N LEU D 284 28.06 -7.82 31.01
CA LEU D 284 27.24 -7.78 32.21
C LEU D 284 26.57 -6.44 32.45
N ARG D 285 26.88 -5.40 31.67
CA ARG D 285 26.13 -4.15 31.66
C ARG D 285 24.99 -4.18 30.65
N LEU D 286 24.53 -5.36 30.24
CA LEU D 286 23.33 -5.48 29.43
C LEU D 286 22.06 -5.37 30.23
N ASN D 287 22.13 -5.31 31.56
CA ASN D 287 20.92 -5.14 32.35
C ASN D 287 20.42 -3.72 32.30
N ARG D 288 21.24 -2.76 31.88
CA ARG D 288 20.79 -1.39 31.72
C ARG D 288 19.90 -1.18 30.51
N LEU D 289 19.76 -2.17 29.64
CA LEU D 289 18.89 -2.09 28.48
C LEU D 289 17.46 -2.51 28.77
N ILE D 290 17.11 -2.75 30.03
CA ILE D 290 15.74 -3.14 30.36
C ILE D 290 14.88 -1.89 30.55
N ARG D 291 15.49 -0.73 30.74
CA ARG D 291 14.76 0.53 30.82
C ARG D 291 14.43 1.10 29.44
N TYR D 292 13.61 0.37 28.69
CA TYR D 292 13.23 0.81 27.35
C TYR D 292 11.92 1.58 27.36
N LYS D 293 11.19 1.55 28.47
CA LYS D 293 9.89 2.23 28.56
C LYS D 293 10.06 3.73 28.59
N ARG D 294 11.12 4.22 29.23
CA ARG D 294 11.39 5.65 29.28
C ARG D 294 11.85 6.18 27.93
N VAL D 295 12.55 5.34 27.17
CA VAL D 295 12.99 5.72 25.83
C VAL D 295 11.81 5.73 24.87
N ARG D 296 10.90 4.77 25.02
CA ARG D 296 9.71 4.73 24.17
C ARG D 296 8.76 5.87 24.49
N ASN D 297 8.67 6.26 25.76
CA ASN D 297 7.89 7.44 26.12
C ASN D 297 8.55 8.73 25.66
N CYS D 298 9.88 8.77 25.60
CA CYS D 298 10.55 9.95 25.09
C CYS D 298 10.40 10.10 23.59
N LEU D 299 10.40 8.99 22.85
CA LEU D 299 10.21 9.09 21.40
C LEU D 299 8.77 9.40 21.04
N GLU D 300 7.81 8.85 21.81
CA GLU D 300 6.40 9.16 21.59
C GLU D 300 6.08 10.60 21.97
N ARG D 301 6.52 11.04 23.15
CA ARG D 301 6.29 12.42 23.57
C ARG D 301 7.18 13.42 22.86
N THR D 302 8.17 12.99 22.08
CA THR D 302 8.83 13.91 21.17
C THR D 302 8.06 14.07 19.88
N GLU D 303 7.64 12.96 19.25
CA GLU D 303 7.00 13.17 17.96
C GLU D 303 5.53 13.53 18.04
N THR D 304 4.92 13.55 19.22
CA THR D 304 3.64 14.28 19.30
C THR D 304 3.87 15.78 19.40
N ARG D 305 4.93 16.20 20.07
CA ARG D 305 5.12 17.61 20.35
C ARG D 305 5.97 18.34 19.32
N SER D 306 6.59 17.62 18.39
CA SER D 306 7.52 18.25 17.45
C SER D 306 6.78 18.91 16.31
N SER D 307 7.29 20.06 15.90
CA SER D 307 6.72 20.79 14.77
C SER D 307 7.17 20.23 13.43
N MET D 308 8.22 19.43 13.40
CA MET D 308 8.67 18.72 12.21
C MET D 308 8.57 17.23 12.51
N PRO D 309 7.41 16.62 12.32
CA PRO D 309 7.23 15.22 12.75
C PRO D 309 7.84 14.21 11.81
N ASN D 310 7.81 14.50 10.51
CA ASN D 310 8.34 13.55 9.53
C ASN D 310 9.85 13.54 9.50
N ALA D 311 10.47 14.68 9.83
CA ALA D 311 11.92 14.72 9.98
C ALA D 311 12.38 13.92 11.19
N PHE D 312 11.59 13.97 12.27
CA PHE D 312 11.92 13.16 13.44
C PHE D 312 11.69 11.69 13.19
N ARG D 313 10.67 11.34 12.39
CA ARG D 313 10.43 9.95 12.04
C ARG D 313 11.54 9.39 11.16
N VAL D 314 12.07 10.21 10.26
CA VAL D 314 13.17 9.79 9.38
C VAL D 314 14.46 9.65 10.17
N VAL D 315 14.71 10.56 11.13
CA VAL D 315 15.89 10.49 12.00
C VAL D 315 15.84 9.28 12.93
N VAL D 316 14.64 8.91 13.39
CA VAL D 316 14.48 7.77 14.28
C VAL D 316 14.66 6.44 13.54
N VAL D 317 14.17 6.34 12.30
CA VAL D 317 14.39 5.07 11.58
C VAL D 317 15.83 4.99 11.05
N VAL D 318 16.50 6.13 10.82
CA VAL D 318 17.93 6.11 10.50
C VAL D 318 18.76 5.67 11.71
N TRP D 319 18.35 6.08 12.92
CA TRP D 319 19.01 5.63 14.14
C TRP D 319 18.77 4.14 14.42
N TYR D 320 17.57 3.66 14.10
CA TYR D 320 17.25 2.23 14.21
C TYR D 320 18.10 1.40 13.25
N ILE D 321 18.32 1.93 12.04
CA ILE D 321 19.14 1.29 11.02
C ILE D 321 20.59 1.19 11.47
N VAL D 322 21.11 2.28 12.06
CA VAL D 322 22.51 2.32 12.45
C VAL D 322 22.77 1.45 13.69
N ILE D 323 21.79 1.37 14.59
CA ILE D 323 21.94 0.52 15.78
C ILE D 323 21.81 -0.96 15.42
N ILE D 324 20.97 -1.30 14.43
CA ILE D 324 20.82 -2.68 14.00
C ILE D 324 22.06 -3.15 13.24
N ILE D 325 22.61 -2.31 12.36
CA ILE D 325 23.83 -2.64 11.61
C ILE D 325 25.05 -2.67 12.53
N HIS D 326 25.05 -1.86 13.60
CA HIS D 326 26.14 -1.90 14.57
C HIS D 326 26.10 -3.16 15.42
N TRP D 327 24.92 -3.61 15.81
CA TRP D 327 24.81 -4.83 16.59
C TRP D 327 25.11 -6.06 15.75
N ASN D 328 24.77 -6.03 14.46
CA ASN D 328 25.16 -7.12 13.59
C ASN D 328 26.65 -7.08 13.26
N ALA D 329 27.28 -5.90 13.30
CA ALA D 329 28.72 -5.78 13.13
C ALA D 329 29.47 -6.40 14.29
N CYS D 330 29.01 -6.13 15.51
CA CYS D 330 29.61 -6.76 16.67
C CYS D 330 29.28 -8.25 16.75
N LEU D 331 28.15 -8.67 16.21
CA LEU D 331 27.84 -10.10 16.16
C LEU D 331 28.74 -10.84 15.17
N TYR D 332 29.01 -10.22 14.00
CA TYR D 332 29.93 -10.80 13.03
C TYR D 332 31.35 -10.85 13.55
N PHE D 333 31.81 -9.81 14.23
CA PHE D 333 33.17 -9.89 14.74
C PHE D 333 33.28 -10.76 16.00
N TRP D 334 32.19 -10.99 16.72
CA TRP D 334 32.27 -11.96 17.80
C TRP D 334 32.37 -13.38 17.26
N ILE D 335 31.65 -13.69 16.18
CA ILE D 335 31.78 -15.02 15.58
C ILE D 335 33.13 -15.17 14.86
N SER D 336 33.65 -14.09 14.29
CA SER D 336 34.97 -14.12 13.68
C SER D 336 36.09 -14.23 14.70
N GLU D 337 35.88 -13.74 15.92
CA GLU D 337 36.85 -14.00 16.97
C GLU D 337 36.71 -15.38 17.56
N TRP D 338 35.49 -15.91 17.63
CA TRP D 338 35.24 -17.18 18.29
C TRP D 338 35.71 -18.35 17.45
N ILE D 339 35.48 -18.29 16.13
CA ILE D 339 36.03 -19.29 15.21
C ILE D 339 37.54 -19.17 15.15
N GLY D 340 38.05 -17.96 15.11
CA GLY D 340 39.47 -17.71 15.08
C GLY D 340 39.78 -16.90 13.85
N LEU D 341 40.39 -15.73 14.03
CA LEU D 341 40.61 -14.82 12.93
C LEU D 341 41.70 -15.34 12.00
N GLY D 342 41.47 -15.22 10.70
CA GLY D 342 42.42 -15.68 9.74
C GLY D 342 42.46 -17.18 9.56
N THR D 343 41.44 -17.91 9.99
CA THR D 343 41.46 -19.35 9.83
C THR D 343 40.81 -19.78 8.53
N ASP D 344 39.84 -19.02 8.03
CA ASP D 344 39.27 -19.30 6.72
C ASP D 344 38.91 -17.97 6.07
N ALA D 345 38.33 -18.06 4.88
CA ALA D 345 38.19 -16.88 4.03
C ALA D 345 36.89 -16.14 4.23
N TRP D 346 36.01 -16.57 5.14
CA TRP D 346 34.83 -15.80 5.46
C TRP D 346 35.08 -14.93 6.70
N VAL D 347 35.82 -15.49 7.65
CA VAL D 347 36.24 -14.83 8.87
C VAL D 347 37.15 -13.67 8.52
N TYR D 348 37.05 -12.58 9.30
CA TYR D 348 38.03 -11.50 9.27
C TYR D 348 39.43 -12.04 9.49
N GLY D 349 40.38 -11.51 8.75
CA GLY D 349 41.76 -11.91 8.93
C GLY D 349 42.54 -11.68 7.67
N HIS D 350 43.66 -12.40 7.55
CA HIS D 350 44.54 -12.22 6.42
C HIS D 350 44.09 -13.04 5.23
N LEU D 351 43.31 -14.10 5.45
CA LEU D 351 42.84 -14.96 4.38
C LEU D 351 41.58 -14.45 3.74
N ASN D 352 41.00 -13.37 4.26
CA ASN D 352 39.72 -12.88 3.76
C ASN D 352 39.89 -12.17 2.43
N LYS D 353 40.93 -11.32 2.33
CA LYS D 353 41.38 -10.55 1.16
C LYS D 353 40.42 -9.47 0.68
N GLN D 354 39.27 -9.31 1.32
CA GLN D 354 38.48 -8.10 1.26
C GLN D 354 38.62 -7.32 2.55
N SER D 355 38.86 -8.03 3.64
CA SER D 355 39.09 -7.41 4.93
C SER D 355 40.47 -6.79 4.99
N LEU D 356 41.50 -7.57 4.71
CA LEU D 356 42.88 -7.07 4.64
C LEU D 356 43.44 -7.28 3.25
N PRO D 357 43.24 -6.31 2.35
CA PRO D 357 43.89 -6.37 1.03
C PRO D 357 45.37 -6.02 1.06
N ASP D 358 45.91 -5.80 -0.14
CA ASP D 358 47.27 -5.30 -0.27
C ASP D 358 47.40 -3.91 0.31
N ASP D 359 48.41 -3.75 1.18
CA ASP D 359 48.81 -2.50 1.84
C ASP D 359 47.70 -1.92 2.73
N ILE D 360 47.04 -2.78 3.50
CA ILE D 360 46.02 -2.36 4.45
C ILE D 360 46.38 -2.92 5.81
N THR D 361 46.52 -2.02 6.79
CA THR D 361 46.91 -2.38 8.14
C THR D 361 45.71 -2.98 8.87
N ASP D 362 45.97 -3.90 9.80
CA ASP D 362 44.93 -4.48 10.64
C ASP D 362 44.91 -3.71 11.96
N THR D 363 43.96 -2.80 12.10
CA THR D 363 43.80 -2.00 13.30
C THR D 363 42.42 -2.25 13.87
N LEU D 364 42.09 -1.53 14.96
CA LEU D 364 40.75 -1.65 15.52
C LEU D 364 39.72 -0.94 14.64
N LEU D 365 40.15 0.14 13.98
CA LEU D 365 39.29 0.86 13.05
C LEU D 365 38.99 0.02 11.83
N ARG D 366 39.95 -0.80 11.39
CA ARG D 366 39.74 -1.68 10.26
C ARG D 366 38.77 -2.81 10.61
N ARG D 367 38.81 -3.27 11.86
CA ARG D 367 37.90 -4.31 12.33
C ARG D 367 36.47 -3.81 12.40
N TYR D 368 36.26 -2.61 12.96
CA TYR D 368 34.91 -2.08 13.03
C TYR D 368 34.39 -1.62 11.67
N VAL D 369 35.26 -1.10 10.81
CA VAL D 369 34.84 -0.61 9.51
C VAL D 369 34.49 -1.76 8.56
N TYR D 370 35.26 -2.85 8.60
CA TYR D 370 34.90 -4.02 7.81
C TYR D 370 33.69 -4.75 8.37
N SER D 371 33.51 -4.79 9.69
CA SER D 371 32.32 -5.45 10.24
C SER D 371 31.05 -4.66 9.98
N PHE D 372 31.14 -3.33 9.98
CA PHE D 372 30.01 -2.48 9.62
C PHE D 372 29.68 -2.60 8.15
N TYR D 373 30.70 -2.75 7.29
CA TYR D 373 30.44 -2.96 5.87
C TYR D 373 29.84 -4.32 5.59
N TRP D 374 30.29 -5.35 6.33
CA TRP D 374 29.74 -6.69 6.17
C TRP D 374 28.28 -6.75 6.58
N SER D 375 27.93 -6.08 7.68
CA SER D 375 26.53 -6.06 8.08
C SER D 375 25.67 -5.15 7.21
N THR D 376 26.26 -4.12 6.61
CA THR D 376 25.52 -3.32 5.64
C THR D 376 25.23 -4.12 4.37
N LEU D 377 26.18 -4.96 3.94
CA LEU D 377 25.91 -5.76 2.75
C LEU D 377 25.07 -6.99 3.05
N ILE D 378 25.02 -7.45 4.29
CA ILE D 378 24.21 -8.62 4.58
C ILE D 378 22.78 -8.23 4.90
N LEU D 379 22.58 -7.19 5.72
CA LEU D 379 21.23 -6.83 6.14
C LEU D 379 20.43 -6.15 5.03
N THR D 380 21.09 -5.49 4.09
CA THR D 380 20.40 -4.99 2.91
C THR D 380 20.37 -6.01 1.79
N THR D 381 20.96 -7.19 2.00
CA THR D 381 21.00 -8.36 1.11
C THR D 381 21.56 -8.04 -0.27
N ILE D 382 22.59 -7.22 -0.30
CA ILE D 382 23.41 -7.12 -1.51
C ILE D 382 24.31 -8.32 -1.62
N GLY D 383 24.96 -8.69 -0.51
CA GLY D 383 25.65 -9.95 -0.42
C GLY D 383 26.97 -10.03 -1.12
N GLU D 384 27.65 -8.91 -1.36
CA GLU D 384 28.95 -8.91 -2.06
C GLU D 384 30.11 -9.04 -1.08
N VAL D 385 30.01 -10.08 -0.25
CA VAL D 385 30.96 -10.40 0.82
C VAL D 385 31.48 -11.80 0.50
N PRO D 386 32.55 -12.27 1.17
CA PRO D 386 32.96 -13.66 0.94
C PRO D 386 31.94 -14.68 1.42
N SER D 387 31.79 -15.73 0.62
CA SER D 387 30.88 -16.82 0.90
C SER D 387 31.41 -17.63 2.06
N PRO D 388 30.53 -18.25 2.87
CA PRO D 388 31.00 -18.96 4.07
C PRO D 388 31.71 -20.26 3.74
N VAL D 389 32.52 -20.71 4.68
CA VAL D 389 33.32 -21.92 4.52
C VAL D 389 32.83 -23.03 5.43
N ARG D 390 32.93 -22.84 6.74
CA ARG D 390 32.49 -23.86 7.68
C ARG D 390 30.98 -23.80 7.84
N ASN D 391 30.41 -24.84 8.46
CA ASN D 391 28.96 -24.98 8.51
C ASN D 391 28.32 -24.00 9.48
N ILE D 392 29.04 -23.58 10.51
CA ILE D 392 28.47 -22.63 11.46
C ILE D 392 28.44 -21.23 10.86
N GLU D 393 29.35 -20.95 9.92
CA GLU D 393 29.30 -19.70 9.17
C GLU D 393 28.17 -19.71 8.17
N TYR D 394 27.83 -20.87 7.62
CA TYR D 394 26.68 -21.00 6.73
C TYR D 394 25.38 -20.82 7.48
N ALA D 395 25.29 -21.36 8.70
CA ALA D 395 24.11 -21.20 9.53
C ALA D 395 23.93 -19.75 9.97
N PHE D 396 25.03 -19.07 10.32
CA PHE D 396 24.95 -17.67 10.73
C PHE D 396 24.61 -16.76 9.56
N VAL D 397 25.17 -17.02 8.37
CA VAL D 397 24.88 -16.16 7.23
C VAL D 397 23.47 -16.41 6.69
N THR D 398 22.96 -17.65 6.79
CA THR D 398 21.59 -17.94 6.39
C THR D 398 20.58 -17.29 7.33
N LEU D 399 20.82 -17.37 8.64
CA LEU D 399 19.95 -16.73 9.62
C LEU D 399 20.04 -15.21 9.54
N ASP D 400 21.24 -14.68 9.29
CA ASP D 400 21.43 -13.24 9.20
C ASP D 400 20.85 -12.67 7.92
N LEU D 401 20.87 -13.44 6.82
CA LEU D 401 20.28 -12.96 5.58
C LEU D 401 18.77 -13.03 5.63
N MET D 402 18.20 -14.02 6.31
CA MET D 402 16.74 -14.05 6.42
C MET D 402 16.23 -13.00 7.39
N CYS D 403 16.97 -12.73 8.47
CA CYS D 403 16.66 -11.60 9.35
C CYS D 403 16.83 -10.28 8.64
N GLY D 404 17.81 -10.18 7.74
CA GLY D 404 17.99 -8.97 6.96
C GLY D 404 16.88 -8.72 5.96
N VAL D 405 16.40 -9.79 5.30
CA VAL D 405 15.26 -9.72 4.37
C VAL D 405 14.00 -9.24 5.10
N LEU D 406 13.70 -9.85 6.25
CA LEU D 406 12.46 -9.52 6.97
C LEU D 406 12.50 -8.13 7.59
N ILE D 407 13.55 -7.83 8.39
CA ILE D 407 13.48 -6.57 9.12
C ILE D 407 13.89 -5.39 8.25
N PHE D 408 14.68 -5.57 7.20
CA PHE D 408 14.94 -4.42 6.30
C PHE D 408 13.78 -4.24 5.33
N ALA D 409 13.02 -5.30 5.02
CA ALA D 409 11.80 -5.13 4.24
C ALA D 409 10.79 -4.28 5.00
N THR D 410 10.59 -4.54 6.29
CA THR D 410 9.68 -3.70 7.06
C THR D 410 10.23 -2.30 7.34
N ILE D 411 11.55 -2.16 7.48
CA ILE D 411 12.12 -0.85 7.79
C ILE D 411 12.08 0.11 6.60
N VAL D 412 12.41 -0.39 5.42
CA VAL D 412 12.34 0.43 4.18
C VAL D 412 10.88 0.61 3.79
N GLY D 413 9.98 -0.31 4.16
CA GLY D 413 8.56 -0.11 3.94
C GLY D 413 8.08 1.05 4.78
N ASN D 414 8.59 1.16 6.02
CA ASN D 414 8.27 2.31 6.87
C ASN D 414 8.86 3.60 6.32
N VAL D 415 10.05 3.54 5.74
CA VAL D 415 10.68 4.74 5.18
C VAL D 415 9.98 5.18 3.89
N GLY D 416 9.55 4.20 3.09
CA GLY D 416 8.76 4.52 1.89
C GLY D 416 7.39 5.08 2.22
N SER D 417 6.76 4.61 3.29
CA SER D 417 5.52 5.21 3.76
C SER D 417 5.73 6.60 4.36
N MET D 418 6.86 6.83 5.04
CA MET D 418 7.09 8.11 5.69
C MET D 418 7.46 9.20 4.69
N ILE D 419 8.07 8.83 3.57
CA ILE D 419 8.37 9.83 2.55
C ILE D 419 7.27 9.84 1.48
N SER D 420 6.37 8.87 1.48
CA SER D 420 5.13 9.05 0.74
C SER D 420 4.17 9.97 1.47
N ASN D 421 4.23 9.99 2.79
CA ASN D 421 3.31 10.82 3.58
C ASN D 421 3.78 12.26 3.71
N MET D 422 4.99 12.59 3.23
CA MET D 422 5.46 13.97 3.29
C MET D 422 4.82 14.84 2.23
N SER D 423 4.22 14.23 1.19
CA SER D 423 3.46 14.95 0.19
C SER D 423 2.13 14.25 -0.07
N ALA D 424 1.39 13.92 0.98
CA ALA D 424 0.12 13.22 0.82
C ALA D 424 -1.00 14.14 0.37
N ALA D 425 -0.96 15.41 0.78
CA ALA D 425 -2.01 16.37 0.41
C ALA D 425 -1.95 16.71 -1.07
N TRP D 426 -0.73 16.81 -1.61
CA TRP D 426 -0.54 17.06 -3.03
C TRP D 426 -0.98 15.87 -3.88
N THR D 427 -0.81 14.64 -3.36
CA THR D 427 -1.25 13.49 -4.12
C THR D 427 -2.77 13.32 -4.06
N GLU D 428 -3.40 13.71 -2.95
CA GLU D 428 -4.86 13.62 -2.89
C GLU D 428 -5.52 14.70 -3.74
N PHE D 429 -4.92 15.90 -3.77
CA PHE D 429 -5.29 16.95 -4.70
C PHE D 429 -5.10 16.52 -6.16
N GLN D 430 -4.05 15.75 -6.43
CA GLN D 430 -3.82 15.28 -7.79
C GLN D 430 -4.78 14.16 -8.18
N ASN D 431 -5.25 13.35 -7.23
CA ASN D 431 -6.27 12.34 -7.56
C ASN D 431 -7.61 13.00 -7.87
N LYS D 432 -7.95 14.08 -7.14
CA LYS D 432 -9.17 14.82 -7.45
C LYS D 432 -9.09 15.53 -8.80
N MET D 433 -7.92 16.10 -9.11
CA MET D 433 -7.73 16.74 -10.42
C MET D 433 -7.67 15.73 -11.56
N ASP D 434 -7.15 14.52 -11.32
CA ASP D 434 -7.15 13.47 -12.34
C ASP D 434 -8.55 12.97 -12.64
N GLY D 435 -9.38 12.84 -11.60
CA GLY D 435 -10.76 12.46 -11.82
C GLY D 435 -11.57 13.50 -12.56
N ILE D 436 -11.36 14.78 -12.25
CA ILE D 436 -12.11 15.84 -12.92
C ILE D 436 -11.61 16.04 -14.35
N LYS D 437 -10.30 15.92 -14.58
CA LYS D 437 -9.76 16.03 -15.94
C LYS D 437 -10.15 14.86 -16.82
N GLN D 438 -10.27 13.65 -16.25
CA GLN D 438 -10.75 12.51 -17.01
C GLN D 438 -12.24 12.64 -17.32
N TYR D 439 -13.02 13.17 -16.38
CA TYR D 439 -14.45 13.37 -16.60
C TYR D 439 -14.71 14.44 -17.66
N MET D 440 -13.97 15.53 -17.62
CA MET D 440 -14.16 16.56 -18.65
C MET D 440 -13.53 16.18 -19.97
N GLU D 441 -12.63 15.19 -20.00
CA GLU D 441 -12.17 14.69 -21.28
C GLU D 441 -13.20 13.77 -21.93
N LEU D 442 -13.80 12.85 -21.16
CA LEU D 442 -14.67 11.87 -21.79
C LEU D 442 -16.07 12.40 -22.11
N ARG D 443 -16.55 13.42 -21.39
CA ARG D 443 -17.87 13.96 -21.65
C ARG D 443 -17.89 15.05 -22.71
N LYS D 444 -16.71 15.40 -23.26
CA LYS D 444 -16.49 16.45 -24.26
C LYS D 444 -17.01 17.82 -23.78
N VAL D 445 -16.58 18.19 -22.58
CA VAL D 445 -16.82 19.53 -22.05
C VAL D 445 -15.94 20.50 -22.84
N SER D 446 -16.47 21.69 -23.15
CA SER D 446 -15.78 22.70 -23.94
C SER D 446 -14.57 23.27 -23.21
N LYS D 447 -13.78 24.05 -23.95
CA LYS D 447 -12.44 24.41 -23.49
C LYS D 447 -12.47 25.49 -22.42
N GLN D 448 -13.45 26.40 -22.46
CA GLN D 448 -13.45 27.51 -21.51
C GLN D 448 -13.88 27.07 -20.11
N LEU D 449 -14.72 26.04 -20.02
CA LEU D 449 -15.05 25.50 -18.71
C LEU D 449 -13.90 24.68 -18.14
N GLU D 450 -13.11 24.04 -19.01
CA GLU D 450 -11.96 23.27 -18.55
C GLU D 450 -10.84 24.18 -18.07
N ILE D 451 -10.63 25.31 -18.75
CA ILE D 451 -9.61 26.22 -18.26
C ILE D 451 -10.11 27.01 -17.05
N ARG D 452 -11.43 27.18 -16.89
CA ARG D 452 -11.96 27.76 -15.67
C ARG D 452 -11.81 26.83 -14.47
N VAL D 453 -11.97 25.53 -14.70
CA VAL D 453 -11.83 24.56 -13.61
C VAL D 453 -10.37 24.38 -13.21
N ILE D 454 -9.45 24.33 -14.19
CA ILE D 454 -8.04 24.21 -13.80
C ILE D 454 -7.47 25.53 -13.29
N LYS D 455 -8.07 26.68 -13.63
CA LYS D 455 -7.66 27.92 -12.98
C LYS D 455 -8.18 28.01 -11.56
N TRP D 456 -9.37 27.43 -11.31
CA TRP D 456 -9.88 27.34 -9.94
C TRP D 456 -9.03 26.41 -9.10
N PHE D 457 -8.51 25.34 -9.70
CA PHE D 457 -7.63 24.44 -8.95
C PHE D 457 -6.24 25.02 -8.73
N ASP D 458 -5.73 25.81 -9.69
CA ASP D 458 -4.48 26.52 -9.51
C ASP D 458 -4.59 27.57 -8.42
N TYR D 459 -5.75 28.23 -8.31
CA TYR D 459 -5.98 29.14 -7.18
C TYR D 459 -6.12 28.37 -5.88
N LEU D 460 -6.76 27.20 -5.92
CA LEU D 460 -7.00 26.43 -4.69
C LEU D 460 -5.73 25.82 -4.13
N TRP D 461 -4.74 25.56 -4.98
CA TRP D 461 -3.45 25.16 -4.46
C TRP D 461 -2.53 26.33 -4.17
N THR D 462 -2.75 27.49 -4.82
CA THR D 462 -1.85 28.62 -4.65
C THR D 462 -2.02 29.28 -3.27
N ASN D 463 -3.27 29.47 -2.83
CA ASN D 463 -3.43 30.07 -1.50
C ASN D 463 -3.31 29.04 -0.38
N LYS D 464 -3.85 27.83 -0.61
CA LYS D 464 -3.98 26.65 0.25
C LYS D 464 -4.44 26.92 1.68
N GLN D 465 -5.28 27.93 1.87
CA GLN D 465 -6.00 28.15 3.13
C GLN D 465 -7.51 28.03 2.94
N SER D 466 -7.96 27.21 1.99
CA SER D 466 -9.39 27.18 1.69
C SER D 466 -10.13 26.10 2.49
N LEU D 467 -9.79 24.83 2.27
CA LEU D 467 -10.57 23.71 2.80
C LEU D 467 -9.65 22.76 3.56
N SER D 468 -9.47 22.99 4.85
CA SER D 468 -8.72 22.09 5.71
C SER D 468 -9.40 21.94 7.07
N ASP D 469 -10.73 21.83 7.09
CA ASP D 469 -11.48 21.85 8.33
C ASP D 469 -11.96 20.46 8.73
N GLN D 470 -11.67 19.45 7.92
CA GLN D 470 -12.35 18.14 8.02
C GLN D 470 -11.84 17.33 9.20
N GLN D 471 -10.52 17.28 9.41
CA GLN D 471 -9.97 16.52 10.52
C GLN D 471 -10.21 17.22 11.86
N VAL D 472 -10.30 18.55 11.84
CA VAL D 472 -10.62 19.31 13.03
C VAL D 472 -12.07 19.08 13.43
N LEU D 473 -12.99 19.06 12.45
CA LEU D 473 -14.38 18.74 12.77
C LEU D 473 -14.58 17.25 13.06
N LYS D 474 -13.65 16.38 12.67
CA LYS D 474 -13.78 14.97 13.04
C LYS D 474 -13.38 14.76 14.51
N VAL D 475 -12.12 14.98 14.84
CA VAL D 475 -11.60 14.28 16.01
C VAL D 475 -11.61 15.19 17.24
N LEU D 476 -11.61 16.49 17.03
CA LEU D 476 -11.45 17.41 18.15
C LEU D 476 -12.80 17.67 18.81
N PRO D 477 -12.83 17.95 20.12
CA PRO D 477 -14.10 18.29 20.76
C PRO D 477 -14.62 19.66 20.36
N ASP D 478 -15.91 19.88 20.63
CA ASP D 478 -16.59 21.07 20.15
C ASP D 478 -16.21 22.32 20.91
N LYS D 479 -15.68 22.19 22.13
CA LYS D 479 -15.13 23.35 22.82
C LYS D 479 -13.82 23.80 22.18
N LEU D 480 -12.96 22.85 21.82
CA LEU D 480 -11.71 23.20 21.17
C LEU D 480 -11.93 23.59 19.71
N GLN D 481 -12.95 23.00 19.06
CA GLN D 481 -13.32 23.43 17.71
C GLN D 481 -13.92 24.83 17.73
N ALA D 482 -14.68 25.15 18.78
CA ALA D 482 -15.23 26.49 18.94
C ALA D 482 -14.13 27.50 19.23
N GLU D 483 -13.11 27.11 20.01
CA GLU D 483 -12.01 28.01 20.31
C GLU D 483 -11.11 28.23 19.10
N ILE D 484 -10.96 27.19 18.26
CA ILE D 484 -10.27 27.34 16.98
C ILE D 484 -11.05 28.24 16.03
N ALA D 485 -12.38 28.12 16.04
CA ALA D 485 -13.23 28.98 15.24
C ALA D 485 -13.23 30.43 15.74
N MET D 486 -13.00 30.65 17.04
CA MET D 486 -12.79 32.01 17.52
C MET D 486 -11.43 32.56 17.08
N GLN D 487 -10.37 31.77 17.26
CA GLN D 487 -9.01 32.33 17.12
C GLN D 487 -8.60 32.55 15.66
N VAL D 488 -9.17 31.81 14.72
CA VAL D 488 -8.84 32.01 13.31
C VAL D 488 -9.69 33.12 12.71
N HIS D 489 -11.00 33.06 12.94
CA HIS D 489 -11.97 33.86 12.21
C HIS D 489 -12.27 35.20 12.88
N PHE D 490 -11.42 35.66 13.81
CA PHE D 490 -11.77 36.77 14.70
C PHE D 490 -11.83 38.11 13.99
N GLU D 491 -11.01 38.29 12.95
CA GLU D 491 -11.02 39.52 12.18
C GLU D 491 -12.25 39.65 11.29
N THR D 492 -12.94 38.53 11.00
CA THR D 492 -14.21 38.62 10.29
C THR D 492 -15.39 38.57 11.27
N LEU D 493 -15.21 37.98 12.45
CA LEU D 493 -16.27 38.02 13.44
C LEU D 493 -16.40 39.38 14.11
N ARG D 494 -15.34 40.19 14.09
CA ARG D 494 -15.42 41.49 14.74
C ARG D 494 -16.16 42.55 13.93
N LYS D 495 -16.39 42.31 12.64
CA LYS D 495 -17.00 43.33 11.79
C LYS D 495 -18.47 43.08 11.46
N VAL D 496 -18.96 41.86 11.67
CA VAL D 496 -20.24 41.46 11.12
C VAL D 496 -21.36 41.99 12.00
N ARG D 497 -22.38 42.60 11.37
CA ARG D 497 -23.38 43.42 12.05
C ARG D 497 -24.31 42.61 12.93
N ILE D 498 -24.63 41.38 12.55
CA ILE D 498 -25.37 40.52 13.48
C ILE D 498 -24.45 40.03 14.59
N PHE D 499 -23.19 39.71 14.25
CA PHE D 499 -22.27 39.08 15.20
C PHE D 499 -21.74 40.03 16.26
N GLN D 500 -21.84 41.34 16.05
CA GLN D 500 -21.48 42.26 17.11
C GLN D 500 -22.59 42.43 18.15
N ASP D 501 -23.82 42.06 17.81
CA ASP D 501 -24.98 42.30 18.66
C ASP D 501 -25.79 41.00 18.70
N CYS D 502 -25.43 40.11 19.63
CA CYS D 502 -26.20 38.88 19.85
C CYS D 502 -25.91 38.40 21.26
N GLU D 503 -26.45 37.23 21.57
CA GLU D 503 -25.95 36.43 22.68
C GLU D 503 -24.69 35.71 22.22
N ALA D 504 -23.76 35.48 23.16
CA ALA D 504 -22.44 34.96 22.80
C ALA D 504 -22.48 33.47 22.46
N GLY D 505 -23.32 32.71 23.16
CA GLY D 505 -23.48 31.30 22.81
C GLY D 505 -24.23 31.11 21.52
N LEU D 506 -25.06 32.08 21.13
CA LEU D 506 -25.70 32.07 19.82
C LEU D 506 -24.67 32.26 18.71
N LEU D 507 -23.69 33.15 18.91
CA LEU D 507 -22.67 33.34 17.88
C LEU D 507 -21.68 32.18 17.86
N ALA D 508 -21.48 31.49 18.99
CA ALA D 508 -20.69 30.26 18.98
C ALA D 508 -21.41 29.13 18.25
N GLU D 509 -22.71 28.99 18.49
CA GLU D 509 -23.52 27.98 17.81
C GLU D 509 -23.69 28.29 16.32
N LEU D 510 -23.60 29.56 15.93
CA LEU D 510 -23.63 29.89 14.51
C LEU D 510 -22.27 29.68 13.86
N VAL D 511 -21.18 30.02 14.57
CA VAL D 511 -19.86 29.94 13.96
C VAL D 511 -19.35 28.49 13.90
N LEU D 512 -19.99 27.56 14.60
CA LEU D 512 -19.67 26.16 14.31
C LEU D 512 -20.33 25.65 13.03
N LYS D 513 -21.35 26.33 12.52
CA LYS D 513 -22.10 25.82 11.37
C LYS D 513 -21.81 26.55 10.07
N LEU D 514 -20.76 27.37 10.00
CA LEU D 514 -20.44 28.06 8.77
C LEU D 514 -19.71 27.12 7.81
N GLN D 515 -19.54 27.57 6.57
CA GLN D 515 -18.80 26.83 5.57
C GLN D 515 -18.21 27.80 4.57
N LEU D 516 -17.20 27.33 3.83
CA LEU D 516 -16.50 28.15 2.84
C LEU D 516 -16.92 27.70 1.45
N GLN D 517 -17.23 28.66 0.59
CA GLN D 517 -17.39 28.42 -0.85
C GLN D 517 -16.51 29.40 -1.59
N VAL D 518 -15.59 28.87 -2.39
CA VAL D 518 -14.69 29.71 -3.19
C VAL D 518 -15.37 30.05 -4.51
N PHE D 519 -15.27 31.31 -4.92
CA PHE D 519 -15.98 31.79 -6.10
C PHE D 519 -14.99 32.31 -7.14
N SER D 520 -15.33 32.10 -8.40
CA SER D 520 -14.51 32.53 -9.52
C SER D 520 -14.66 34.04 -9.72
N PRO D 521 -13.74 34.68 -10.45
CA PRO D 521 -13.88 36.13 -10.69
C PRO D 521 -15.01 36.53 -11.61
N GLY D 522 -15.52 35.62 -12.43
CA GLY D 522 -16.66 35.98 -13.26
C GLY D 522 -18.00 35.59 -12.68
N ASP D 523 -18.01 34.84 -11.58
CA ASP D 523 -19.20 34.15 -11.12
C ASP D 523 -20.17 35.11 -10.44
N PHE D 524 -21.45 34.82 -10.62
CA PHE D 524 -22.51 35.51 -9.91
C PHE D 524 -22.84 34.75 -8.64
N ILE D 525 -22.96 35.48 -7.54
CA ILE D 525 -23.39 34.84 -6.30
C ILE D 525 -24.90 34.80 -6.21
N CYS D 526 -25.56 35.93 -6.49
CA CYS D 526 -27.01 35.97 -6.58
C CYS D 526 -27.42 36.68 -7.86
N LYS D 527 -28.62 36.37 -8.34
CA LYS D 527 -29.25 37.11 -9.41
C LYS D 527 -30.55 37.68 -8.80
N LYS D 528 -31.37 38.34 -9.64
CA LYS D 528 -32.56 39.01 -9.15
C LYS D 528 -33.67 38.06 -8.74
N GLY D 529 -33.69 36.85 -9.28
CA GLY D 529 -34.84 35.99 -9.07
C GLY D 529 -34.50 34.62 -8.54
N ASP D 530 -33.42 34.52 -7.78
CA ASP D 530 -33.12 33.26 -7.11
C ASP D 530 -33.77 33.25 -5.74
N ILE D 531 -34.17 32.07 -5.31
CA ILE D 531 -34.75 31.89 -3.99
C ILE D 531 -33.63 31.88 -2.95
N GLY D 532 -33.79 32.71 -1.92
CA GLY D 532 -32.76 32.86 -0.91
C GLY D 532 -32.75 31.75 0.12
N ARG D 533 -31.73 30.89 0.08
CA ARG D 533 -31.57 29.83 1.06
C ARG D 533 -30.27 29.92 1.83
N GLU D 534 -29.47 30.96 1.60
CA GLU D 534 -28.15 31.05 2.21
C GLU D 534 -27.82 32.50 2.54
N MET D 535 -27.23 32.71 3.70
CA MET D 535 -26.72 34.01 4.12
C MET D 535 -25.21 34.03 4.03
N TYR D 536 -24.66 35.11 3.47
CA TYR D 536 -23.25 35.15 3.12
C TYR D 536 -22.49 36.18 3.96
N ILE D 537 -21.25 35.86 4.29
CA ILE D 537 -20.32 36.77 4.95
C ILE D 537 -19.00 36.69 4.18
N VAL D 538 -18.51 37.84 3.73
CA VAL D 538 -17.32 37.88 2.88
C VAL D 538 -16.09 37.70 3.76
N LYS D 539 -15.48 36.51 3.70
CA LYS D 539 -14.29 36.24 4.48
C LYS D 539 -13.06 36.91 3.87
N ARG D 540 -12.93 36.81 2.55
CA ARG D 540 -11.84 37.42 1.81
C ARG D 540 -12.24 37.54 0.36
N GLY D 541 -12.18 38.75 -0.18
CA GLY D 541 -12.54 38.99 -1.56
C GLY D 541 -13.31 40.29 -1.71
N ARG D 542 -13.49 40.71 -2.95
CA ARG D 542 -14.18 41.95 -3.27
C ARG D 542 -15.45 41.63 -4.07
N LEU D 543 -16.54 42.29 -3.73
CA LEU D 543 -17.83 42.04 -4.34
C LEU D 543 -18.41 43.31 -4.93
N GLN D 544 -19.33 43.14 -5.87
CA GLN D 544 -19.95 44.26 -6.55
C GLN D 544 -21.40 43.93 -6.83
N VAL D 545 -22.29 44.88 -6.56
CA VAL D 545 -23.66 44.75 -7.02
C VAL D 545 -23.80 45.47 -8.36
N VAL D 546 -24.66 44.94 -9.24
CA VAL D 546 -24.77 45.43 -10.61
C VAL D 546 -26.23 45.47 -11.02
N ASP D 547 -26.48 45.98 -12.23
CA ASP D 547 -27.78 45.96 -12.85
C ASP D 547 -28.09 44.60 -13.46
N ASP D 548 -29.30 44.48 -14.02
CA ASP D 548 -29.70 43.25 -14.68
C ASP D 548 -28.97 43.09 -16.01
N ASP D 549 -29.01 44.12 -16.84
CA ASP D 549 -28.30 44.12 -18.11
C ASP D 549 -27.42 45.35 -18.33
N GLY D 550 -27.55 46.39 -17.51
CA GLY D 550 -26.77 47.60 -17.72
C GLY D 550 -25.33 47.46 -17.27
N LYS D 551 -25.11 46.69 -16.19
CA LYS D 551 -23.80 46.37 -15.59
C LYS D 551 -23.07 47.64 -15.12
N LYS D 552 -23.70 48.36 -14.20
CA LYS D 552 -23.13 49.53 -13.55
C LYS D 552 -23.20 49.36 -12.04
N VAL D 553 -22.08 49.61 -11.36
CA VAL D 553 -21.96 49.28 -9.95
C VAL D 553 -22.70 50.34 -9.11
N PHE D 554 -23.23 49.89 -7.97
CA PHE D 554 -23.85 50.78 -7.01
C PHE D 554 -22.99 50.96 -5.76
N VAL D 555 -22.70 49.86 -5.06
CA VAL D 555 -21.75 49.85 -3.95
C VAL D 555 -20.80 48.69 -4.17
N THR D 556 -19.64 48.76 -3.51
CA THR D 556 -18.62 47.73 -3.58
C THR D 556 -18.53 47.08 -2.20
N LEU D 557 -19.05 45.85 -2.08
CA LEU D 557 -19.04 45.13 -0.82
C LEU D 557 -17.63 44.60 -0.59
N GLN D 558 -16.95 45.16 0.41
CA GLN D 558 -15.59 44.80 0.72
C GLN D 558 -15.54 43.56 1.61
N GLU D 559 -14.36 43.33 2.19
CA GLU D 559 -14.18 42.25 3.14
C GLU D 559 -14.90 42.58 4.44
N GLY D 560 -15.50 41.55 5.04
CA GLY D 560 -16.22 41.72 6.29
C GLY D 560 -17.66 42.14 6.16
N SER D 561 -18.08 42.58 4.97
CA SER D 561 -19.45 43.02 4.77
C SER D 561 -20.40 41.83 4.69
N VAL D 562 -21.59 42.00 5.24
CA VAL D 562 -22.57 40.94 5.36
C VAL D 562 -23.78 41.29 4.50
N PHE D 563 -24.25 40.32 3.72
CA PHE D 563 -25.44 40.50 2.91
C PHE D 563 -26.15 39.17 2.81
N GLY D 564 -27.38 39.21 2.30
CA GLY D 564 -28.16 38.02 2.11
C GLY D 564 -28.88 37.51 3.33
N GLU D 565 -29.15 38.37 4.31
CA GLU D 565 -29.83 37.93 5.52
C GLU D 565 -31.31 38.28 5.51
N LEU D 566 -31.72 39.30 4.77
CA LEU D 566 -33.14 39.64 4.66
C LEU D 566 -33.85 38.79 3.62
N SER D 567 -33.11 38.25 2.64
CA SER D 567 -33.74 37.46 1.59
C SER D 567 -34.13 36.07 2.04
N ILE D 568 -33.62 35.62 3.20
CA ILE D 568 -34.03 34.33 3.74
C ILE D 568 -35.05 34.46 4.87
N LEU D 569 -35.37 35.68 5.29
CA LEU D 569 -36.35 35.86 6.35
C LEU D 569 -37.77 35.79 5.78
N ASN D 570 -38.70 35.31 6.60
CA ASN D 570 -40.03 34.94 6.14
C ASN D 570 -41.09 36.00 6.41
N ILE D 571 -40.71 37.26 6.58
CA ILE D 571 -41.68 38.33 6.81
C ILE D 571 -42.35 38.68 5.48
N ALA D 572 -43.68 38.64 5.46
CA ALA D 572 -44.46 38.97 4.27
C ALA D 572 -44.59 40.46 4.01
N GLY D 573 -44.13 41.31 4.94
CA GLY D 573 -44.07 42.73 4.70
C GLY D 573 -43.03 43.14 3.66
N SER D 574 -41.99 42.33 3.50
CA SER D 574 -41.07 42.48 2.37
C SER D 574 -41.70 41.82 1.16
N LYS D 575 -41.80 42.56 0.06
CA LYS D 575 -42.57 42.13 -1.10
C LYS D 575 -41.87 41.04 -1.90
N ASN D 576 -40.55 40.94 -1.82
CA ASN D 576 -39.83 39.91 -2.54
C ASN D 576 -39.88 38.58 -1.82
N GLY D 577 -39.80 38.63 -0.49
CA GLY D 577 -39.87 37.42 0.32
C GLY D 577 -38.62 36.58 0.25
N ASN D 578 -38.71 35.45 -0.44
CA ASN D 578 -37.55 34.58 -0.63
C ASN D 578 -36.68 35.01 -1.79
N ARG D 579 -37.14 35.92 -2.64
CA ARG D 579 -36.37 36.35 -3.78
C ARG D 579 -35.27 37.32 -3.35
N ARG D 580 -34.16 37.30 -4.08
CA ARG D 580 -33.04 38.18 -3.77
C ARG D 580 -33.34 39.60 -4.22
N THR D 581 -32.81 40.57 -3.47
CA THR D 581 -33.10 41.97 -3.76
C THR D 581 -32.22 42.54 -4.87
N ALA D 582 -31.04 41.96 -5.09
CA ALA D 582 -30.10 42.58 -6.01
C ALA D 582 -29.20 41.53 -6.66
N ASN D 583 -28.68 41.88 -7.83
CA ASN D 583 -27.60 41.14 -8.46
C ASN D 583 -26.32 41.32 -7.66
N VAL D 584 -25.57 40.24 -7.47
CA VAL D 584 -24.32 40.25 -6.71
C VAL D 584 -23.28 39.49 -7.51
N ARG D 585 -22.18 40.15 -7.84
CA ARG D 585 -21.12 39.57 -8.66
C ARG D 585 -19.79 39.75 -7.94
N SER D 586 -19.03 38.68 -7.83
CA SER D 586 -17.71 38.74 -7.24
C SER D 586 -16.74 39.34 -8.24
N VAL D 587 -15.81 40.17 -7.74
CA VAL D 587 -14.86 40.84 -8.63
C VAL D 587 -13.70 39.93 -8.96
N GLY D 588 -12.94 39.53 -7.96
CA GLY D 588 -11.88 38.56 -8.14
C GLY D 588 -12.28 37.25 -7.49
N TYR D 589 -11.30 36.49 -7.00
CA TYR D 589 -11.62 35.29 -6.26
C TYR D 589 -12.13 35.66 -4.87
N THR D 590 -13.02 34.84 -4.34
CA THR D 590 -13.83 35.22 -3.19
C THR D 590 -14.05 34.01 -2.29
N ASP D 591 -13.60 34.08 -1.05
CA ASP D 591 -14.07 33.16 -0.04
C ASP D 591 -15.25 33.75 0.72
N LEU D 592 -16.26 32.94 0.95
CA LEU D 592 -17.48 33.38 1.59
C LEU D 592 -17.78 32.48 2.77
N PHE D 593 -17.97 33.07 3.94
CA PHE D 593 -18.58 32.35 5.06
C PHE D 593 -20.07 32.24 4.76
N VAL D 594 -20.55 31.02 4.57
CA VAL D 594 -21.88 30.78 4.06
C VAL D 594 -22.70 30.14 5.17
N LEU D 595 -23.64 30.90 5.71
CA LEU D 595 -24.59 30.42 6.71
C LEU D 595 -25.89 30.06 6.02
N SER D 596 -26.38 28.86 6.27
CA SER D 596 -27.58 28.41 5.58
C SER D 596 -28.84 28.99 6.20
N LYS D 597 -29.97 28.74 5.55
CA LYS D 597 -31.26 29.17 6.08
C LYS D 597 -31.66 28.36 7.29
N THR D 598 -31.50 27.03 7.21
CA THR D 598 -32.07 26.11 8.18
C THR D 598 -31.34 26.13 9.51
N ASP D 599 -30.01 26.17 9.48
CA ASP D 599 -29.23 26.14 10.72
C ASP D 599 -29.34 27.46 11.47
N LEU D 600 -29.40 28.57 10.73
CA LEU D 600 -29.63 29.87 11.34
C LEU D 600 -31.04 29.97 11.89
N TRP D 601 -32.02 29.35 11.22
CA TRP D 601 -33.40 29.39 11.72
C TRP D 601 -33.59 28.52 12.94
N ASN D 602 -32.83 27.42 13.04
CA ASN D 602 -32.80 26.63 14.28
C ASN D 602 -32.18 27.41 15.44
N ALA D 603 -31.00 28.01 15.21
CA ALA D 603 -30.31 28.73 16.29
C ALA D 603 -31.02 30.01 16.68
N LEU D 604 -31.74 30.65 15.76
CA LEU D 604 -32.56 31.80 16.10
C LEU D 604 -33.94 31.39 16.61
N ARG D 605 -34.35 30.14 16.42
CA ARG D 605 -35.51 29.63 17.12
C ARG D 605 -35.19 29.39 18.59
N GLU D 606 -33.96 28.95 18.89
CA GLU D 606 -33.58 28.75 20.28
C GLU D 606 -33.31 30.04 21.05
N TYR D 607 -33.19 31.19 20.39
CA TYR D 607 -32.94 32.46 21.05
C TYR D 607 -33.94 33.49 20.57
N PRO D 608 -34.95 33.81 21.38
CA PRO D 608 -36.04 34.67 20.88
C PRO D 608 -35.72 36.16 20.90
N ASP D 609 -34.88 36.64 21.82
CA ASP D 609 -34.69 38.07 21.99
C ASP D 609 -33.84 38.66 20.86
N ALA D 610 -32.83 37.92 20.40
CA ALA D 610 -32.07 38.35 19.23
C ALA D 610 -32.91 38.25 17.95
N ARG D 611 -33.90 37.35 17.94
CA ARG D 611 -34.87 37.30 16.84
C ARG D 611 -35.75 38.56 16.82
N LYS D 612 -36.13 39.08 18.00
CA LYS D 612 -36.84 40.37 18.06
C LYS D 612 -35.96 41.52 17.60
N LEU D 613 -34.65 41.46 17.93
CA LEU D 613 -33.72 42.50 17.46
C LEU D 613 -33.51 42.47 15.94
N LEU D 614 -33.31 41.27 15.36
CA LEU D 614 -33.15 41.16 13.91
C LEU D 614 -34.45 41.44 13.17
N LEU D 615 -35.60 41.16 13.79
CA LEU D 615 -36.88 41.55 13.20
C LEU D 615 -37.05 43.06 13.19
N ALA D 616 -36.60 43.74 14.25
CA ALA D 616 -36.64 45.21 14.29
C ALA D 616 -35.66 45.82 13.28
N LYS D 617 -34.52 45.17 13.05
CA LYS D 617 -33.61 45.62 11.99
C LYS D 617 -34.23 45.38 10.61
N GLY D 618 -35.05 44.34 10.49
CA GLY D 618 -35.85 44.15 9.28
C GLY D 618 -36.87 45.24 9.05
N ARG D 619 -37.48 45.75 10.14
CA ARG D 619 -38.37 46.91 10.00
C ARG D 619 -37.61 48.17 9.61
N GLU D 620 -36.38 48.33 10.11
CA GLU D 620 -35.60 49.52 9.73
C GLU D 620 -35.12 49.47 8.29
N ILE D 621 -34.76 48.28 7.79
CA ILE D 621 -34.36 48.20 6.39
C ILE D 621 -35.60 48.19 5.48
N LEU D 622 -36.78 47.84 6.01
CA LEU D 622 -38.00 47.98 5.22
C LEU D 622 -38.41 49.45 5.11
N LYS D 623 -38.25 50.23 6.19
CA LYS D 623 -38.57 51.64 6.06
C LYS D 623 -37.44 52.48 5.49
N LYS D 624 -36.23 51.93 5.34
CA LYS D 624 -35.19 52.63 4.59
C LYS D 624 -35.19 52.21 3.13
C1 CPL E . 40.23 16.11 -25.07
C2 CPL E . 38.75 16.37 -25.29
C3 CPL E . 38.24 17.30 -24.20
C4 CPL E . 43.71 14.96 -26.06
C5 CPL E . 44.28 14.10 -27.20
C6 CPL E . 45.04 12.33 -25.75
C7 CPL E . 45.83 12.51 -27.96
C8 CPL E . 46.53 14.08 -26.37
C11 CPL E . 35.99 17.98 -24.35
C12 CPL E . 34.99 19.13 -24.34
C13 CPL E . 33.59 18.57 -24.49
C14 CPL E . 32.58 19.66 -24.15
C15 CPL E . 32.59 20.73 -25.24
C16 CPL E . 31.92 22.01 -24.72
C17 CPL E . 30.41 21.89 -24.87
C18 CPL E . 29.79 23.29 -24.82
C19 CPL E . 28.27 23.17 -24.90
C20 CPL E . 27.67 23.17 -23.50
C21 CPL E . 26.53 22.15 -23.43
C22 CPL E . 25.29 22.84 -22.89
C23 CPL E . 24.05 22.09 -23.38
C24 CPL E . 22.80 22.92 -23.07
C31 CPL E . 37.64 16.38 -27.39
C32 CPL E . 36.85 17.26 -28.36
C33 CPL E . 35.72 16.47 -29.01
C34 CPL E . 34.47 17.33 -29.05
C35 CPL E . 33.25 16.45 -28.85
C36 CPL E . 32.12 17.25 -28.20
N CPL E . 45.42 13.26 -26.80
O2 CPL E . 38.58 16.97 -26.55
O3 CPL E . 37.32 18.19 -24.74
O11 CPL E . 35.63 16.89 -24.04
O31 CPL E . 37.45 15.22 -27.36
O1P CPL E . 41.73 15.82 -28.57
O2P CPL E . 41.41 17.78 -27.13
O3P CPL E . 40.76 15.49 -26.20
O4P CPL E . 43.32 16.18 -26.58
P CPL E . 41.80 16.34 -27.15
C12 CPL F . 36.72 14.94 2.52
C13 CPL F . 36.43 13.61 1.82
C14 CPL F . 34.99 13.20 2.10
C15 CPL F . 34.83 11.69 1.89
C16 CPL F . 33.35 11.38 1.72
C17 CPL F . 33.01 10.05 2.39
C18 CPL F . 33.00 10.25 3.91
C19 CPL F . 31.68 9.73 4.48
C12 CPL G . 10.98 17.72 -18.29
C13 CPL G . 10.53 17.52 -16.85
C14 CPL G . 11.28 18.49 -15.95
C15 CPL G . 12.53 17.81 -15.41
C16 CPL G . 12.42 17.62 -13.91
C17 CPL G . 13.32 18.61 -13.19
C18 CPL G . 14.17 17.88 -12.17
C19 CPL G . 15.02 18.87 -11.38
C20 CPL G . 14.11 19.77 -10.55
C21 CPL G . 14.51 19.73 -9.07
C22 CPL G . 14.05 21.03 -8.43
C23 CPL G . 13.67 20.79 -6.97
C24 CPL G . 12.17 20.47 -6.87
C12 CPL H . 15.34 15.52 -6.13
C13 CPL H . 16.04 16.37 -7.18
C14 CPL H . 17.38 15.75 -7.54
C15 CPL H . 18.50 16.62 -6.98
C16 CPL H . 19.56 15.74 -6.34
C17 CPL H . 20.67 16.60 -5.75
C18 CPL H . 21.93 15.76 -5.64
C19 CPL H . 21.78 14.73 -4.53
C20 CPL H . 22.53 13.45 -4.92
C21 CPL H . 23.61 13.14 -3.89
C22 CPL H . 23.97 11.66 -3.97
C23 CPL H . 22.80 10.82 -3.47
C1 CPL I . 37.41 9.45 -28.24
C2 CPL I . 36.19 9.94 -27.46
C3 CPL I . 36.65 10.88 -26.35
C11 CPL I . 35.41 12.69 -25.52
C12 CPL I . 34.04 13.35 -25.71
C13 CPL I . 33.66 14.07 -24.42
C14 CPL I . 32.33 13.54 -23.93
C15 CPL I . 32.09 14.05 -22.51
C16 CPL I . 31.20 13.08 -21.77
C17 CPL I . 31.08 13.54 -20.32
C18 CPL I . 29.77 14.30 -20.17
C19 CPL I . 29.55 14.70 -18.71
C20 CPL I . 28.70 15.96 -18.70
C21 CPL I . 27.41 15.71 -17.92
C22 CPL I . 26.31 15.26 -18.87
C23 CPL I . 25.00 15.16 -18.08
C24 CPL I . 24.14 14.11 -18.74
C25 CPL I . 23.18 13.51 -17.72
C26 CPL I . 22.87 12.08 -18.11
C31 CPL I . 34.13 10.02 -28.60
C32 CPL I . 32.85 10.85 -28.55
C33 CPL I . 31.70 10.07 -29.18
C34 CPL I . 30.57 9.84 -28.19
C35 CPL I . 30.09 11.15 -27.56
C36 CPL I . 29.00 10.86 -26.55
C37 CPL I . 28.72 12.12 -25.74
C38 CPL I . 27.60 11.85 -24.75
O2 CPL I . 35.35 10.65 -28.33
O3 CPL I . 35.55 11.31 -25.61
O11 CPL I . 36.35 13.38 -25.30
O31 CPL I . 34.10 8.87 -28.88
O1P CPL I . 40.08 7.66 -28.31
O2P CPL I . 38.71 7.77 -30.35
O3P CPL I . 37.55 8.07 -28.07
O4P CPL I . 38.53 5.68 -28.85
P CPL I . 38.74 7.31 -28.92
C1 CPL J . 42.65 9.86 4.56
C2 CPL J . 41.39 9.97 5.42
C3 CPL J . 41.36 8.84 6.46
C4 CPL J . 45.15 11.83 0.77
C5 CPL J . 45.18 12.62 -0.55
C11 CPL J . 39.81 7.62 7.79
C12 CPL J . 38.44 7.56 8.48
C13 CPL J . 37.69 6.31 8.04
C14 CPL J . 36.30 6.26 8.69
C31 CPL J . 40.28 12.04 5.81
C32 CPL J . 38.84 11.53 5.81
C33 CPL J . 37.95 12.48 6.59
C34 CPL J . 36.51 11.97 6.60
O2 CPL J . 41.37 11.20 6.07
O3 CPL J . 40.03 8.54 6.76
O11 CPL J . 40.67 6.89 8.14
O31 CPL J . 40.48 13.19 5.59
O1P CPL J . 44.43 9.59 2.19
O2P CPL J . 42.23 10.01 1.21
O3P CPL J . 42.69 10.89 3.60
O4P CPL J . 43.90 11.94 1.37
P CPL J . 43.30 10.58 2.09
C1 CPL K . 30.49 1.96 -31.67
C2 CPL K . 29.51 2.93 -31.02
C3 CPL K . 30.25 3.84 -30.03
C4 CPL K . 30.96 -1.77 -34.91
C5 CPL K . 30.37 -2.97 -35.64
C11 CPL K . 29.81 5.14 -28.07
C12 CPL K . 28.82 5.93 -27.22
C13 CPL K . 28.81 5.41 -25.79
C14 CPL K . 27.78 6.17 -24.96
C31 CPL K . 27.52 3.68 -32.11
C32 CPL K . 26.61 3.74 -30.88
C33 CPL K . 25.46 4.70 -31.14
C34 CPL K . 24.55 4.76 -29.90
O2 CPL K . 28.91 3.74 -32.00
O3 CPL K . 29.35 4.22 -29.01
O11 CPL K . 30.97 5.32 -27.93
O31 CPL K . 27.02 3.58 -33.17
O1P CPL K . 31.78 -0.56 -32.57
O2P CPL K . 29.60 -1.29 -31.75
O3P CPL K . 29.83 1.13 -32.60
O4P CPL K . 29.94 -1.05 -34.27
P CPL K . 30.29 -0.44 -32.77
C1 CPL L . 20.92 -26.34 -37.12
C2 CPL L . 19.52 -26.40 -36.52
C3 CPL L . 18.74 -25.16 -36.95
C4 CPL L . 24.29 -27.76 -38.15
C5 CPL L . 25.07 -29.04 -37.82
C6 CPL L . 26.85 -27.89 -36.72
C7 CPL L . 27.11 -30.14 -37.41
C8 CPL L . 27.04 -28.42 -39.02
C11 CPL L . 16.50 -25.03 -36.27
C12 CPL L . 15.05 -24.79 -36.67
C13 CPL L . 14.17 -24.89 -35.42
C14 CPL L . 12.79 -24.33 -35.75
C15 CPL L . 12.06 -25.29 -36.69
C16 CPL L . 10.89 -24.56 -37.35
C17 CPL L . 9.68 -24.59 -36.42
C18 CPL L . 8.42 -24.31 -37.23
C19 CPL L . 7.22 -24.27 -36.29
C20 CPL L . 6.91 -22.83 -35.88
C21 CPL L . 6.54 -22.80 -34.40
C22 CPL L . 5.21 -22.06 -34.24
C23 CPL L . 4.53 -22.53 -32.96
C24 CPL L . 3.09 -22.01 -32.93
C31 CPL L . 18.31 -28.38 -36.02
C32 CPL L . 17.04 -29.16 -36.36
C33 CPL L . 16.45 -29.80 -35.11
C34 CPL L . 14.93 -29.62 -35.13
C35 CPL L . 14.44 -29.42 -33.69
C36 CPL L . 13.17 -28.58 -33.71
N CPL L . 26.50 -28.85 -37.74
O2 CPL L . 18.88 -27.55 -36.99
O3 CPL L . 17.42 -25.50 -37.20
O11 CPL L . 16.84 -24.83 -35.15
O31 CPL L . 18.79 -28.47 -34.94
O1P CPL L . 21.82 -29.97 -37.90
O2P CPL L . 20.68 -28.28 -39.27
O3P CPL L . 21.55 -27.57 -36.97
O4P CPL L . 23.22 -28.10 -38.99
P CPL L . 21.80 -28.51 -38.29
C12 CPL M . 22.54 1.10 -32.75
C13 CPL M . 22.92 0.28 -31.52
C14 CPL M . 21.99 0.63 -30.36
C15 CPL M . 22.65 0.26 -29.04
C16 CPL M . 21.57 0.18 -27.96
C17 CPL M . 22.12 0.71 -26.64
C18 CPL M . 22.22 2.23 -26.72
C19 CPL M . 21.50 2.85 -25.52
C12 CPL N . -3.16 -16.88 -21.78
C13 CPL N . -3.21 -15.44 -21.29
C14 CPL N . -3.00 -14.49 -22.47
C15 CPL N . -1.51 -14.16 -22.58
C16 CPL N . -1.29 -12.69 -22.27
C17 CPL N . -0.99 -11.95 -23.56
C18 CPL N . 0.26 -11.09 -23.37
C19 CPL N . 0.52 -10.26 -24.63
C20 CPL N . -0.60 -9.26 -24.82
C21 CPL N . -0.06 -7.84 -24.94
C22 CPL N . -1.06 -6.99 -25.72
C23 CPL N . -1.03 -5.55 -25.23
C24 CPL N . -2.06 -5.36 -24.13
C12 CPL O . 3.35 -5.50 -21.77
C13 CPL O . 3.32 -6.51 -22.91
C14 CPL O . 4.72 -7.06 -23.16
C15 CPL O . 5.24 -6.48 -24.48
C16 CPL O . 6.70 -6.05 -24.30
C17 CPL O . 7.21 -5.47 -25.60
C18 CPL O . 8.73 -5.57 -25.61
C19 CPL O . 9.32 -4.60 -24.60
C20 CPL O . 10.59 -5.20 -23.99
C21 CPL O . 11.78 -4.30 -24.28
C22 CPL O . 12.89 -4.59 -23.26
C23 CPL O . 12.45 -4.10 -21.89
C1 CPL P . 21.78 -30.04 -30.19
C2 CPL P . 20.62 -29.10 -29.88
C3 CPL P . 20.64 -27.93 -30.86
C11 CPL P . 18.74 -26.78 -31.63
C12 CPL P . 17.24 -26.76 -31.42
C13 CPL P . 16.71 -25.37 -31.73
C14 CPL P . 15.96 -24.83 -30.53
C15 CPL P . 15.68 -23.35 -30.74
C16 CPL P . 15.58 -22.65 -29.39
C17 CPL P . 15.43 -21.17 -29.64
C18 CPL P . 13.96 -20.80 -29.54
C19 CPL P . 13.76 -19.29 -29.67
C20 CPL P . 12.38 -19.04 -30.23
C21 CPL P . 11.56 -18.19 -29.26
C22 CPL P . 10.76 -19.09 -28.33
C23 CPL P . 9.86 -18.22 -27.47
C24 CPL P . 9.61 -18.92 -26.15
C25 CPL P . 9.29 -17.89 -25.08
C26 CPL P . 9.77 -18.43 -23.73
C31 CPL P . 18.71 -30.04 -28.86
C32 CPL P . 17.22 -29.78 -28.82
C33 CPL P . 16.61 -30.39 -27.57
C34 CPL P . 15.93 -29.33 -26.70
C35 CPL P . 14.90 -28.53 -27.48
C36 CPL P . 14.31 -27.46 -26.58
C37 CPL P . 13.51 -26.49 -27.43
C38 CPL P . 12.86 -25.44 -26.53
O2 CPL P . 19.42 -29.81 -30.05
O3 CPL P . 19.60 -27.04 -30.56
O11 CPL P . 19.18 -26.56 -32.70
O31 CPL P . 19.27 -30.45 -27.91
O1P CPL P . 24.96 -30.56 -30.20
O2P CPL P . 23.48 -32.45 -29.64
O3P CPL P . 22.67 -30.05 -29.12
O4P CPL P . 24.69 -31.20 -27.73
P CPL P . 23.96 -31.09 -29.20
C1 CPL Q . 19.69 -33.73 -20.31
C2 CPL Q . 18.44 -32.88 -20.54
C3 CPL Q . 18.69 -31.86 -21.65
C4 CPL Q . 21.66 -37.43 -17.65
C5 CPL Q . 21.73 -38.25 -16.37
C11 CPL Q . 17.90 -29.72 -22.38
C12 CPL Q . 16.77 -28.70 -22.44
C13 CPL Q . 17.24 -27.35 -21.92
C14 CPL Q . 16.09 -26.35 -21.94
C31 CPL Q . 16.24 -33.69 -20.09
C32 CPL Q . 15.63 -32.39 -19.57
C33 CPL Q . 14.12 -32.42 -19.74
C34 CPL Q . 13.51 -31.13 -19.23
O2 CPL Q . 17.37 -33.71 -20.92
O3 CPL Q . 17.89 -30.73 -21.41
O11 CPL Q . 18.78 -29.67 -23.17
O31 CPL Q . 15.73 -34.72 -19.80
O1P CPL Q . 22.01 -35.04 -18.98
O2P CPL Q . 20.73 -34.13 -17.12
O3P CPL Q . 19.46 -34.70 -19.30
O4P CPL Q . 20.52 -36.62 -17.65
P CPL Q . 20.69 -35.10 -18.26
C1 CPL R . 26.46 -41.72 8.18
C2 CPL R . 25.43 -41.01 9.05
C3 CPL R . 24.05 -41.21 8.43
C4 CPL R . 29.88 -43.21 7.43
C5 CPL R . 31.26 -43.11 8.08
C6 CPL R . 32.27 -42.02 6.18
C7 CPL R . 33.60 -43.01 7.87
C8 CPL R . 32.39 -44.39 6.40
C11 CPL R . 22.21 -40.32 9.61
C12 CPL R . 20.83 -40.56 10.21
C13 CPL R . 20.33 -39.27 10.84
C14 CPL R . 18.84 -39.40 11.13
C15 CPL R . 18.62 -40.39 12.27
C16 CPL R . 17.17 -40.85 12.29
C17 CPL R . 16.31 -39.83 13.04
C18 CPL R . 15.01 -40.50 13.47
C19 CPL R . 14.13 -39.45 14.15
C20 CPL R . 13.16 -38.84 13.16
C21 CPL R . 13.03 -37.34 13.41
C22 CPL R . 11.56 -36.98 13.55
C23 CPL R . 11.42 -35.71 14.39
C24 CPL R . 9.96 -35.50 14.76
C31 CPL R . 25.56 -40.65 11.39
C32 CPL R . 24.91 -40.97 12.73
C33 CPL R . 24.94 -39.76 13.65
C34 CPL R . 23.59 -39.63 14.36
C35 CPL R . 23.28 -38.15 14.55
C36 CPL R . 21.77 -37.94 14.55
N CPL R . 32.36 -43.12 7.12
O2 CPL R . 25.46 -41.56 10.33
O3 CPL R . 23.10 -41.39 9.44
O11 CPL R . 22.54 -39.23 9.32
O31 CPL R . 26.18 -39.65 11.26
O1P CPL R . 29.08 -43.01 10.65
O2P CPL R . 27.02 -44.06 9.81
O3P CPL R . 27.68 -41.76 8.87
O4P CPL R . 29.05 -43.98 8.26
P CPL R . 28.20 -43.21 9.45
C12 CPL S . 13.41 -34.19 -15.21
C13 CPL S . 14.34 -33.11 -14.69
C14 CPL S . 13.56 -31.84 -14.39
C15 CPL S . 14.49 -30.64 -14.38
C16 CPL S . 13.78 -29.49 -13.66
C17 CPL S . 14.13 -28.17 -14.33
C18 CPL S . 13.38 -28.06 -15.65
C19 CPL S . 12.61 -26.74 -15.70
C12 CPL T . 3.56 -23.31 14.59
C13 CPL T . 2.80 -22.64 13.45
C14 CPL T . 2.29 -23.71 12.49
C15 CPL T . 3.32 -23.90 11.38
C16 CPL T . 2.74 -23.44 10.05
C17 CPL T . 2.40 -24.65 9.19
C18 CPL T . 2.98 -24.47 7.81
C19 CPL T . 2.58 -25.63 6.91
C20 CPL T . 1.08 -25.60 6.69
C21 CPL T . 0.74 -25.59 5.20
C22 CPL T . -0.67 -26.18 5.02
C23 CPL T . -1.35 -25.52 3.83
C24 CPL T . -2.17 -24.32 4.31
C12 CPL U . 2.72 -22.47 1.54
C13 CPL U . 3.08 -23.72 2.33
C14 CPL U . 4.49 -24.16 1.98
C15 CPL U . 4.43 -25.44 1.15
C16 CPL U . 5.42 -25.34 -0.01
C17 CPL U . 5.34 -26.59 -0.86
C18 CPL U . 6.66 -26.74 -1.61
C19 CPL U . 6.75 -25.69 -2.70
C20 CPL U . 8.21 -25.26 -2.88
C21 CPL U . 8.67 -25.53 -4.30
C22 CPL U . 9.89 -24.66 -4.61
C23 CPL U . 9.45 -23.21 -4.70
C1 CPL V . 30.17 -35.39 11.13
C2 CPL V . 28.73 -34.87 11.03
C3 CPL V . 27.98 -35.70 9.99
C11 CPL V . 25.67 -36.16 10.06
C12 CPL V . 24.44 -35.82 10.90
C13 CPL V . 23.20 -35.91 10.02
C14 CPL V . 22.47 -34.59 10.06
C15 CPL V . 21.40 -34.59 8.97
C16 CPL V . 21.12 -33.17 8.53
C17 CPL V . 20.14 -33.22 7.36
C18 CPL V . 18.75 -32.93 7.89
C19 CPL V . 17.74 -32.87 6.73
C20 CPL V . 16.38 -33.27 7.27
C21 CPL V . 15.38 -32.14 7.08
C22 CPL V . 15.34 -31.26 8.32
C23 CPL V . 14.24 -30.23 8.14
C24 CPL V . 14.61 -28.98 8.92
C25 CPL V . 13.92 -27.77 8.31
C26 CPL V . 14.81 -26.54 8.56
C31 CPL V . 27.82 -33.82 12.92
C32 CPL V . 26.44 -33.61 13.54
C33 CPL V . 26.45 -32.40 14.47
C34 CPL V . 25.44 -31.35 14.00
C35 CPL V . 24.04 -31.94 13.86
C36 CPL V . 23.09 -30.86 13.36
C37 CPL V . 21.77 -31.51 12.96
C38 CPL V . 20.80 -30.44 12.50
O2 CPL V . 28.11 -35.02 12.27
O3 CPL V . 26.68 -35.20 9.85
O11 CPL V . 25.77 -37.23 9.58
O31 CPL V . 28.64 -32.96 12.99
O1P CPL V . 33.07 -35.74 9.80
O2P CPL V . 32.95 -35.29 12.22
O3P CPL V . 31.06 -34.40 10.71
O4P CPL V . 33.54 -33.35 10.60
P CPL V . 32.67 -34.73 10.85
C1 CPL W . 31.84 -25.88 15.89
C2 CPL W . 30.31 -25.90 15.87
C3 CPL W . 29.81 -26.90 14.82
C4 CPL W . 35.86 -23.88 17.99
C5 CPL W . 36.55 -22.72 18.70
C11 CPL W . 27.88 -27.30 13.46
C12 CPL W . 26.38 -27.12 13.24
C13 CPL W . 26.11 -26.50 11.89
C14 CPL W . 24.61 -26.28 11.69
C31 CPL W . 29.00 -25.37 17.79
C32 CPL W . 27.85 -24.64 17.09
C33 CPL W . 26.60 -24.68 17.95
C34 CPL W . 25.46 -23.96 17.23
O2 CPL W . 29.82 -26.29 17.13
O3 CPL W . 28.56 -26.45 14.35
O11 CPL W . 28.47 -28.14 12.88
O31 CPL W . 29.18 -25.16 18.94
O1P CPL W . 34.66 -24.94 15.75
O2P CPL W . 33.36 -22.88 15.80
O3P CPL W . 32.32 -25.00 16.87
O4P CPL W . 34.47 -23.69 17.96
P CPL W . 33.70 -24.13 16.57
C1 CPL X . 45.79 0.76 20.25
C2 CPL X . 44.67 1.79 20.28
C3 CPL X . 43.56 1.27 21.19
C4 CPL X . 49.32 -0.46 19.53
C5 CPL X . 50.50 0.08 18.71
C6 CPL X . 50.47 -1.74 17.15
C7 CPL X . 52.35 -0.32 17.32
C8 CPL X . 51.90 -1.83 19.05
C11 CPL X . 41.73 2.72 21.54
C12 CPL X . 40.79 3.38 22.54
C13 CPL X . 39.76 4.21 21.79
C14 CPL X . 38.65 4.61 22.74
C15 CPL X . 39.17 5.64 23.74
C16 CPL X . 38.23 5.73 24.94
C17 CPL X . 37.06 6.66 24.61
C18 CPL X . 36.41 7.12 25.91
C19 CPL X . 35.21 8.00 25.57
C20 CPL X . 33.93 7.17 25.56
C21 CPL X . 33.04 7.62 24.41
C22 CPL X . 31.65 7.93 24.93
C23 CPL X . 30.96 8.92 24.00
C24 CPL X . 29.69 9.43 24.66
C31 CPL X . 44.92 4.14 20.03
C32 CPL X . 44.73 5.48 20.74
C33 CPL X . 44.23 6.54 19.77
C34 CPL X . 43.13 7.36 20.45
C35 CPL X . 42.09 7.76 19.41
C36 CPL X . 40.73 7.93 20.08
N CPL X . 51.29 -0.97 18.06
O2 CPL X . 45.18 3.00 20.79
O3 CPL X . 43.02 2.33 21.92
O11 CPL X . 41.35 2.52 20.43
O31 CPL X . 44.85 4.07 18.86
O1P CPL X . 49.00 2.82 19.99
O2P CPL X . 47.77 2.04 21.96
O3P CPL X . 46.92 1.34 19.65
O4P CPL X . 49.18 0.34 20.68
P CPL X . 48.23 1.67 20.58
C12 CPL Y . 27.64 -20.34 20.04
C13 CPL Y . 27.90 -19.76 18.65
C14 CPL Y . 26.59 -19.25 18.05
C15 CPL Y . 26.71 -19.18 16.53
C16 CPL Y . 25.61 -18.26 16.00
C17 CPL Y . 25.07 -18.79 14.69
C18 CPL Y . 24.20 -20.03 14.95
C19 CPL Y . 22.84 -19.83 14.29
C12 CPL Z . 17.71 11.31 18.13
C13 CPL Z . 16.55 10.33 17.94
C14 CPL Z . 16.58 9.28 19.05
C15 CPL Z . 17.39 8.07 18.58
C16 CPL Z . 16.47 6.86 18.45
C17 CPL Z . 16.74 5.91 19.60
C18 CPL Z . 16.92 4.50 19.04
C19 CPL Z . 17.10 3.50 20.18
C20 CPL Z . 15.81 3.42 20.99
C21 CPL Z . 15.32 1.98 21.09
C22 CPL Z . 14.46 1.85 22.34
C23 CPL Z . 13.36 0.82 22.13
C24 CPL Z . 12.11 1.50 21.61
C12 CPL AA . 14.74 -1.43 17.20
C13 CPL AA . 15.83 -0.82 18.08
C14 CPL AA . 17.19 -1.35 17.63
C15 CPL AA . 17.73 -2.32 18.68
C16 CPL AA . 18.32 -3.53 17.98
C17 CPL AA . 18.83 -4.52 19.02
C18 CPL AA . 19.89 -5.40 18.37
C19 CPL AA . 19.24 -6.35 17.38
C20 CPL AA . 20.18 -6.60 16.21
C21 CPL AA . 20.52 -8.08 16.10
C22 CPL AA . 21.00 -8.39 14.69
C23 CPL AA . 19.83 -8.27 13.72
C1 CPL BA . 45.80 4.13 13.10
C2 CPL BA . 44.32 4.21 13.46
C3 CPL BA . 43.99 3.16 14.51
C11 CPL BA . 42.36 3.37 16.18
C12 CPL BA . 41.27 4.34 16.63
C13 CPL BA . 40.18 3.57 17.36
C14 CPL BA . 38.84 3.83 16.67
C15 CPL BA . 37.83 2.85 17.22
C16 CPL BA . 36.75 2.60 16.17
C17 CPL BA . 35.81 1.52 16.68
C18 CPL BA . 34.57 2.20 17.26
C19 CPL BA . 33.56 1.15 17.70
C20 CPL BA . 32.73 1.76 18.82
C21 CPL BA . 31.26 1.78 18.44
C22 CPL BA . 30.91 3.12 17.80
C23 CPL BA . 29.41 3.18 17.56
C24 CPL BA . 29.14 4.06 16.36
C25 CPL BA . 27.83 3.66 15.70
C26 CPL BA . 27.92 3.99 14.21
C31 CPL BA . 43.25 6.30 13.20
C32 CPL BA . 42.08 7.05 13.84
C33 CPL BA . 41.56 8.12 12.88
C34 CPL BA . 40.08 7.87 12.54
C35 CPL BA . 39.23 7.78 13.80
C36 CPL BA . 37.79 7.50 13.41
C37 CPL BA . 37.00 7.14 14.67
C38 CPL BA . 35.54 6.88 14.30
O2 CPL BA . 44.05 5.48 14.00
O3 CPL BA . 42.64 3.20 14.82
O11 CPL BA . 42.96 2.75 16.99
O31 CPL BA . 43.47 6.40 12.04
O1P CPL BA . 48.20 2.52 11.70
O2P CPL BA . 48.20 4.98 11.51
O3P CPL BA . 45.94 3.76 11.76
O4P CPL BA . 47.39 3.57 9.50
P CPL BA . 47.46 3.71 11.13
#